data_3IU6
# 
_entry.id   3IU6 
# 
_audit_conform.dict_name       mmcif_pdbx.dic 
_audit_conform.dict_version    5.381 
_audit_conform.dict_location   http://mmcif.pdb.org/dictionaries/ascii/mmcif_pdbx.dic 
# 
loop_
_database_2.database_id 
_database_2.database_code 
_database_2.pdbx_database_accession 
_database_2.pdbx_DOI 
PDB   3IU6         pdb_00003iu6 10.2210/pdb3iu6/pdb 
RCSB  RCSB054868   ?            ?                   
WWPDB D_1000054868 ?            ?                   
# 
_pdbx_database_status.entry_id                        3IU6 
_pdbx_database_status.deposit_site                    RCSB 
_pdbx_database_status.process_site                    RCSB 
_pdbx_database_status.recvd_initial_deposition_date   2009-08-30 
_pdbx_database_status.status_code                     REL 
_pdbx_database_status.status_code_sf                  REL 
_pdbx_database_status.status_code_mr                  ? 
_pdbx_database_status.SG_entry                        Y 
_pdbx_database_status.status_code_cs                  ? 
_pdbx_database_status.pdb_format_compatible           Y 
_pdbx_database_status.status_code_nmr_data            ? 
_pdbx_database_status.methods_development_category    ? 
# 
loop_
_audit_author.name 
_audit_author.pdbx_ordinal 
'Filippakopoulos, P.'                  1  
'Keates, T.'                           2  
'Picaud, S.'                           3  
'Pike, A.C.W.'                         4  
'Ugochukwu, E.'                        5  
'von Delft, F.'                        6  
'Arrowsmith, C.H.'                     7  
'Edwards, A.M.'                        8  
'Weigelt, J.'                          9  
'Bountra, C.'                          10 
'Knapp, S.'                            11 
'Structural Genomics Consortium (SGC)' 12 
# 
_citation.id                        primary 
_citation.title                     'Histone recognition and large-scale structural analysis of the human bromodomain family.' 
_citation.journal_abbrev            'Cell(Cambridge,Mass.)' 
_citation.journal_volume            149 
_citation.page_first                214 
_citation.page_last                 231 
_citation.year                      2012 
_citation.journal_id_ASTM           CELLB5 
_citation.country                   US 
_citation.journal_id_ISSN           0092-8674 
_citation.journal_id_CSD            0998 
_citation.book_publisher            ? 
_citation.pdbx_database_id_PubMed   22464331 
_citation.pdbx_database_id_DOI      10.1016/j.cell.2012.02.013 
# 
loop_
_citation_author.citation_id 
_citation_author.name 
_citation_author.ordinal 
_citation_author.identifier_ORCID 
primary 'Filippakopoulos, P.' 1  ? 
primary 'Picaud, S.'          2  ? 
primary 'Mangos, M.'          3  ? 
primary 'Keates, T.'          4  ? 
primary 'Lambert, J.P.'       5  ? 
primary 'Barsyte-Lovejoy, D.' 6  ? 
primary 'Felletar, I.'        7  ? 
primary 'Volkmer, R.'         8  ? 
primary 'Muller, S.'          9  ? 
primary 'Pawson, T.'          10 ? 
primary 'Gingras, A.C.'       11 ? 
primary 'Arrowsmith, C.H.'    12 ? 
primary 'Knapp, S.'           13 ? 
# 
_cell.length_a           66.400 
_cell.length_b           66.400 
_cell.length_c           85.430 
_cell.angle_alpha        90.000 
_cell.angle_beta         90.000 
_cell.angle_gamma        120.000 
_cell.entry_id           3IU6 
_cell.pdbx_unique_axis   ? 
_cell.Z_PDB              6 
_cell.length_a_esd       ? 
_cell.length_b_esd       ? 
_cell.length_c_esd       ? 
_cell.angle_alpha_esd    ? 
_cell.angle_beta_esd     ? 
_cell.angle_gamma_esd    ? 
# 
_symmetry.space_group_name_H-M             'P 32 2 1' 
_symmetry.entry_id                         3IU6 
_symmetry.Int_Tables_number                154 
_symmetry.pdbx_full_space_group_name_H-M   ? 
_symmetry.cell_setting                     ? 
_symmetry.space_group_name_Hall            ? 
# 
loop_
_entity.id 
_entity.type 
_entity.src_method 
_entity.pdbx_description 
_entity.formula_weight 
_entity.pdbx_number_of_molecules 
_entity.pdbx_ec 
_entity.pdbx_mutation 
_entity.pdbx_fragment 
_entity.details 
1 polymer     man 'Protein polybromo-1' 17520.754 1   ? ? 'Bromo 6 domain: UNP residues 773-914' ? 
2 non-polymer syn 1,2-ETHANEDIOL        62.068    3   ? ? ?                                      ? 
3 non-polymer syn 'ZINC ION'            65.409    1   ? ? ?                                      ? 
4 water       nat water                 18.015    172 ? ? ?                                      ? 
# 
_entity_name_com.entity_id   1 
_entity_name_com.name        'hPB1, Polybromo-1D, BRG1-associated factor 180, BAF180' 
# 
_entity_poly.entity_id                      1 
_entity_poly.type                           'polypeptide(L)' 
_entity_poly.nstd_linkage                   no 
_entity_poly.nstd_monomer                   yes 
_entity_poly.pdbx_seq_one_letter_code       
;SMNVTLLIQELIHNLFVSVMSHQDDEGR(OCS)YSDSLAEIPAVDPNFPNKPPLTFDIIRKNVENNRYRRLDLFQEHMFE
VLERARRMNRTDSEIYEDAVELQQFFIKIRDELCKNGEILLSPALSYTTKHLHNDVEKERKEKLPKEIEED
;
_entity_poly.pdbx_seq_one_letter_code_can   
;SMNVTLLIQELIHNLFVSVMSHQDDEGRCYSDSLAEIPAVDPNFPNKPPLTFDIIRKNVENNRYRRLDLFQEHMFEVLER
ARRMNRTDSEIYEDAVELQQFFIKIRDELCKNGEILLSPALSYTTKHLHNDVEKERKEKLPKEIEED
;
_entity_poly.pdbx_strand_id                 A 
_entity_poly.pdbx_target_identifier         ? 
# 
loop_
_entity_poly_seq.entity_id 
_entity_poly_seq.num 
_entity_poly_seq.mon_id 
_entity_poly_seq.hetero 
1 1   SER n 
1 2   MET n 
1 3   ASN n 
1 4   VAL n 
1 5   THR n 
1 6   LEU n 
1 7   LEU n 
1 8   ILE n 
1 9   GLN n 
1 10  GLU n 
1 11  LEU n 
1 12  ILE n 
1 13  HIS n 
1 14  ASN n 
1 15  LEU n 
1 16  PHE n 
1 17  VAL n 
1 18  SER n 
1 19  VAL n 
1 20  MET n 
1 21  SER n 
1 22  HIS n 
1 23  GLN n 
1 24  ASP n 
1 25  ASP n 
1 26  GLU n 
1 27  GLY n 
1 28  ARG n 
1 29  OCS n 
1 30  TYR n 
1 31  SER n 
1 32  ASP n 
1 33  SER n 
1 34  LEU n 
1 35  ALA n 
1 36  GLU n 
1 37  ILE n 
1 38  PRO n 
1 39  ALA n 
1 40  VAL n 
1 41  ASP n 
1 42  PRO n 
1 43  ASN n 
1 44  PHE n 
1 45  PRO n 
1 46  ASN n 
1 47  LYS n 
1 48  PRO n 
1 49  PRO n 
1 50  LEU n 
1 51  THR n 
1 52  PHE n 
1 53  ASP n 
1 54  ILE n 
1 55  ILE n 
1 56  ARG n 
1 57  LYS n 
1 58  ASN n 
1 59  VAL n 
1 60  GLU n 
1 61  ASN n 
1 62  ASN n 
1 63  ARG n 
1 64  TYR n 
1 65  ARG n 
1 66  ARG n 
1 67  LEU n 
1 68  ASP n 
1 69  LEU n 
1 70  PHE n 
1 71  GLN n 
1 72  GLU n 
1 73  HIS n 
1 74  MET n 
1 75  PHE n 
1 76  GLU n 
1 77  VAL n 
1 78  LEU n 
1 79  GLU n 
1 80  ARG n 
1 81  ALA n 
1 82  ARG n 
1 83  ARG n 
1 84  MET n 
1 85  ASN n 
1 86  ARG n 
1 87  THR n 
1 88  ASP n 
1 89  SER n 
1 90  GLU n 
1 91  ILE n 
1 92  TYR n 
1 93  GLU n 
1 94  ASP n 
1 95  ALA n 
1 96  VAL n 
1 97  GLU n 
1 98  LEU n 
1 99  GLN n 
1 100 GLN n 
1 101 PHE n 
1 102 PHE n 
1 103 ILE n 
1 104 LYS n 
1 105 ILE n 
1 106 ARG n 
1 107 ASP n 
1 108 GLU n 
1 109 LEU n 
1 110 CYS n 
1 111 LYS n 
1 112 ASN n 
1 113 GLY n 
1 114 GLU n 
1 115 ILE n 
1 116 LEU n 
1 117 LEU n 
1 118 SER n 
1 119 PRO n 
1 120 ALA n 
1 121 LEU n 
1 122 SER n 
1 123 TYR n 
1 124 THR n 
1 125 THR n 
1 126 LYS n 
1 127 HIS n 
1 128 LEU n 
1 129 HIS n 
1 130 ASN n 
1 131 ASP n 
1 132 VAL n 
1 133 GLU n 
1 134 LYS n 
1 135 GLU n 
1 136 ARG n 
1 137 LYS n 
1 138 GLU n 
1 139 LYS n 
1 140 LEU n 
1 141 PRO n 
1 142 LYS n 
1 143 GLU n 
1 144 ILE n 
1 145 GLU n 
1 146 GLU n 
1 147 ASP n 
# 
_entity_src_gen.entity_id                          1 
_entity_src_gen.pdbx_src_id                        1 
_entity_src_gen.pdbx_alt_source_flag               sample 
_entity_src_gen.pdbx_seq_type                      ? 
_entity_src_gen.pdbx_beg_seq_num                   ? 
_entity_src_gen.pdbx_end_seq_num                   ? 
_entity_src_gen.gene_src_common_name               human 
_entity_src_gen.gene_src_genus                     ? 
_entity_src_gen.pdbx_gene_src_gene                 'PB1, PBRM1' 
_entity_src_gen.gene_src_species                   ? 
_entity_src_gen.gene_src_strain                    ? 
_entity_src_gen.gene_src_tissue                    ? 
_entity_src_gen.gene_src_tissue_fraction           ? 
_entity_src_gen.gene_src_details                   ? 
_entity_src_gen.pdbx_gene_src_fragment             ? 
_entity_src_gen.pdbx_gene_src_scientific_name      'Homo sapiens' 
_entity_src_gen.pdbx_gene_src_ncbi_taxonomy_id     9606 
_entity_src_gen.pdbx_gene_src_variant              ? 
_entity_src_gen.pdbx_gene_src_cell_line            ? 
_entity_src_gen.pdbx_gene_src_atcc                 ? 
_entity_src_gen.pdbx_gene_src_organ                ? 
_entity_src_gen.pdbx_gene_src_organelle            ? 
_entity_src_gen.pdbx_gene_src_cell                 ? 
_entity_src_gen.pdbx_gene_src_cellular_location    ? 
_entity_src_gen.host_org_common_name               ? 
_entity_src_gen.pdbx_host_org_scientific_name      'Escherichia coli' 
_entity_src_gen.pdbx_host_org_ncbi_taxonomy_id     562 
_entity_src_gen.host_org_genus                     ? 
_entity_src_gen.pdbx_host_org_gene                 ? 
_entity_src_gen.pdbx_host_org_organ                ? 
_entity_src_gen.host_org_species                   ? 
_entity_src_gen.pdbx_host_org_tissue               ? 
_entity_src_gen.pdbx_host_org_tissue_fraction      ? 
_entity_src_gen.pdbx_host_org_strain               'BL21(DE3)-R3' 
_entity_src_gen.pdbx_host_org_variant              ? 
_entity_src_gen.pdbx_host_org_cell_line            ? 
_entity_src_gen.pdbx_host_org_atcc                 ? 
_entity_src_gen.pdbx_host_org_culture_collection   ? 
_entity_src_gen.pdbx_host_org_cell                 ? 
_entity_src_gen.pdbx_host_org_organelle            ? 
_entity_src_gen.pdbx_host_org_cellular_location    ? 
_entity_src_gen.pdbx_host_org_vector_type          Plasmid 
_entity_src_gen.pdbx_host_org_vector               ? 
_entity_src_gen.host_org_details                   ? 
_entity_src_gen.expression_system_id               ? 
_entity_src_gen.plasmid_name                       pNIC28-Bsa4 
_entity_src_gen.plasmid_details                    ? 
_entity_src_gen.pdbx_description                   ? 
# 
_struct_ref.id                         1 
_struct_ref.db_name                    UNP 
_struct_ref.db_code                    PB1_HUMAN 
_struct_ref.pdbx_db_accession          Q86U86 
_struct_ref.entity_id                  1 
_struct_ref.pdbx_seq_one_letter_code   
;NVTLLIQELIHNLFVSVMSHQDDEGRCYSDSLAEIPAVDPNFPNKPPLTFDIIRKNVENNRYRRLDLFQEHMFEVLERAR
RMNRTDSEIYEDAVELQQFFIKIRDELCKNGEILLSPALSYTTKHLHNDVEKERKEKLPKEI
;
_struct_ref.pdbx_align_begin           773 
_struct_ref.pdbx_db_isoform            ? 
# 
_struct_ref_seq.align_id                      1 
_struct_ref_seq.ref_id                        1 
_struct_ref_seq.pdbx_PDB_id_code              3IU6 
_struct_ref_seq.pdbx_strand_id                A 
_struct_ref_seq.seq_align_beg                 3 
_struct_ref_seq.pdbx_seq_align_beg_ins_code   ? 
_struct_ref_seq.seq_align_end                 144 
_struct_ref_seq.pdbx_seq_align_end_ins_code   ? 
_struct_ref_seq.pdbx_db_accession             Q86U86 
_struct_ref_seq.db_align_beg                  773 
_struct_ref_seq.pdbx_db_align_beg_ins_code    ? 
_struct_ref_seq.db_align_end                  914 
_struct_ref_seq.pdbx_db_align_end_ins_code    ? 
_struct_ref_seq.pdbx_auth_seq_align_beg       741 
_struct_ref_seq.pdbx_auth_seq_align_end       882 
# 
loop_
_struct_ref_seq_dif.align_id 
_struct_ref_seq_dif.pdbx_pdb_id_code 
_struct_ref_seq_dif.mon_id 
_struct_ref_seq_dif.pdbx_pdb_strand_id 
_struct_ref_seq_dif.seq_num 
_struct_ref_seq_dif.pdbx_pdb_ins_code 
_struct_ref_seq_dif.pdbx_seq_db_name 
_struct_ref_seq_dif.pdbx_seq_db_accession_code 
_struct_ref_seq_dif.db_mon_id 
_struct_ref_seq_dif.pdbx_seq_db_seq_num 
_struct_ref_seq_dif.details 
_struct_ref_seq_dif.pdbx_auth_seq_num 
_struct_ref_seq_dif.pdbx_ordinal 
1 3IU6 SER A 1   ? UNP Q86U86 ? ? 'expression tag' 739 1 
1 3IU6 MET A 2   ? UNP Q86U86 ? ? 'expression tag' 740 2 
1 3IU6 GLU A 145 ? UNP Q86U86 ? ? 'expression tag' 883 3 
1 3IU6 GLU A 146 ? UNP Q86U86 ? ? 'expression tag' 884 4 
1 3IU6 ASP A 147 ? UNP Q86U86 ? ? 'expression tag' 885 5 
# 
loop_
_chem_comp.id 
_chem_comp.type 
_chem_comp.mon_nstd_flag 
_chem_comp.name 
_chem_comp.pdbx_synonyms 
_chem_comp.formula 
_chem_comp.formula_weight 
ALA 'L-peptide linking' y ALANINE                 ?                 'C3 H7 N O2'     89.093  
ARG 'L-peptide linking' y ARGININE                ?                 'C6 H15 N4 O2 1' 175.209 
ASN 'L-peptide linking' y ASPARAGINE              ?                 'C4 H8 N2 O3'    132.118 
ASP 'L-peptide linking' y 'ASPARTIC ACID'         ?                 'C4 H7 N O4'     133.103 
CYS 'L-peptide linking' y CYSTEINE                ?                 'C3 H7 N O2 S'   121.158 
EDO non-polymer         . 1,2-ETHANEDIOL          'ETHYLENE GLYCOL' 'C2 H6 O2'       62.068  
GLN 'L-peptide linking' y GLUTAMINE               ?                 'C5 H10 N2 O3'   146.144 
GLU 'L-peptide linking' y 'GLUTAMIC ACID'         ?                 'C5 H9 N O4'     147.129 
GLY 'peptide linking'   y GLYCINE                 ?                 'C2 H5 N O2'     75.067  
HIS 'L-peptide linking' y HISTIDINE               ?                 'C6 H10 N3 O2 1' 156.162 
HOH non-polymer         . WATER                   ?                 'H2 O'           18.015  
ILE 'L-peptide linking' y ISOLEUCINE              ?                 'C6 H13 N O2'    131.173 
LEU 'L-peptide linking' y LEUCINE                 ?                 'C6 H13 N O2'    131.173 
LYS 'L-peptide linking' y LYSINE                  ?                 'C6 H15 N2 O2 1' 147.195 
MET 'L-peptide linking' y METHIONINE              ?                 'C5 H11 N O2 S'  149.211 
OCS 'L-peptide linking' n 'CYSTEINESULFONIC ACID' ?                 'C3 H7 N O5 S'   169.156 
PHE 'L-peptide linking' y PHENYLALANINE           ?                 'C9 H11 N O2'    165.189 
PRO 'L-peptide linking' y PROLINE                 ?                 'C5 H9 N O2'     115.130 
SER 'L-peptide linking' y SERINE                  ?                 'C3 H7 N O3'     105.093 
THR 'L-peptide linking' y THREONINE               ?                 'C4 H9 N O3'     119.119 
TYR 'L-peptide linking' y TYROSINE                ?                 'C9 H11 N O3'    181.189 
VAL 'L-peptide linking' y VALINE                  ?                 'C5 H11 N O2'    117.146 
ZN  non-polymer         . 'ZINC ION'              ?                 'Zn 2'           65.409  
# 
_exptl.crystals_number   1 
_exptl.entry_id          3IU6 
_exptl.method            'X-RAY DIFFRACTION' 
# 
_exptl_crystal.id                    1 
_exptl_crystal.density_Matthews      3.10 
_exptl_crystal.density_meas          ? 
_exptl_crystal.density_percent_sol   60.36 
_exptl_crystal.description           ? 
_exptl_crystal.F_000                 ? 
_exptl_crystal.preparation           ? 
# 
_exptl_crystal_grow.crystal_id      1 
_exptl_crystal_grow.method          'VAPOR DIFFUSION, SITTING DROP' 
_exptl_crystal_grow.pH              8.0 
_exptl_crystal_grow.temp            277 
_exptl_crystal_grow.temp_details    ? 
_exptl_crystal_grow.pdbx_details    
'0.01M ZnCl2, 0.1M Tris-HCl pH 8.0, 20% PEG 6000, 10% Ethylene glycol, VAPOR DIFFUSION, SITTING DROP, temperature 277K' 
_exptl_crystal_grow.pdbx_pH_range   ? 
# 
_diffrn.id                     1 
_diffrn.ambient_temp           100 
_diffrn.ambient_temp_details   ? 
_diffrn.crystal_id             1 
# 
_diffrn_detector.diffrn_id              1 
_diffrn_detector.detector               CCD 
_diffrn_detector.type                   'ADSC QUANTUM 4' 
_diffrn_detector.pdbx_collection_date   2009-06-29 
_diffrn_detector.details                ? 
# 
_diffrn_radiation.diffrn_id                        1 
_diffrn_radiation.wavelength_id                    1 
_diffrn_radiation.pdbx_diffrn_protocol             'SINGLE WAVELENGTH' 
_diffrn_radiation.monochromator                    ? 
_diffrn_radiation.pdbx_monochromatic_or_laue_m_l   M 
_diffrn_radiation.pdbx_scattering_type             x-ray 
# 
_diffrn_radiation_wavelength.id           1 
_diffrn_radiation_wavelength.wavelength   0.9763 
_diffrn_radiation_wavelength.wt           1.0 
# 
_diffrn_source.diffrn_id                   1 
_diffrn_source.source                      SYNCHROTRON 
_diffrn_source.type                        'DIAMOND BEAMLINE I03' 
_diffrn_source.pdbx_wavelength             ? 
_diffrn_source.pdbx_wavelength_list        0.9763 
_diffrn_source.pdbx_synchrotron_site       Diamond 
_diffrn_source.pdbx_synchrotron_beamline   I03 
# 
_reflns.entry_id                     3IU6 
_reflns.d_resolution_high            1.79 
_reflns.d_resolution_low             33.20 
_reflns.number_all                   21260 
_reflns.number_obs                   21132 
_reflns.pdbx_Rsym_value              0.136 
_reflns.pdbx_redundancy              8.400 
_reflns.percent_possible_obs         99.400 
_reflns.observed_criterion_sigma_F   ? 
_reflns.observed_criterion_sigma_I   ? 
_reflns.pdbx_Rmerge_I_obs            0.136 
_reflns.pdbx_netI_over_sigmaI        11.2 
_reflns.B_iso_Wilson_estimate        19.4 
_reflns.R_free_details               ? 
_reflns.limit_h_max                  ? 
_reflns.limit_h_min                  ? 
_reflns.limit_k_max                  ? 
_reflns.limit_k_min                  ? 
_reflns.limit_l_max                  ? 
_reflns.limit_l_min                  ? 
_reflns.observed_criterion_F_max     ? 
_reflns.observed_criterion_F_min     ? 
_reflns.pdbx_chi_squared             ? 
_reflns.pdbx_scaling_rejects         ? 
_reflns.pdbx_ordinal                 1 
_reflns.pdbx_diffrn_id               1 
# 
_reflns_shell.d_res_high             1.79 
_reflns_shell.d_res_low              1.88 
_reflns_shell.percent_possible_obs   ? 
_reflns_shell.percent_possible_all   96.4 
_reflns_shell.Rmerge_I_obs           0.870 
_reflns_shell.meanI_over_sigI_obs    2.0 
_reflns_shell.pdbx_Rsym_value        0.870 
_reflns_shell.pdbx_redundancy        6.4 
_reflns_shell.number_unique_all      2932 
_reflns_shell.number_measured_all    ? 
_reflns_shell.number_measured_obs    ? 
_reflns_shell.number_unique_obs      ? 
_reflns_shell.pdbx_chi_squared       ? 
_reflns_shell.pdbx_ordinal           1 
_reflns_shell.pdbx_diffrn_id         1 
# 
_refine.entry_id                                 3IU6 
_refine.ls_d_res_high                            1.79 
_refine.ls_d_res_low                             33.20 
_refine.pdbx_ls_sigma_F                          ? 
_refine.pdbx_data_cutoff_high_absF               ? 
_refine.pdbx_data_cutoff_low_absF                ? 
_refine.ls_percent_reflns_obs                    99.770 
_refine.ls_number_reflns_obs                     20982 
_refine.ls_number_reflns_all                     21030 
_refine.pdbx_ls_cross_valid_method               THROUGHOUT 
_refine.pdbx_R_Free_selection_details            RANDOM 
_refine.details                                  
'1. HYDROGENS HAVE BEEN ADDED IN THE RIDING POSITIONS. 2. U VALUES: RESIDUAL ONLY.' 
_refine.ls_R_factor_all                          0.167 
_refine.ls_R_factor_obs                          0.167 
_refine.ls_R_factor_R_work                       0.165 
_refine.ls_wR_factor_R_work                      0.159 
_refine.ls_R_factor_R_free                       0.202 
_refine.ls_wR_factor_R_free                      0.195 
_refine.ls_percent_reflns_R_free                 5.100 
_refine.ls_number_reflns_R_free                  1074 
_refine.ls_R_factor_R_free_error                 ? 
_refine.B_iso_mean                               10.665 
_refine.solvent_model_param_bsol                 ? 
_refine.solvent_model_param_ksol                 ? 
_refine.pdbx_isotropic_thermal_model             ? 
_refine.aniso_B[1][1]                            -0.340 
_refine.aniso_B[2][2]                            -0.340 
_refine.aniso_B[3][3]                            0.510 
_refine.aniso_B[1][2]                            -0.170 
_refine.aniso_B[1][3]                            0.000 
_refine.aniso_B[2][3]                            0.000 
_refine.correlation_coeff_Fo_to_Fc               0.958 
_refine.correlation_coeff_Fo_to_Fc_free          0.944 
_refine.overall_SU_R_Cruickshank_DPI             0.094 
_refine.overall_SU_R_free                        0.098 
_refine.pdbx_overall_ESU_R                       0.094 
_refine.pdbx_overall_ESU_R_Free                  0.098 
_refine.overall_SU_ML                            0.058 
_refine.overall_SU_B                             3.958 
_refine.solvent_model_details                    MASK 
_refine.pdbx_solvent_vdw_probe_radii             1.400 
_refine.pdbx_solvent_ion_probe_radii             0.800 
_refine.pdbx_solvent_shrinkage_radii             0.800 
_refine.ls_number_parameters                     ? 
_refine.ls_number_restraints                     ? 
_refine.pdbx_starting_model                      'Ensemble of PDB entries 2NXB, 2OO1, 2OSS, 2OUO, 2RFJ, 3DAI, 3D7C, 3DWY' 
_refine.pdbx_method_to_determine_struct          'MOLECULAR REPLACEMENT' 
_refine.pdbx_stereochemistry_target_values       'MAXIMUM LIKELIHOOD' 
_refine.pdbx_stereochem_target_val_spec_case     ? 
_refine.overall_FOM_work_R_set                   0.903 
_refine.B_iso_max                                51.45 
_refine.B_iso_min                                2.00 
_refine.occupancy_max                            1.00 
_refine.occupancy_min                            0.30 
_refine.pdbx_ls_sigma_I                          ? 
_refine.ls_redundancy_reflns_obs                 ? 
_refine.ls_R_factor_R_free_error_details         ? 
_refine.pdbx_data_cutoff_high_rms_absF           ? 
_refine.overall_FOM_free_R_set                   ? 
_refine.pdbx_overall_phase_error                 ? 
_refine.pdbx_refine_id                           'X-RAY DIFFRACTION' 
_refine.pdbx_TLS_residual_ADP_flag               'LIKELY RESIDUAL' 
_refine.pdbx_diffrn_id                           1 
_refine.pdbx_overall_SU_R_free_Cruickshank_DPI   ? 
_refine.pdbx_overall_SU_R_Blow_DPI               ? 
_refine.pdbx_overall_SU_R_free_Blow_DPI          ? 
# 
_refine_hist.pdbx_refine_id                   'X-RAY DIFFRACTION' 
_refine_hist.cycle_id                         LAST 
_refine_hist.pdbx_number_atoms_protein        1185 
_refine_hist.pdbx_number_atoms_nucleic_acid   0 
_refine_hist.pdbx_number_atoms_ligand         13 
_refine_hist.number_atoms_solvent             172 
_refine_hist.number_atoms_total               1370 
_refine_hist.d_res_high                       1.79 
_refine_hist.d_res_low                        33.20 
# 
loop_
_refine_ls_restr.type 
_refine_ls_restr.number 
_refine_ls_restr.dev_ideal 
_refine_ls_restr.dev_ideal_target 
_refine_ls_restr.weight 
_refine_ls_restr.pdbx_refine_id 
_refine_ls_restr.pdbx_restraint_function 
r_bond_refined_d       1251 0.016  0.022  ? 'X-RAY DIFFRACTION' ? 
r_bond_other_d         873  0.001  0.020  ? 'X-RAY DIFFRACTION' ? 
r_angle_refined_deg    1687 1.468  1.968  ? 'X-RAY DIFFRACTION' ? 
r_angle_other_deg      2135 2.777  3.000  ? 'X-RAY DIFFRACTION' ? 
r_dihedral_angle_1_deg 144  4.514  5.000  ? 'X-RAY DIFFRACTION' ? 
r_dihedral_angle_2_deg 73   36.928 24.658 ? 'X-RAY DIFFRACTION' ? 
r_dihedral_angle_3_deg 238  12.704 15.000 ? 'X-RAY DIFFRACTION' ? 
r_dihedral_angle_4_deg 11   16.289 15.000 ? 'X-RAY DIFFRACTION' ? 
r_chiral_restr         185  0.094  0.200  ? 'X-RAY DIFFRACTION' ? 
r_gen_planes_refined   1360 0.006  0.021  ? 'X-RAY DIFFRACTION' ? 
r_gen_planes_other     243  0.001  0.020  ? 'X-RAY DIFFRACTION' ? 
r_mcbond_it            726  2.658  3.000  ? 'X-RAY DIFFRACTION' ? 
r_mcbond_other         281  0.924  3.000  ? 'X-RAY DIFFRACTION' ? 
r_mcangle_it           1193 3.947  5.000  ? 'X-RAY DIFFRACTION' ? 
r_scbond_it            525  6.438  8.000  ? 'X-RAY DIFFRACTION' ? 
r_scangle_it           493  8.373  11.000 ? 'X-RAY DIFFRACTION' ? 
# 
_refine_ls_shell.d_res_high                       1.790 
_refine_ls_shell.d_res_low                        1.836 
_refine_ls_shell.pdbx_total_number_of_bins_used   20 
_refine_ls_shell.percent_reflns_obs               97.040 
_refine_ls_shell.number_reflns_R_work             1401 
_refine_ls_shell.R_factor_all                     ? 
_refine_ls_shell.R_factor_R_work                  0.306 
_refine_ls_shell.R_factor_R_free                  0.348 
_refine_ls_shell.percent_reflns_R_free            ? 
_refine_ls_shell.number_reflns_R_free             74 
_refine_ls_shell.R_factor_R_free_error            ? 
_refine_ls_shell.number_reflns_all                1475 
_refine_ls_shell.number_reflns_obs                ? 
_refine_ls_shell.redundancy_reflns_obs            ? 
_refine_ls_shell.pdbx_refine_id                   'X-RAY DIFFRACTION' 
# 
_struct.entry_id                  3IU6 
_struct.title                     'Crystal structure of the sixth bromodomain of human poly-bromodomain containing protein 1 (PB1)' 
_struct.pdbx_model_details        ? 
_struct.pdbx_CASP_flag            ? 
_struct.pdbx_model_type_details   ? 
# 
_struct_keywords.entry_id        3IU6 
_struct_keywords.pdbx_keywords   TRANSCRIPTION 
_struct_keywords.text            
;PB1, polybromo 1 isoform 1, BAF180, Polybromo0ID, PBRM1, BRG1-associated factor 180, Structural Genomics, SGC, Structural Genomics Consortium, Bromodomain, Chromatin regulator, DNA-binding, Nucleus, Phosphoprotein, Transcription, Transcription regulation
;
# 
loop_
_struct_asym.id 
_struct_asym.pdbx_blank_PDB_chainid_flag 
_struct_asym.pdbx_modified 
_struct_asym.entity_id 
_struct_asym.details 
A N N 1 ? 
B N N 2 ? 
C N N 2 ? 
D N N 2 ? 
E N N 3 ? 
F N N 4 ? 
# 
_struct_biol.id        1 
_struct_biol.details   ? 
# 
loop_
_struct_conf.conf_type_id 
_struct_conf.id 
_struct_conf.pdbx_PDB_helix_id 
_struct_conf.beg_label_comp_id 
_struct_conf.beg_label_asym_id 
_struct_conf.beg_label_seq_id 
_struct_conf.pdbx_beg_PDB_ins_code 
_struct_conf.end_label_comp_id 
_struct_conf.end_label_asym_id 
_struct_conf.end_label_seq_id 
_struct_conf.pdbx_end_PDB_ins_code 
_struct_conf.beg_auth_comp_id 
_struct_conf.beg_auth_asym_id 
_struct_conf.beg_auth_seq_id 
_struct_conf.end_auth_comp_id 
_struct_conf.end_auth_asym_id 
_struct_conf.end_auth_seq_id 
_struct_conf.pdbx_PDB_helix_class 
_struct_conf.details 
_struct_conf.pdbx_PDB_helix_length 
HELX_P HELX_P1 1 LEU A 6   ? SER A 21  ? LEU A 744 SER A 759 1 ? 16 
HELX_P HELX_P2 2 OCS A 29  ? ALA A 35  ? OCS A 767 ALA A 773 5 ? 7  
HELX_P HELX_P3 3 THR A 51  ? ASN A 61  ? THR A 789 ASN A 799 1 ? 11 
HELX_P HELX_P4 4 ARG A 66  ? ASN A 85  ? ARG A 804 ASN A 823 1 ? 20 
HELX_P HELX_P5 5 SER A 89  ? GLY A 113 ? SER A 827 GLY A 851 1 ? 25 
HELX_P HELX_P6 6 SER A 118 ? TYR A 123 ? SER A 856 TYR A 861 5 ? 6  
HELX_P HELX_P7 7 THR A 124 ? LEU A 140 ? THR A 862 LEU A 878 1 ? 17 
HELX_P HELX_P8 8 PRO A 141 ? ILE A 144 ? PRO A 879 ILE A 882 5 ? 4  
# 
_struct_conf_type.id          HELX_P 
_struct_conf_type.criteria    ? 
_struct_conf_type.reference   ? 
# 
loop_
_struct_conn.id 
_struct_conn.conn_type_id 
_struct_conn.pdbx_leaving_atom_flag 
_struct_conn.pdbx_PDB_id 
_struct_conn.ptnr1_label_asym_id 
_struct_conn.ptnr1_label_comp_id 
_struct_conn.ptnr1_label_seq_id 
_struct_conn.ptnr1_label_atom_id 
_struct_conn.pdbx_ptnr1_label_alt_id 
_struct_conn.pdbx_ptnr1_PDB_ins_code 
_struct_conn.pdbx_ptnr1_standard_comp_id 
_struct_conn.ptnr1_symmetry 
_struct_conn.ptnr2_label_asym_id 
_struct_conn.ptnr2_label_comp_id 
_struct_conn.ptnr2_label_seq_id 
_struct_conn.ptnr2_label_atom_id 
_struct_conn.pdbx_ptnr2_label_alt_id 
_struct_conn.pdbx_ptnr2_PDB_ins_code 
_struct_conn.ptnr1_auth_asym_id 
_struct_conn.ptnr1_auth_comp_id 
_struct_conn.ptnr1_auth_seq_id 
_struct_conn.ptnr2_auth_asym_id 
_struct_conn.ptnr2_auth_comp_id 
_struct_conn.ptnr2_auth_seq_id 
_struct_conn.ptnr2_symmetry 
_struct_conn.pdbx_ptnr3_label_atom_id 
_struct_conn.pdbx_ptnr3_label_seq_id 
_struct_conn.pdbx_ptnr3_label_comp_id 
_struct_conn.pdbx_ptnr3_label_asym_id 
_struct_conn.pdbx_ptnr3_label_alt_id 
_struct_conn.pdbx_ptnr3_PDB_ins_code 
_struct_conn.details 
_struct_conn.pdbx_dist_value 
_struct_conn.pdbx_value_order 
_struct_conn.pdbx_role 
covale1 covale both ? A ARG 28 C   ? ? ? 1_555 A OCS 29 N  ? ? A ARG 766 A OCS 767 1_555 ? ? ? ? ? ? ? 1.333 ? ? 
covale2 covale both ? A OCS 29 C   ? ? ? 1_555 A TYR 30 N  ? ? A OCS 767 A TYR 768 1_555 ? ? ? ? ? ? ? 1.330 ? ? 
metalc1 metalc ?    ? A HIS 13 NE2 ? ? ? 1_555 E ZN  .  ZN ? ? A HIS 751 A ZN  950 1_555 ? ? ? ? ? ? ? 2.053 ? ? 
metalc2 metalc ?    ? A GLU 60 OE2 ? ? ? 1_555 E ZN  .  ZN ? ? A GLU 798 A ZN  950 1_555 ? ? ? ? ? ? ? 1.931 ? ? 
# 
loop_
_struct_conn_type.id 
_struct_conn_type.criteria 
_struct_conn_type.reference 
covale ? ? 
metalc ? ? 
# 
loop_
_struct_site.id 
_struct_site.pdbx_evidence_code 
_struct_site.pdbx_auth_asym_id 
_struct_site.pdbx_auth_comp_id 
_struct_site.pdbx_auth_seq_id 
_struct_site.pdbx_auth_ins_code 
_struct_site.pdbx_num_residues 
_struct_site.details 
AC1 Software A EDO 900 ? 4 'BINDING SITE FOR RESIDUE EDO A 900' 
AC2 Software A EDO 901 ? 5 'BINDING SITE FOR RESIDUE EDO A 901' 
AC3 Software A EDO 902 ? 4 'BINDING SITE FOR RESIDUE EDO A 902' 
AC4 Software A ZN  950 ? 4 'BINDING SITE FOR RESIDUE ZN A 950'  
# 
loop_
_struct_site_gen.id 
_struct_site_gen.site_id 
_struct_site_gen.pdbx_num_res 
_struct_site_gen.label_comp_id 
_struct_site_gen.label_asym_id 
_struct_site_gen.label_seq_id 
_struct_site_gen.pdbx_auth_ins_code 
_struct_site_gen.auth_comp_id 
_struct_site_gen.auth_asym_id 
_struct_site_gen.auth_seq_id 
_struct_site_gen.label_atom_id 
_struct_site_gen.label_alt_id 
_struct_site_gen.symmetry 
_struct_site_gen.details 
1  AC1 4 HOH F .   ? HOH A 50  . ? 1_555 ? 
2  AC1 4 PHE A 75  ? PHE A 813 . ? 1_555 ? 
3  AC1 4 GLU A 79  ? GLU A 817 . ? 1_555 ? 
4  AC1 4 TYR A 123 ? TYR A 861 . ? 1_555 ? 
5  AC2 5 ARG A 63  ? ARG A 801 . ? 2_654 ? 
6  AC2 5 GLN A 100 ? GLN A 838 . ? 1_555 ? 
7  AC2 5 VAL A 132 ? VAL A 870 . ? 1_555 ? 
8  AC2 5 GLU A 133 ? GLU A 871 . ? 1_555 ? 
9  AC2 5 ARG A 136 ? ARG A 874 . ? 1_555 ? 
10 AC3 4 HOH F .   ? HOH A 132 . ? 1_555 ? 
11 AC3 4 ILE A 37  ? ILE A 775 . ? 1_555 ? 
12 AC3 4 PRO A 38  ? PRO A 776 . ? 1_555 ? 
13 AC3 4 ASN A 85  ? ASN A 823 . ? 1_555 ? 
14 AC4 4 HIS A 13  ? HIS A 751 . ? 5_555 ? 
15 AC4 4 HIS A 13  ? HIS A 751 . ? 1_555 ? 
16 AC4 4 GLU A 60  ? GLU A 798 . ? 1_555 ? 
17 AC4 4 GLU A 60  ? GLU A 798 . ? 5_555 ? 
# 
_atom_sites.entry_id                    3IU6 
_atom_sites.fract_transf_matrix[1][1]   -0.01350264 
_atom_sites.fract_transf_matrix[1][2]   0.00555244 
_atom_sites.fract_transf_matrix[1][3]   -0.00944752 
_atom_sites.fract_transf_matrix[2][1]   0.00224682 
_atom_sites.fract_transf_matrix[2][2]   0.01252039 
_atom_sites.fract_transf_matrix[2][3]   -0.01185765 
_atom_sites.fract_transf_matrix[3][1]   0.00234409 
_atom_sites.fract_transf_matrix[3][2]   -0.00810461 
_atom_sites.fract_transf_matrix[3][3]   -0.00811342 
_atom_sites.fract_transf_vector[1]      0.711707 
_atom_sites.fract_transf_vector[2]      0.254270 
_atom_sites.fract_transf_vector[3]      0.165724 
# 
loop_
_atom_type.symbol 
C  
N  
O  
S  
ZN 
# 
loop_
_atom_site.group_PDB 
_atom_site.id 
_atom_site.type_symbol 
_atom_site.label_atom_id 
_atom_site.label_alt_id 
_atom_site.label_comp_id 
_atom_site.label_asym_id 
_atom_site.label_entity_id 
_atom_site.label_seq_id 
_atom_site.pdbx_PDB_ins_code 
_atom_site.Cartn_x 
_atom_site.Cartn_y 
_atom_site.Cartn_z 
_atom_site.occupancy 
_atom_site.B_iso_or_equiv 
_atom_site.pdbx_formal_charge 
_atom_site.auth_seq_id 
_atom_site.auth_comp_id 
_atom_site.auth_asym_id 
_atom_site.auth_atom_id 
_atom_site.pdbx_PDB_model_num 
ATOM   1    N  N   . MET A 1 2   ? 9.975   -17.804 8.515   1.00 49.71 ? 740 MET A N   1 
ATOM   2    C  CA  . MET A 1 2   ? 11.322  -18.355 8.164   1.00 51.45 ? 740 MET A CA  1 
ATOM   3    C  C   . MET A 1 2   ? 12.471  -17.414 8.586   1.00 50.66 ? 740 MET A C   1 
ATOM   4    O  O   . MET A 1 2   ? 12.264  -16.475 9.373   1.00 47.90 ? 740 MET A O   1 
ATOM   5    C  CB  . MET A 1 2   ? 11.394  -18.657 6.656   1.00 50.40 ? 740 MET A CB  1 
ATOM   6    N  N   . ASN A 1 3   ? 13.672  -17.684 8.056   1.00 49.21 ? 741 ASN A N   1 
ATOM   7    C  CA  . ASN A 1 3   ? 14.920  -17.004 8.464   1.00 44.60 ? 741 ASN A CA  1 
ATOM   8    C  C   . ASN A 1 3   ? 15.326  -15.852 7.504   1.00 43.41 ? 741 ASN A C   1 
ATOM   9    O  O   . ASN A 1 3   ? 15.449  -16.045 6.285   1.00 38.37 ? 741 ASN A O   1 
ATOM   10   C  CB  . ASN A 1 3   ? 16.048  -18.052 8.663   1.00 45.33 ? 741 ASN A CB  1 
ATOM   11   C  CG  A ASN A 1 3   ? 17.383  -17.563 8.083   0.50 44.29 ? 741 ASN A CG  1 
ATOM   12   C  CG  B ASN A 1 3   ? 15.534  -19.256 9.469   0.50 41.34 ? 741 ASN A CG  1 
ATOM   13   O  OD1 A ASN A 1 3   ? 17.906  -18.146 7.129   0.50 44.13 ? 741 ASN A OD1 1 
ATOM   14   O  OD1 B ASN A 1 3   ? 14.695  -19.113 10.362  0.50 43.45 ? 741 ASN A OD1 1 
ATOM   15   N  ND2 A ASN A 1 3   ? 17.944  -16.510 8.672   0.50 38.68 ? 741 ASN A ND2 1 
ATOM   16   N  ND2 B ASN A 1 3   ? 16.055  -20.443 9.161   0.50 38.95 ? 741 ASN A ND2 1 
ATOM   17   N  N   . VAL A 1 4   ? 15.502  -14.656 8.080   1.00 35.85 ? 742 VAL A N   1 
ATOM   18   C  CA  . VAL A 1 4   ? 15.921  -13.442 7.352   1.00 33.48 ? 742 VAL A CA  1 
ATOM   19   C  C   . VAL A 1 4   ? 17.397  -13.550 6.951   1.00 30.03 ? 742 VAL A C   1 
ATOM   20   O  O   . VAL A 1 4   ? 18.264  -13.715 7.811   1.00 26.45 ? 742 VAL A O   1 
ATOM   21   C  CB  . VAL A 1 4   ? 15.712  -12.165 8.236   1.00 34.97 ? 742 VAL A CB  1 
ATOM   22   C  CG1 . VAL A 1 4   ? 16.378  -10.910 7.618   1.00 29.62 ? 742 VAL A CG1 1 
ATOM   23   C  CG2 . VAL A 1 4   ? 14.222  -11.928 8.502   1.00 37.14 ? 742 VAL A CG2 1 
ATOM   24   N  N   . THR A 1 5   ? 17.670  -13.503 5.648   1.00 20.57 ? 743 THR A N   1 
ATOM   25   C  CA  . THR A 1 5   ? 19.053  -13.576 5.129   1.00 22.97 ? 743 THR A CA  1 
ATOM   26   C  C   . THR A 1 5   ? 19.447  -12.278 4.396   1.00 22.22 ? 743 THR A C   1 
ATOM   27   O  O   . THR A 1 5   ? 20.597  -12.122 3.929   1.00 17.68 ? 743 THR A O   1 
ATOM   28   C  CB  . THR A 1 5   ? 19.260  -14.825 4.205   1.00 25.31 ? 743 THR A CB  1 
ATOM   29   O  OG1 . THR A 1 5   ? 18.377  -14.763 3.074   1.00 30.15 ? 743 THR A OG1 1 
ATOM   30   C  CG2 . THR A 1 5   ? 18.986  -16.113 4.972   1.00 19.07 ? 743 THR A CG2 1 
ATOM   31   N  N   . LEU A 1 6   ? 18.495  -11.342 4.330   1.00 18.85 ? 744 LEU A N   1 
ATOM   32   C  CA  . LEU A 1 6   ? 18.689  -10.096 3.632   1.00 14.31 ? 744 LEU A CA  1 
ATOM   33   C  C   . LEU A 1 6   ? 18.207  -8.888  4.466   1.00 9.00  ? 744 LEU A C   1 
ATOM   34   O  O   . LEU A 1 6   ? 17.140  -8.889  5.114   1.00 10.03 ? 744 LEU A O   1 
ATOM   35   C  CB  . LEU A 1 6   ? 17.983  -10.129 2.258   1.00 13.58 ? 744 LEU A CB  1 
ATOM   36   C  CG  . LEU A 1 6   ? 18.204  -11.307 1.286   1.00 12.91 ? 744 LEU A CG  1 
ATOM   37   C  CD1 . LEU A 1 6   ? 17.266  -11.194 0.072   1.00 15.50 ? 744 LEU A CD1 1 
ATOM   38   C  CD2 . LEU A 1 6   ? 19.677  -11.397 0.824   1.00 16.48 ? 744 LEU A CD2 1 
ATOM   39   N  N   . LEU A 1 7   ? 19.023  -7.842  4.445   1.00 3.07  ? 745 LEU A N   1 
ATOM   40   C  CA  . LEU A 1 7   ? 18.597  -6.521  4.906   1.00 3.62  ? 745 LEU A CA  1 
ATOM   41   C  C   . LEU A 1 7   ? 17.240  -6.150  4.331   1.00 2.00  ? 745 LEU A C   1 
ATOM   42   O  O   . LEU A 1 7   ? 16.378  -5.621  5.025   1.00 2.00  ? 745 LEU A O   1 
ATOM   43   C  CB  . LEU A 1 7   ? 19.651  -5.493  4.438   1.00 3.03  ? 745 LEU A CB  1 
ATOM   44   C  CG  . LEU A 1 7   ? 19.489  -4.003  4.763   1.00 10.15 ? 745 LEU A CG  1 
ATOM   45   C  CD1 . LEU A 1 7   ? 20.850  -3.274  4.582   1.00 17.78 ? 745 LEU A CD1 1 
ATOM   46   C  CD2 . LEU A 1 7   ? 18.444  -3.345  3.903   1.00 14.30 ? 745 LEU A CD2 1 
ATOM   47   N  N   . ILE A 1 8   ? 17.029  -6.398  3.042   1.00 3.31  ? 746 ILE A N   1 
ATOM   48   C  CA  . ILE A 1 8   ? 15.757  -5.973  2.420   1.00 2.00  ? 746 ILE A CA  1 
ATOM   49   C  C   . ILE A 1 8   ? 14.556  -6.727  3.003   1.00 2.00  ? 746 ILE A C   1 
ATOM   50   O  O   . ILE A 1 8   ? 13.486  -6.146  3.103   1.00 2.00  ? 746 ILE A O   1 
ATOM   51   C  CB  . ILE A 1 8   ? 15.750  -6.051  0.866   1.00 5.10  ? 746 ILE A CB  1 
ATOM   52   C  CG1 . ILE A 1 8   ? 14.741  -5.067  0.287   1.00 7.40  ? 746 ILE A CG1 1 
ATOM   53   C  CG2 . ILE A 1 8   ? 15.386  -7.440  0.365   1.00 7.34  ? 746 ILE A CG2 1 
ATOM   54   C  CD1 . ILE A 1 8   ? 15.126  -3.609  0.356   1.00 8.02  ? 746 ILE A CD1 1 
ATOM   55   N  N   . GLN A 1 9   ? 14.734  -7.974  3.433   1.00 2.00  ? 747 GLN A N   1 
ATOM   56   C  CA  . GLN A 1 9   ? 13.607  -8.691  4.064   1.00 2.19  ? 747 GLN A CA  1 
ATOM   57   C  C   . GLN A 1 9   ? 13.207  -8.070  5.403   1.00 3.44  ? 747 GLN A C   1 
ATOM   58   O  O   . GLN A 1 9   ? 12.032  -7.974  5.720   1.00 2.00  ? 747 GLN A O   1 
ATOM   59   C  CB  . GLN A 1 9   ? 13.912  -10.161 4.266   1.00 2.00  ? 747 GLN A CB  1 
ATOM   60   C  CG  . GLN A 1 9   ? 14.020  -10.961 2.958   1.00 3.72  ? 747 GLN A CG  1 
ATOM   61   C  CD  . GLN A 1 9   ? 14.750  -12.228 3.072   1.00 11.87 ? 747 GLN A CD  1 
ATOM   62   O  OE1 . GLN A 1 9   ? 15.724  -12.339 3.815   1.00 16.24 ? 747 GLN A OE1 1 
ATOM   63   N  NE2 . GLN A 1 9   ? 14.289  -13.234 2.317   1.00 9.49  ? 747 GLN A NE2 1 
ATOM   64   N  N   . GLU A 1 10  ? 14.203  -7.695  6.196   1.00 2.00  ? 748 GLU A N   1 
ATOM   65   C  CA  . GLU A 1 10  ? 13.968  -6.965  7.440   1.00 2.00  ? 748 GLU A CA  1 
ATOM   66   C  C   . GLU A 1 10  ? 13.295  -5.612  7.198   1.00 2.00  ? 748 GLU A C   1 
ATOM   67   O  O   . GLU A 1 10  ? 12.375  -5.230  7.926   1.00 2.00  ? 748 GLU A O   1 
ATOM   68   C  CB  . GLU A 1 10  ? 15.315  -6.840  8.188   1.00 3.36  ? 748 GLU A CB  1 
ATOM   69   C  CG  A GLU A 1 10  ? 15.191  -6.036  9.475   0.70 2.93  ? 748 GLU A CG  1 
ATOM   70   C  CG  B GLU A 1 10  ? 15.768  -7.638  9.452   0.30 10.46 ? 748 GLU A CG  1 
ATOM   71   C  CD  A GLU A 1 10  ? 16.554  -5.702  10.126  0.70 30.44 ? 748 GLU A CD  1 
ATOM   72   C  CD  B GLU A 1 10  ? 17.290  -7.694  9.636   0.30 14.87 ? 748 GLU A CD  1 
ATOM   73   O  OE1 A GLU A 1 10  ? 16.778  -6.177  11.252  0.70 25.22 ? 748 GLU A OE1 1 
ATOM   74   O  OE1 B GLU A 1 10  ? 17.957  -6.645  9.518   0.30 26.85 ? 748 GLU A OE1 1 
ATOM   75   O  OE2 A GLU A 1 10  ? 17.397  -4.973  9.528   0.70 18.55 ? 748 GLU A OE2 1 
ATOM   76   O  OE2 B GLU A 1 10  ? 17.816  -8.799  9.898   0.30 14.56 ? 748 GLU A OE2 1 
ATOM   77   N  N   . LEU A 1 11  ? 13.741  -4.908  6.155   1.00 2.00  ? 749 LEU A N   1 
ATOM   78   C  CA  . LEU A 1 11  ? 13.187  -3.619  5.795   1.00 3.03  ? 749 LEU A CA  1 
ATOM   79   C  C   . LEU A 1 11  ? 11.712  -3.780  5.380   1.00 2.00  ? 749 LEU A C   1 
ATOM   80   O  O   . LEU A 1 11  ? 10.862  -3.041  5.840   1.00 2.48  ? 749 LEU A O   1 
ATOM   81   C  CB  . LEU A 1 11  ? 14.034  -2.964  4.680   1.00 2.00  ? 749 LEU A CB  1 
ATOM   82   C  CG  . LEU A 1 11  ? 13.604  -1.565  4.264   1.00 3.13  ? 749 LEU A CG  1 
ATOM   83   C  CD1 . LEU A 1 11  ? 14.845  -0.744  3.722   1.00 3.05  ? 749 LEU A CD1 1 
ATOM   84   C  CD2 . LEU A 1 11  ? 12.472  -1.594  3.262   1.00 5.13  ? 749 LEU A CD2 1 
ATOM   85   N  N   . ILE A 1 12  ? 11.429  -4.757  4.540   1.00 2.00  ? 750 ILE A N   1 
ATOM   86   C  CA  . ILE A 1 12  ? 10.075  -5.051  4.101   1.00 2.00  ? 750 ILE A CA  1 
ATOM   87   C  C   . ILE A 1 12  ? 9.139   -5.431  5.260   1.00 2.00  ? 750 ILE A C   1 
ATOM   88   O  O   . ILE A 1 12  ? 7.999   -4.913  5.342   1.00 2.00  ? 750 ILE A O   1 
ATOM   89   C  CB  . ILE A 1 12  ? 10.077  -6.071  2.975   1.00 2.00  ? 750 ILE A CB  1 
ATOM   90   C  CG1 . ILE A 1 12  ? 10.664  -5.406  1.719   1.00 2.84  ? 750 ILE A CG1 1 
ATOM   91   C  CG2 . ILE A 1 12  ? 8.667   -6.614  2.705   1.00 2.88  ? 750 ILE A CG2 1 
ATOM   92   C  CD1 . ILE A 1 12  ? 11.008  -6.416  0.608   1.00 2.00  ? 750 ILE A CD1 1 
ATOM   93   N  N   . HIS A 1 13  ? 9.609   -6.260  6.149   1.00 2.00  ? 751 HIS A N   1 
ATOM   94   C  CA  . HIS A 1 13  ? 8.827   -6.595  7.351   1.00 2.00  ? 751 HIS A CA  1 
ATOM   95   C  C   . HIS A 1 13  ? 8.514   -5.330  8.173   1.00 3.96  ? 751 HIS A C   1 
ATOM   96   O  O   . HIS A 1 13  ? 7.375   -5.100  8.536   1.00 2.00  ? 751 HIS A O   1 
ATOM   97   C  CB  . HIS A 1 13  ? 9.546   -7.649  8.198   1.00 2.13  ? 751 HIS A CB  1 
ATOM   98   C  CG  . HIS A 1 13  ? 8.769   -8.065  9.414   1.00 2.00  ? 751 HIS A CG  1 
ATOM   99   N  ND1 . HIS A 1 13  ? 8.926   -7.423  10.633  1.00 2.46  ? 751 HIS A ND1 1 
ATOM   100  C  CD2 . HIS A 1 13  ? 7.823   -9.018  9.610   1.00 2.24  ? 751 HIS A CD2 1 
ATOM   101  C  CE1 . HIS A 1 13  ? 8.119   -7.973  11.526  1.00 6.34  ? 751 HIS A CE1 1 
ATOM   102  N  NE2 . HIS A 1 13  ? 7.466   -8.967  10.943  1.00 2.40  ? 751 HIS A NE2 1 
ATOM   103  N  N   . ASN A 1 14  ? 9.525   -4.516  8.444   1.00 2.00  ? 752 ASN A N   1 
ATOM   104  C  CA  . ASN A 1 14  ? 9.388   -3.269  9.224   1.00 5.00  ? 752 ASN A CA  1 
ATOM   105  C  C   . ASN A 1 14  ? 8.389   -2.351  8.505   1.00 5.61  ? 752 ASN A C   1 
ATOM   106  O  O   . ASN A 1 14  ? 7.473   -1.797  9.122   1.00 2.75  ? 752 ASN A O   1 
ATOM   107  C  CB  A ASN A 1 14  ? 10.746  -2.515  9.334   0.50 6.72  ? 752 ASN A CB  1 
ATOM   108  C  CB  B ASN A 1 14  ? 10.763  -2.606  9.451   0.50 4.46  ? 752 ASN A CB  1 
ATOM   109  C  CG  A ASN A 1 14  ? 11.704  -3.081  10.404  0.50 18.79 ? 752 ASN A CG  1 
ATOM   110  C  CG  B ASN A 1 14  ? 10.679  -1.272  10.212  0.50 11.56 ? 752 ASN A CG  1 
ATOM   111  O  OD1 A ASN A 1 14  ? 11.288  -3.786  11.314  0.50 17.21 ? 752 ASN A OD1 1 
ATOM   112  O  OD1 B ASN A 1 14  ? 9.683   -0.556  10.133  0.50 16.93 ? 752 ASN A OD1 1 
ATOM   113  N  ND2 A ASN A 1 14  ? 13.007  -2.721  10.306  0.50 8.15  ? 752 ASN A ND2 1 
ATOM   114  N  ND2 B ASN A 1 14  ? 11.756  -0.921  10.923  0.50 11.58 ? 752 ASN A ND2 1 
ATOM   115  N  N   . LEU A 1 15  ? 8.511   -2.226  7.194   1.00 2.49  ? 753 LEU A N   1 
ATOM   116  C  CA  . LEU A 1 15  ? 7.627   -1.368  6.415   1.00 2.47  ? 753 LEU A CA  1 
ATOM   117  C  C   . LEU A 1 15  ? 6.161   -1.852  6.437   1.00 4.46  ? 753 LEU A C   1 
ATOM   118  O  O   . LEU A 1 15  ? 5.201   -1.080  6.659   1.00 3.74  ? 753 LEU A O   1 
ATOM   119  C  CB  . LEU A 1 15  ? 8.154   -1.248  4.964   1.00 2.83  ? 753 LEU A CB  1 
ATOM   120  C  CG  . LEU A 1 15  ? 7.358   -0.413  3.940   1.00 4.87  ? 753 LEU A CG  1 
ATOM   121  C  CD1 . LEU A 1 15  ? 7.108   1.040   4.465   1.00 3.92  ? 753 LEU A CD1 1 
ATOM   122  C  CD2 . LEU A 1 15  ? 8.132   -0.386  2.598   1.00 4.91  ? 753 LEU A CD2 1 
ATOM   123  N  N   . PHE A 1 16  ? 5.982   -3.140  6.228   1.00 2.94  ? 754 PHE A N   1 
ATOM   124  C  CA  . PHE A 1 16  ? 4.647   -3.749  6.281   1.00 2.07  ? 754 PHE A CA  1 
ATOM   125  C  C   . PHE A 1 16  ? 4.003   -3.554  7.635   1.00 4.53  ? 754 PHE A C   1 
ATOM   126  O  O   . PHE A 1 16  ? 2.870   -3.109  7.701   1.00 4.58  ? 754 PHE A O   1 
ATOM   127  C  CB  . PHE A 1 16  ? 4.706   -5.238  5.922   1.00 2.00  ? 754 PHE A CB  1 
ATOM   128  C  CG  . PHE A 1 16  ? 3.352   -5.886  5.834   1.00 2.00  ? 754 PHE A CG  1 
ATOM   129  C  CD1 . PHE A 1 16  ? 2.493   -5.586  4.778   1.00 4.57  ? 754 PHE A CD1 1 
ATOM   130  C  CD2 . PHE A 1 16  ? 2.922   -6.746  6.808   1.00 5.40  ? 754 PHE A CD2 1 
ATOM   131  C  CE1 . PHE A 1 16  ? 1.246   -6.152  4.714   1.00 2.17  ? 754 PHE A CE1 1 
ATOM   132  C  CE2 . PHE A 1 16  ? 1.642   -7.359  6.728   1.00 2.00  ? 754 PHE A CE2 1 
ATOM   133  C  CZ  . PHE A 1 16  ? 0.822   -7.051  5.711   1.00 2.00  ? 754 PHE A CZ  1 
ATOM   134  N  N   . VAL A 1 17  ? 4.714   -3.890  8.715   1.00 2.30  ? 755 VAL A N   1 
ATOM   135  C  CA  . VAL A 1 17  ? 4.138   -3.757  10.046  1.00 2.98  ? 755 VAL A CA  1 
ATOM   136  C  C   . VAL A 1 17  ? 3.794   -2.295  10.337  1.00 5.86  ? 755 VAL A C   1 
ATOM   137  O  O   . VAL A 1 17  ? 2.748   -1.998  10.894  1.00 3.69  ? 755 VAL A O   1 
ATOM   138  C  CB  . VAL A 1 17  ? 5.050   -4.343  11.145  1.00 2.01  ? 755 VAL A CB  1 
ATOM   139  C  CG1 . VAL A 1 17  ? 4.532   -3.919  12.578  1.00 6.30  ? 755 VAL A CG1 1 
ATOM   140  C  CG2 . VAL A 1 17  ? 5.144   -5.874  10.989  1.00 2.00  ? 755 VAL A CG2 1 
ATOM   141  N  N   . SER A 1 18  ? 4.686   -1.387  9.959   1.00 2.78  ? 756 SER A N   1 
ATOM   142  C  CA  . SER A 1 18  ? 4.467   0.032   10.207  1.00 8.02  ? 756 SER A CA  1 
ATOM   143  C  C   . SER A 1 18  ? 3.190   0.548   9.550   1.00 5.16  ? 756 SER A C   1 
ATOM   144  O  O   . SER A 1 18  ? 2.350   1.222   10.175  1.00 5.28  ? 756 SER A O   1 
ATOM   145  C  CB  . SER A 1 18  ? 5.644   0.804   9.672   1.00 7.18  ? 756 SER A CB  1 
ATOM   146  O  OG  A SER A 1 18  ? 5.608   2.165   10.046  0.50 7.90  ? 756 SER A OG  1 
ATOM   147  O  OG  B SER A 1 18  ? 6.751   0.792   10.555  0.50 2.00  ? 756 SER A OG  1 
ATOM   148  N  N   . VAL A 1 19  ? 3.028   0.215   8.288   1.00 4.27  ? 757 VAL A N   1 
ATOM   149  C  CA  . VAL A 1 19  ? 1.867   0.627   7.525   1.00 5.45  ? 757 VAL A CA  1 
ATOM   150  C  C   . VAL A 1 19  ? 0.580   0.016   8.062   1.00 4.60  ? 757 VAL A C   1 
ATOM   151  O  O   . VAL A 1 19  ? -0.426  0.735   8.217   1.00 5.12  ? 757 VAL A O   1 
ATOM   152  C  CB  . VAL A 1 19  ? 2.069   0.337   6.032   1.00 7.82  ? 757 VAL A CB  1 
ATOM   153  C  CG1 . VAL A 1 19  ? 0.749   0.500   5.229   1.00 4.15  ? 757 VAL A CG1 1 
ATOM   154  C  CG2 . VAL A 1 19  ? 3.182   1.275   5.496   1.00 8.15  ? 757 VAL A CG2 1 
ATOM   155  N  N   . MET A 1 20  ? 0.605   -1.289  8.402   1.00 2.91  ? 758 MET A N   1 
ATOM   156  C  CA  . MET A 1 20  ? -0.581  -1.968  8.909   1.00 2.54  ? 758 MET A CA  1 
ATOM   157  C  C   . MET A 1 20  ? -0.982  -1.478  10.305  1.00 4.20  ? 758 MET A C   1 
ATOM   158  O  O   . MET A 1 20  ? -2.117  -1.680  10.717  1.00 4.16  ? 758 MET A O   1 
ATOM   159  C  CB  . MET A 1 20  ? -0.369  -3.498  8.944   1.00 4.98  ? 758 MET A CB  1 
ATOM   160  C  CG  . MET A 1 20  ? -0.253  -4.159  7.596   1.00 6.53  ? 758 MET A CG  1 
ATOM   161  S  SD  A MET A 1 20  ? -1.621  -3.795  6.389   0.70 10.29 ? 758 MET A SD  1 
ATOM   162  S  SD  B MET A 1 20  ? -1.731  -4.002  6.551   0.30 11.07 ? 758 MET A SD  1 
ATOM   163  C  CE  A MET A 1 20  ? -2.917  -4.775  7.098   0.70 10.87 ? 758 MET A CE  1 
ATOM   164  C  CE  B MET A 1 20  ? -1.169  -2.680  5.521   0.30 2.00  ? 758 MET A CE  1 
ATOM   165  N  N   . SER A 1 21  ? -0.032  -0.932  11.054  1.00 4.76  ? 759 SER A N   1 
ATOM   166  C  CA  . SER A 1 21  ? -0.262  -0.408  12.383  1.00 4.34  ? 759 SER A CA  1 
ATOM   167  C  C   . SER A 1 21  ? -0.564  1.102   12.455  1.00 4.10  ? 759 SER A C   1 
ATOM   168  O  O   . SER A 1 21  ? -0.767  1.635   13.569  1.00 6.40  ? 759 SER A O   1 
ATOM   169  C  CB  . SER A 1 21  ? 0.962   -0.685  13.254  1.00 8.50  ? 759 SER A CB  1 
ATOM   170  O  OG  . SER A 1 21  ? 1.199   -2.095  13.347  1.00 8.75  ? 759 SER A OG  1 
ATOM   171  N  N   . HIS A 1 22  ? -0.524  1.785   11.327  1.00 2.69  ? 760 HIS A N   1 
ATOM   172  C  CA  . HIS A 1 22  ? -0.677  3.239   11.274  1.00 2.92  ? 760 HIS A CA  1 
ATOM   173  C  C   . HIS A 1 22  ? -2.108  3.595   11.769  1.00 2.86  ? 760 HIS A C   1 
ATOM   174  O  O   . HIS A 1 22  ? -3.072  2.969   11.376  1.00 3.91  ? 760 HIS A O   1 
ATOM   175  C  CB  . HIS A 1 22  ? -0.415  3.699   9.852   1.00 6.91  ? 760 HIS A CB  1 
ATOM   176  C  CG  . HIS A 1 22  ? -0.485  5.171   9.638   1.00 4.59  ? 760 HIS A CG  1 
ATOM   177  N  ND1 . HIS A 1 22  ? 0.094   6.088   10.492  1.00 4.48  ? 760 HIS A ND1 1 
ATOM   178  C  CD2 . HIS A 1 22  ? -1.051  5.883   8.635   1.00 5.29  ? 760 HIS A CD2 1 
ATOM   179  C  CE1 . HIS A 1 22  ? -0.132  7.310   10.029  1.00 5.32  ? 760 HIS A CE1 1 
ATOM   180  N  NE2 . HIS A 1 22  ? -0.818  7.215   8.898   1.00 3.53  ? 760 HIS A NE2 1 
ATOM   181  N  N   . GLN A 1 23  ? -2.205  4.571   12.662  1.00 3.74  ? 761 GLN A N   1 
ATOM   182  C  CA  . GLN A 1 23  ? -3.467  4.881   13.350  1.00 4.20  ? 761 GLN A CA  1 
ATOM   183  C  C   . GLN A 1 23  ? -3.844  6.349   13.186  1.00 2.83  ? 761 GLN A C   1 
ATOM   184  O  O   . GLN A 1 23  ? -2.989  7.206   13.055  1.00 2.67  ? 761 GLN A O   1 
ATOM   185  C  CB  . GLN A 1 23  ? -3.319  4.630   14.843  1.00 6.49  ? 761 GLN A CB  1 
ATOM   186  C  CG  . GLN A 1 23  ? -3.235  3.171   15.226  1.00 11.44 ? 761 GLN A CG  1 
ATOM   187  C  CD  . GLN A 1 23  ? -3.048  2.963   16.728  1.00 13.10 ? 761 GLN A CD  1 
ATOM   188  O  OE1 . GLN A 1 23  ? -2.581  3.846   17.448  1.00 11.33 ? 761 GLN A OE1 1 
ATOM   189  N  NE2 . GLN A 1 23  ? -3.436  1.778   17.205  1.00 26.18 ? 761 GLN A NE2 1 
ATOM   190  N  N   . ASP A 1 24  ? -5.143  6.632   13.277  1.00 3.48  ? 762 ASP A N   1 
ATOM   191  C  CA  . ASP A 1 24  ? -5.590  8.013   13.243  1.00 5.75  ? 762 ASP A CA  1 
ATOM   192  C  C   . ASP A 1 24  ? -5.508  8.646   14.650  1.00 4.16  ? 762 ASP A C   1 
ATOM   193  O  O   . ASP A 1 24  ? -4.999  8.026   15.593  1.00 2.00  ? 762 ASP A O   1 
ATOM   194  C  CB  . ASP A 1 24  ? -7.000  8.083   12.624  1.00 2.00  ? 762 ASP A CB  1 
ATOM   195  C  CG  . ASP A 1 24  ? -8.119  7.644   13.579  1.00 7.84  ? 762 ASP A CG  1 
ATOM   196  O  OD1 . ASP A 1 24  ? -7.880  7.298   14.766  1.00 2.00  ? 762 ASP A OD1 1 
ATOM   197  O  OD2 . ASP A 1 24  ? -9.291  7.640   13.106  1.00 7.11  ? 762 ASP A OD2 1 
ATOM   198  N  N   . ASP A 1 25  ? -5.968  9.896   14.813  1.00 2.00  ? 763 ASP A N   1 
ATOM   199  C  CA  . ASP A 1 25  ? -5.746  10.588  16.080  1.00 2.00  ? 763 ASP A CA  1 
ATOM   200  C  C   . ASP A 1 25  ? -6.542  9.988   17.239  1.00 2.00  ? 763 ASP A C   1 
ATOM   201  O  O   . ASP A 1 25  ? -6.289  10.343  18.383  1.00 2.15  ? 763 ASP A O   1 
ATOM   202  C  CB  . ASP A 1 25  ? -6.114  12.068  15.954  1.00 2.00  ? 763 ASP A CB  1 
ATOM   203  C  CG  . ASP A 1 25  ? -5.137  12.828  15.082  1.00 8.79  ? 763 ASP A CG  1 
ATOM   204  O  OD1 . ASP A 1 25  ? -3.922  12.694  15.310  1.00 6.99  ? 763 ASP A OD1 1 
ATOM   205  O  OD2 . ASP A 1 25  ? -5.576  13.577  14.194  1.00 2.00  ? 763 ASP A OD2 1 
ATOM   206  N  N   . GLU A 1 26  ? -7.542  9.169   16.921  1.00 2.00  ? 764 GLU A N   1 
ATOM   207  C  CA  . GLU A 1 26  ? -8.383  8.464   17.900  1.00 2.31  ? 764 GLU A CA  1 
ATOM   208  C  C   . GLU A 1 26  ? -7.923  7.034   18.142  1.00 7.66  ? 764 GLU A C   1 
ATOM   209  O  O   . GLU A 1 26  ? -8.563  6.292   18.912  1.00 7.42  ? 764 GLU A O   1 
ATOM   210  C  CB  . GLU A 1 26  ? -9.867  8.491   17.462  1.00 2.73  ? 764 GLU A CB  1 
ATOM   211  C  CG  . GLU A 1 26  ? -10.408 9.893   17.346  1.00 5.76  ? 764 GLU A CG  1 
ATOM   212  C  CD  . GLU A 1 26  ? -11.919 9.969   17.065  1.00 13.90 ? 764 GLU A CD  1 
ATOM   213  O  OE1 . GLU A 1 26  ? -12.701 9.971   18.026  1.00 16.28 ? 764 GLU A OE1 1 
ATOM   214  O  OE2 . GLU A 1 26  ? -12.325 10.066  15.894  1.00 11.83 ? 764 GLU A OE2 1 
ATOM   215  N  N   . GLY A 1 27  ? -6.792  6.669   17.539  1.00 2.85  ? 765 GLY A N   1 
ATOM   216  C  CA  . GLY A 1 27  ? -6.193  5.333   17.709  1.00 3.12  ? 765 GLY A CA  1 
ATOM   217  C  C   . GLY A 1 27  ? -6.806  4.241   16.852  1.00 8.57  ? 765 GLY A C   1 
ATOM   218  O  O   . GLY A 1 27  ? -6.579  3.066   17.129  1.00 10.94 ? 765 GLY A O   1 
ATOM   219  N  N   . ARG A 1 28  ? -7.566  4.631   15.816  1.00 5.69  ? 766 ARG A N   1 
ATOM   220  C  CA  . ARG A 1 28  ? -8.196  3.688   14.846  1.00 4.33  ? 766 ARG A CA  1 
ATOM   221  C  C   . ARG A 1 28  ? -7.180  3.321   13.790  1.00 4.35  ? 766 ARG A C   1 
ATOM   222  O  O   . ARG A 1 28  ? -6.543  4.196   13.190  1.00 3.30  ? 766 ARG A O   1 
ATOM   223  C  CB  . ARG A 1 28  ? -9.436  4.323   14.198  1.00 6.14  ? 766 ARG A CB  1 
ATOM   224  C  CG  . ARG A 1 28  ? -10.158 3.470   13.141  1.00 8.38  ? 766 ARG A CG  1 
ATOM   225  C  CD  . ARG A 1 28  ? -11.340 4.197   12.500  1.00 10.67 ? 766 ARG A CD  1 
ATOM   226  N  NE  . ARG A 1 28  ? -10.863 5.298   11.675  1.00 14.20 ? 766 ARG A NE  1 
ATOM   227  C  CZ  . ARG A 1 28  ? -10.521 5.178   10.389  1.00 10.79 ? 766 ARG A CZ  1 
ATOM   228  N  NH1 . ARG A 1 28  ? -10.631 4.007   9.771   1.00 9.41  ? 766 ARG A NH1 1 
ATOM   229  N  NH2 . ARG A 1 28  ? -10.050 6.233   9.733   1.00 12.65 ? 766 ARG A NH2 1 
HETATM 230  N  N   . OCS A 1 29  ? -7.021  2.018   13.558  1.00 3.06  ? 767 OCS A N   1 
HETATM 231  C  CA  . OCS A 1 29  ? -6.096  1.541   12.578  1.00 4.88  ? 767 OCS A CA  1 
HETATM 232  C  CB  A OCS A 1 29  ? -5.704  0.061   12.763  0.50 4.76  ? 767 OCS A CB  1 
HETATM 233  C  CB  B OCS A 1 29  ? -5.898  0.083   12.903  0.50 8.95  ? 767 OCS A CB  1 
HETATM 234  S  SG  A OCS A 1 29  ? -4.514  -0.295  14.082  0.50 6.69  ? 767 OCS A SG  1 
HETATM 235  S  SG  B OCS A 1 29  ? -4.588  -0.630  12.007  0.50 17.47 ? 767 OCS A SG  1 
HETATM 236  C  C   . OCS A 1 29  ? -6.678  1.679   11.160  1.00 2.00  ? 767 OCS A C   1 
HETATM 237  O  O   . OCS A 1 29  ? -7.716  1.084   10.868  1.00 2.02  ? 767 OCS A O   1 
HETATM 238  O  OD1 A OCS A 1 29  ? -4.304  -1.706  14.136  0.50 11.10 ? 767 OCS A OD1 1 
HETATM 239  O  OD2 A OCS A 1 29  ? -3.358  0.324   13.811  0.50 3.16  ? 767 OCS A OD2 1 
HETATM 240  O  OD3 A OCS A 1 29  ? -5.102  0.170   15.292  0.50 13.21 ? 767 OCS A OD3 1 
ATOM   241  N  N   . TYR A 1 30  ? -6.020  2.445   10.294  1.00 2.60  ? 768 TYR A N   1 
ATOM   242  C  CA  . TYR A 1 30  ? -6.538  2.654   8.937   1.00 4.62  ? 768 TYR A CA  1 
ATOM   243  C  C   . TYR A 1 30  ? -6.735  1.351   8.196   1.00 4.87  ? 768 TYR A C   1 
ATOM   244  O  O   . TYR A 1 30  ? -7.711  1.191   7.450   1.00 4.77  ? 768 TYR A O   1 
ATOM   245  C  CB  . TYR A 1 30  ? -5.624  3.560   8.115   1.00 2.45  ? 768 TYR A CB  1 
ATOM   246  C  CG  . TYR A 1 30  ? -5.489  4.987   8.636   1.00 2.00  ? 768 TYR A CG  1 
ATOM   247  C  CD1 . TYR A 1 30  ? -6.535  5.922   8.499   1.00 2.00  ? 768 TYR A CD1 1 
ATOM   248  C  CD2 . TYR A 1 30  ? -4.360  5.393   9.297   1.00 2.46  ? 768 TYR A CD2 1 
ATOM   249  C  CE1 . TYR A 1 30  ? -6.407  7.210   8.946   1.00 2.00  ? 768 TYR A CE1 1 
ATOM   250  C  CE2 . TYR A 1 30  ? -4.222  6.704   9.788   1.00 4.18  ? 768 TYR A CE2 1 
ATOM   251  C  CZ  . TYR A 1 30  ? -5.271  7.602   9.630   1.00 2.75  ? 768 TYR A CZ  1 
ATOM   252  O  OH  . TYR A 1 30  ? -5.142  8.881   10.035  1.00 2.00  ? 768 TYR A OH  1 
ATOM   253  N  N   . SER A 1 31  ? -5.827  0.408   8.407   1.00 4.16  ? 769 SER A N   1 
ATOM   254  C  CA  . SER A 1 31  ? -5.857  -0.834  7.617   1.00 2.43  ? 769 SER A CA  1 
ATOM   255  C  C   . SER A 1 31  ? -7.098  -1.675  7.895   1.00 2.88  ? 769 SER A C   1 
ATOM   256  O  O   . SER A 1 31  ? -7.498  -2.500  7.051   1.00 6.07  ? 769 SER A O   1 
ATOM   257  C  CB  . SER A 1 31  ? -4.548  -1.623  7.830   1.00 4.11  ? 769 SER A CB  1 
ATOM   258  O  OG  . SER A 1 31  ? -4.437  -2.051  9.171   1.00 5.31  ? 769 SER A OG  1 
ATOM   259  N  N   . ASP A 1 32  ? -7.724  -1.477  9.058   1.00 2.07  ? 770 ASP A N   1 
ATOM   260  C  CA  . ASP A 1 32  ? -8.925  -2.185  9.412   1.00 6.89  ? 770 ASP A CA  1 
ATOM   261  C  C   . ASP A 1 32  ? -10.068 -2.012  8.405   1.00 7.13  ? 770 ASP A C   1 
ATOM   262  O  O   . ASP A 1 32  ? -10.780 -2.963  8.105   1.00 6.38  ? 770 ASP A O   1 
ATOM   263  C  CB  . ASP A 1 32  ? -9.417  -1.737  10.777  1.00 10.42 ? 770 ASP A CB  1 
ATOM   264  C  CG  . ASP A 1 32  ? -8.593  -2.342  11.935  1.00 8.46  ? 770 ASP A CG  1 
ATOM   265  O  OD1 . ASP A 1 32  ? -7.692  -3.179  11.689  1.00 16.16 ? 770 ASP A OD1 1 
ATOM   266  O  OD2 . ASP A 1 32  ? -8.924  -1.975  13.076  1.00 14.70 ? 770 ASP A OD2 1 
ATOM   267  N  N   . SER A 1 33  ? -10.224 -0.811  7.866   1.00 5.45  ? 771 SER A N   1 
ATOM   268  C  CA  . SER A 1 33  ? -11.343 -0.562  6.975   1.00 11.07 ? 771 SER A CA  1 
ATOM   269  C  C   . SER A 1 33  ? -11.138 -1.247  5.620   1.00 5.19  ? 771 SER A C   1 
ATOM   270  O  O   . SER A 1 33  ? -12.097 -1.398  4.883   1.00 8.95  ? 771 SER A O   1 
ATOM   271  C  CB  . SER A 1 33  ? -11.591 0.941   6.822   1.00 11.72 ? 771 SER A CB  1 
ATOM   272  O  OG  . SER A 1 33  ? -10.590 1.525   6.041   1.00 11.39 ? 771 SER A OG  1 
ATOM   273  N  N   . LEU A 1 34  ? -9.905  -1.671  5.322   1.00 6.81  ? 772 LEU A N   1 
ATOM   274  C  CA  . LEU A 1 34  ? -9.589  -2.378  4.082   1.00 10.38 ? 772 LEU A CA  1 
ATOM   275  C  C   . LEU A 1 34  ? -9.616  -3.900  4.234   1.00 20.11 ? 772 LEU A C   1 
ATOM   276  O  O   . LEU A 1 34  ? -9.232  -4.620  3.299   1.00 12.88 ? 772 LEU A O   1 
ATOM   277  C  CB  . LEU A 1 34  ? -8.224  -1.951  3.536   1.00 11.35 ? 772 LEU A CB  1 
ATOM   278  C  CG  . LEU A 1 34  ? -8.335  -0.712  2.638   1.00 21.64 ? 772 LEU A CG  1 
ATOM   279  C  CD1 . LEU A 1 34  ? -8.553  0.526   3.488   1.00 10.37 ? 772 LEU A CD1 1 
ATOM   280  C  CD2 . LEU A 1 34  ? -7.112  -0.582  1.780   1.00 8.97  ? 772 LEU A CD2 1 
ATOM   281  N  N   . ALA A 1 35  ? -10.072 -4.381  5.395   1.00 12.96 ? 773 ALA A N   1 
ATOM   282  C  CA  . ALA A 1 35  ? -10.104 -5.835  5.664   1.00 18.81 ? 773 ALA A CA  1 
ATOM   283  C  C   . ALA A 1 35  ? -11.024 -6.618  4.745   1.00 15.87 ? 773 ALA A C   1 
ATOM   284  O  O   . ALA A 1 35  ? -10.747 -7.776  4.448   1.00 24.68 ? 773 ALA A O   1 
ATOM   285  C  CB  . ALA A 1 35  ? -10.502 -6.106  7.115   1.00 17.48 ? 773 ALA A CB  1 
ATOM   286  N  N   . GLU A 1 36  ? -12.119 -6.006  4.317   1.00 10.95 ? 774 GLU A N   1 
ATOM   287  C  CA  . GLU A 1 36  ? -13.130 -6.690  3.543   1.00 17.14 ? 774 GLU A CA  1 
ATOM   288  C  C   . GLU A 1 36  ? -13.037 -6.379  2.051   1.00 18.85 ? 774 GLU A C   1 
ATOM   289  O  O   . GLU A 1 36  ? -13.945 -6.728  1.310   1.00 16.83 ? 774 GLU A O   1 
ATOM   290  C  CB  . GLU A 1 36  ? -14.521 -6.311  4.054   1.00 19.67 ? 774 GLU A CB  1 
ATOM   291  N  N   . ILE A 1 37  ? -11.949 -5.750  1.600   1.00 12.74 ? 775 ILE A N   1 
ATOM   292  C  CA  . ILE A 1 37  ? -11.772 -5.481  0.168   1.00 14.93 ? 775 ILE A CA  1 
ATOM   293  C  C   . ILE A 1 37  ? -11.747 -6.840  -0.531  1.00 8.72  ? 775 ILE A C   1 
ATOM   294  O  O   . ILE A 1 37  ? -11.011 -7.723  -0.097  1.00 7.65  ? 775 ILE A O   1 
ATOM   295  C  CB  . ILE A 1 37  ? -10.430 -4.738  -0.110  1.00 11.34 ? 775 ILE A CB  1 
ATOM   296  C  CG1 . ILE A 1 37  ? -10.452 -3.340  0.514   1.00 26.32 ? 775 ILE A CG1 1 
ATOM   297  C  CG2 . ILE A 1 37  ? -10.154 -4.600  -1.577  1.00 24.34 ? 775 ILE A CG2 1 
ATOM   298  C  CD1 . ILE A 1 37  ? -11.665 -2.566  0.180   1.00 13.16 ? 775 ILE A CD1 1 
ATOM   299  N  N   . PRO A 1 38  ? -12.518 -7.000  -1.629  1.00 8.56  ? 776 PRO A N   1 
ATOM   300  C  CA  . PRO A 1 38  ? -12.433 -8.278  -2.317  1.00 9.37  ? 776 PRO A CA  1 
ATOM   301  C  C   . PRO A 1 38  ? -11.046 -8.437  -2.914  1.00 6.92  ? 776 PRO A C   1 
ATOM   302  O  O   . PRO A 1 38  ? -10.431 -7.453  -3.320  1.00 8.90  ? 776 PRO A O   1 
ATOM   303  C  CB  . PRO A 1 38  ? -13.524 -8.187  -3.388  1.00 13.70 ? 776 PRO A CB  1 
ATOM   304  C  CG  . PRO A 1 38  ? -13.781 -6.758  -3.578  1.00 8.69  ? 776 PRO A CG  1 
ATOM   305  C  CD  . PRO A 1 38  ? -13.438 -6.068  -2.291  1.00 10.71 ? 776 PRO A CD  1 
ATOM   306  N  N   . ALA A 1 39  ? -10.540 -9.667  -2.904  1.00 5.52  ? 777 ALA A N   1 
ATOM   307  C  CA  . ALA A 1 39  ? -9.221  -10.006 -3.441  1.00 6.97  ? 777 ALA A CA  1 
ATOM   308  C  C   . ALA A 1 39  ? -9.131  -9.742  -4.971  1.00 7.75  ? 777 ALA A C   1 
ATOM   309  O  O   . ALA A 1 39  ? -8.045  -9.558  -5.538  1.00 8.95  ? 777 ALA A O   1 
ATOM   310  C  CB  . ALA A 1 39  ? -8.942  -11.499 -3.149  1.00 6.15  ? 777 ALA A CB  1 
ATOM   311  N  N   . VAL A 1 40  ? -10.282 -9.767  -5.622  1.00 5.90  ? 778 VAL A N   1 
ATOM   312  C  CA  . VAL A 1 40  ? -10.398 -9.591  -7.071  1.00 3.49  ? 778 VAL A CA  1 
ATOM   313  C  C   . VAL A 1 40  ? -11.469 -8.546  -7.333  1.00 8.08  ? 778 VAL A C   1 
ATOM   314  O  O   . VAL A 1 40  ? -12.588 -8.632  -6.834  1.00 7.51  ? 778 VAL A O   1 
ATOM   315  C  CB  . VAL A 1 40  ? -10.693 -10.923 -7.802  1.00 9.88  ? 778 VAL A CB  1 
ATOM   316  C  CG1 . VAL A 1 40  ? -10.969 -10.676 -9.324  1.00 13.83 ? 778 VAL A CG1 1 
ATOM   317  C  CG2 . VAL A 1 40  ? -9.548  -11.906 -7.603  1.00 12.15 ? 778 VAL A CG2 1 
ATOM   318  N  N   . ASP A 1 41  ? -11.080 -7.508  -8.060  1.00 5.86  ? 779 ASP A N   1 
ATOM   319  C  CA  . ASP A 1 41  ? -12.006 -6.522  -8.548  1.00 2.95  ? 779 ASP A CA  1 
ATOM   320  C  C   . ASP A 1 41  ? -12.717 -7.157  -9.742  1.00 5.18  ? 779 ASP A C   1 
ATOM   321  O  O   . ASP A 1 41  ? -12.041 -7.555  -10.698 1.00 2.10  ? 779 ASP A O   1 
ATOM   322  C  CB  . ASP A 1 41  ? -11.234 -5.276  -9.001  1.00 4.09  ? 779 ASP A CB  1 
ATOM   323  C  CG  . ASP A 1 41  ? -12.128 -4.164  -9.441  1.00 4.04  ? 779 ASP A CG  1 
ATOM   324  O  OD1 . ASP A 1 41  ? -11.611 -3.032  -9.560  1.00 7.89  ? 779 ASP A OD1 1 
ATOM   325  O  OD2 . ASP A 1 41  ? -13.340 -4.411  -9.683  1.00 5.52  ? 779 ASP A OD2 1 
ATOM   326  N  N   . PRO A 1 42  ? -14.062 -7.282  -9.681  1.00 5.82  ? 780 PRO A N   1 
ATOM   327  C  CA  . PRO A 1 42  ? -14.796 -7.927  -10.790 1.00 6.36  ? 780 PRO A CA  1 
ATOM   328  C  C   . PRO A 1 42  ? -14.625 -7.228  -12.133 1.00 6.95  ? 780 PRO A C   1 
ATOM   329  O  O   . PRO A 1 42  ? -14.840 -7.852  -13.190 1.00 9.50  ? 780 PRO A O   1 
ATOM   330  C  CB  . PRO A 1 42  ? -16.268 -7.883  -10.344 1.00 9.53  ? 780 PRO A CB  1 
ATOM   331  C  CG  . PRO A 1 42  ? -16.325 -7.160  -9.052  1.00 11.73 ? 780 PRO A CG  1 
ATOM   332  C  CD  . PRO A 1 42  ? -14.940 -6.940  -8.545  1.00 8.11  ? 780 PRO A CD  1 
ATOM   333  N  N   . ASN A 1 43  ? -14.272 -5.944  -12.094 1.00 5.23  ? 781 ASN A N   1 
ATOM   334  C  CA  . ASN A 1 43  ? -13.940 -5.171  -13.288 1.00 11.23 ? 781 ASN A CA  1 
ATOM   335  C  C   . ASN A 1 43  ? -12.602 -5.586  -13.908 1.00 11.23 ? 781 ASN A C   1 
ATOM   336  O  O   . ASN A 1 43  ? -12.348 -5.310  -15.079 1.00 16.67 ? 781 ASN A O   1 
ATOM   337  C  CB  . ASN A 1 43  ? -13.902 -3.672  -12.969 1.00 12.41 ? 781 ASN A CB  1 
ATOM   338  C  CG  . ASN A 1 43  ? -15.259 -3.121  -12.588 1.00 19.32 ? 781 ASN A CG  1 
ATOM   339  O  OD1 . ASN A 1 43  ? -16.238 -3.264  -13.324 1.00 12.12 ? 781 ASN A OD1 1 
ATOM   340  N  ND2 . ASN A 1 43  ? -15.327 -2.488  -11.423 1.00 37.67 ? 781 ASN A ND2 1 
ATOM   341  N  N   . PHE A 1 44  ? -11.760 -6.244  -13.123 1.00 2.00  ? 782 PHE A N   1 
ATOM   342  C  CA  . PHE A 1 44  ? -10.429 -6.665  -13.565 1.00 3.62  ? 782 PHE A CA  1 
ATOM   343  C  C   . PHE A 1 44  ? -10.181 -8.081  -13.080 1.00 2.03  ? 782 PHE A C   1 
ATOM   344  O  O   . PHE A 1 44  ? -9.332  -8.325  -12.191 1.00 4.73  ? 782 PHE A O   1 
ATOM   345  C  CB  . PHE A 1 44  ? -9.370  -5.674  -13.061 1.00 3.77  ? 782 PHE A CB  1 
ATOM   346  C  CG  . PHE A 1 44  ? -9.605  -4.276  -13.554 1.00 12.37 ? 782 PHE A CG  1 
ATOM   347  C  CD1 . PHE A 1 44  ? -9.209  -3.902  -14.832 1.00 32.35 ? 782 PHE A CD1 1 
ATOM   348  C  CD2 . PHE A 1 44  ? -10.296 -3.356  -12.776 1.00 26.28 ? 782 PHE A CD2 1 
ATOM   349  C  CE1 . PHE A 1 44  ? -9.465  -2.618  -15.311 1.00 36.78 ? 782 PHE A CE1 1 
ATOM   350  C  CE2 . PHE A 1 44  ? -10.557 -2.072  -13.244 1.00 31.48 ? 782 PHE A CE2 1 
ATOM   351  C  CZ  . PHE A 1 44  ? -10.139 -1.701  -14.513 1.00 40.27 ? 782 PHE A CZ  1 
ATOM   352  N  N   . PRO A 1 45  ? -10.951 -9.027  -13.627 1.00 2.00  ? 783 PRO A N   1 
ATOM   353  C  CA  . PRO A 1 45  ? -10.986 -10.387 -13.088 1.00 5.48  ? 783 PRO A CA  1 
ATOM   354  C  C   . PRO A 1 45  ? -9.739  -11.250 -13.317 1.00 9.89  ? 783 PRO A C   1 
ATOM   355  O  O   . PRO A 1 45  ? -9.630  -12.306 -12.692 1.00 7.85  ? 783 PRO A O   1 
ATOM   356  C  CB  . PRO A 1 45  ? -12.191 -11.022 -13.814 1.00 2.08  ? 783 PRO A CB  1 
ATOM   357  C  CG  . PRO A 1 45  ? -12.305 -10.275 -15.098 1.00 2.39  ? 783 PRO A CG  1 
ATOM   358  C  CD  . PRO A 1 45  ? -11.801 -8.882  -14.831 1.00 7.61  ? 783 PRO A CD  1 
ATOM   359  N  N   . ASN A 1 46  ? -8.824  -10.832 -14.197 1.00 8.71  ? 784 ASN A N   1 
ATOM   360  C  CA  . ASN A 1 46  ? -7.629  -11.637 -14.493 1.00 9.25  ? 784 ASN A CA  1 
ATOM   361  C  C   . ASN A 1 46  ? -6.396  -11.370 -13.613 1.00 16.12 ? 784 ASN A C   1 
ATOM   362  O  O   . ASN A 1 46  ? -5.451  -12.164 -13.608 1.00 16.77 ? 784 ASN A O   1 
ATOM   363  C  CB  . ASN A 1 46  ? -7.271  -11.511 -15.974 1.00 14.17 ? 784 ASN A CB  1 
ATOM   364  C  CG  . ASN A 1 46  ? -8.216  -12.290 -16.853 1.00 15.09 ? 784 ASN A CG  1 
ATOM   365  O  OD1 . ASN A 1 46  ? -8.585  -13.425 -16.531 1.00 17.89 ? 784 ASN A OD1 1 
ATOM   366  N  ND2 . ASN A 1 46  ? -8.627  -11.691 -17.969 1.00 10.19 ? 784 ASN A ND2 1 
ATOM   367  N  N   . LYS A 1 47  ? -6.414  -10.274 -12.866 1.00 16.74 ? 785 LYS A N   1 
ATOM   368  C  CA  . LYS A 1 47  ? -5.366  -10.013 -11.867 1.00 16.65 ? 785 LYS A CA  1 
ATOM   369  C  C   . LYS A 1 47  ? -5.410  -11.091 -10.770 1.00 21.30 ? 785 LYS A C   1 
ATOM   370  O  O   . LYS A 1 47  ? -6.494  -11.410 -10.263 1.00 17.97 ? 785 LYS A O   1 
ATOM   371  C  CB  . LYS A 1 47  ? -5.520  -8.603  -11.285 1.00 15.30 ? 785 LYS A CB  1 
ATOM   372  C  CG  . LYS A 1 47  ? -5.403  -7.484  -12.341 1.00 29.40 ? 785 LYS A CG  1 
ATOM   373  C  CD  . LYS A 1 47  ? -5.592  -6.059  -11.777 1.00 34.00 ? 785 LYS A CD  1 
ATOM   374  C  CE  . LYS A 1 47  ? -5.571  -5.017  -12.917 1.00 45.66 ? 785 LYS A CE  1 
ATOM   375  N  NZ  . LYS A 1 47  ? -5.757  -3.588  -12.494 1.00 43.02 ? 785 LYS A NZ  1 
ATOM   376  N  N   . PRO A 1 48  ? -4.239  -11.685 -10.426 1.00 22.85 ? 786 PRO A N   1 
ATOM   377  C  CA  . PRO A 1 48  ? -4.160  -12.651 -9.322  1.00 23.83 ? 786 PRO A CA  1 
ATOM   378  C  C   . PRO A 1 48  ? -4.778  -12.114 -8.023  1.00 15.62 ? 786 PRO A C   1 
ATOM   379  O  O   . PRO A 1 48  ? -4.702  -10.900 -7.776  1.00 9.87  ? 786 PRO A O   1 
ATOM   380  C  CB  . PRO A 1 48  ? -2.647  -12.844 -9.132  1.00 25.09 ? 786 PRO A CB  1 
ATOM   381  C  CG  . PRO A 1 48  ? -2.067  -12.585 -10.481 1.00 34.69 ? 786 PRO A CG  1 
ATOM   382  C  CD  . PRO A 1 48  ? -2.941  -11.536 -11.117 1.00 27.14 ? 786 PRO A CD  1 
ATOM   383  N  N   . PRO A 1 49  ? -5.398  -12.996 -7.209  1.00 19.27 ? 787 PRO A N   1 
ATOM   384  C  CA  . PRO A 1 49  ? -5.948  -12.486 -5.955  1.00 19.41 ? 787 PRO A CA  1 
ATOM   385  C  C   . PRO A 1 49  ? -4.850  -11.918 -5.078  1.00 14.63 ? 787 PRO A C   1 
ATOM   386  O  O   . PRO A 1 49  ? -3.755  -12.501 -4.966  1.00 13.17 ? 787 PRO A O   1 
ATOM   387  C  CB  . PRO A 1 49  ? -6.583  -13.722 -5.293  1.00 20.68 ? 787 PRO A CB  1 
ATOM   388  C  CG  . PRO A 1 49  ? -6.053  -14.891 -6.041  1.00 31.21 ? 787 PRO A CG  1 
ATOM   389  C  CD  . PRO A 1 49  ? -5.764  -14.400 -7.428  1.00 21.95 ? 787 PRO A CD  1 
ATOM   390  N  N   . LEU A 1 50  ? -5.096  -10.744 -4.532  1.00 11.32 ? 788 LEU A N   1 
ATOM   391  C  CA  . LEU A 1 50  ? -4.109  -10.104 -3.648  1.00 8.86  ? 788 LEU A CA  1 
ATOM   392  C  C   . LEU A 1 50  ? -4.853  -9.331  -2.609  1.00 7.44  ? 788 LEU A C   1 
ATOM   393  O  O   . LEU A 1 50  ? -5.720  -8.519  -2.922  1.00 4.82  ? 788 LEU A O   1 
ATOM   394  C  CB  . LEU A 1 50  ? -3.209  -9.158  -4.437  1.00 16.97 ? 788 LEU A CB  1 
ATOM   395  C  CG  . LEU A 1 50  ? -1.715  -8.937  -4.213  1.00 24.65 ? 788 LEU A CG  1 
ATOM   396  C  CD1 . LEU A 1 50  ? -0.884  -10.177 -3.852  1.00 7.33  ? 788 LEU A CD1 1 
ATOM   397  C  CD2 . LEU A 1 50  ? -1.175  -8.337  -5.528  1.00 13.06 ? 788 LEU A CD2 1 
ATOM   398  N  N   . THR A 1 51  ? -4.469  -9.553  -1.362  1.00 6.52  ? 789 THR A N   1 
ATOM   399  C  CA  . THR A 1 51  ? -5.070  -8.913  -0.228  1.00 9.44  ? 789 THR A CA  1 
ATOM   400  C  C   . THR A 1 51  ? -3.959  -8.662  0.753   1.00 6.83  ? 789 THR A C   1 
ATOM   401  O  O   . THR A 1 51  ? -2.857  -9.219  0.601   1.00 7.76  ? 789 THR A O   1 
ATOM   402  C  CB  . THR A 1 51  ? -6.072  -9.846  0.474   1.00 7.11  ? 789 THR A CB  1 
ATOM   403  O  OG1 . THR A 1 51  ? -5.400  -11.045 0.933   1.00 6.96  ? 789 THR A OG1 1 
ATOM   404  C  CG2 . THR A 1 51  ? -7.220  -10.216 -0.467  1.00 7.62  ? 789 THR A CG2 1 
ATOM   405  N  N   . PHE A 1 52  ? -4.217  -7.865  1.777   1.00 4.92  ? 790 PHE A N   1 
ATOM   406  C  CA  . PHE A 1 52  ? -3.198  -7.704  2.818   1.00 6.81  ? 790 PHE A CA  1 
ATOM   407  C  C   . PHE A 1 52  ? -2.849  -9.029  3.528   1.00 8.05  ? 790 PHE A C   1 
ATOM   408  O  O   . PHE A 1 52  ? -1.707  -9.195  3.949   1.00 7.55  ? 790 PHE A O   1 
ATOM   409  C  CB  . PHE A 1 52  ? -3.578  -6.634  3.845   1.00 7.38  ? 790 PHE A CB  1 
ATOM   410  C  CG  . PHE A 1 52  ? -3.556  -5.214  3.317   1.00 4.63  ? 790 PHE A CG  1 
ATOM   411  C  CD1 . PHE A 1 52  ? -2.529  -4.733  2.487   1.00 4.54  ? 790 PHE A CD1 1 
ATOM   412  C  CD2 . PHE A 1 52  ? -4.563  -4.325  3.693   1.00 10.66 ? 790 PHE A CD2 1 
ATOM   413  C  CE1 . PHE A 1 52  ? -2.532  -3.399  2.036   1.00 6.50  ? 790 PHE A CE1 1 
ATOM   414  C  CE2 . PHE A 1 52  ? -4.539  -3.000  3.271   1.00 12.61 ? 790 PHE A CE2 1 
ATOM   415  C  CZ  . PHE A 1 52  ? -3.526  -2.540  2.448   1.00 8.47  ? 790 PHE A CZ  1 
ATOM   416  N  N   . ASP A 1 53  ? -3.806  -9.947  3.714   1.00 6.77  ? 791 ASP A N   1 
ATOM   417  C  CA  A ASP A 1 53  ? -3.579  -11.275 4.305   0.50 8.59  ? 791 ASP A CA  1 
ATOM   418  C  CA  B ASP A 1 53  ? -3.429  -11.207 4.369   0.50 11.60 ? 791 ASP A CA  1 
ATOM   419  C  C   . ASP A 1 53  ? -2.565  -12.072 3.461   1.00 5.89  ? 791 ASP A C   1 
ATOM   420  O  O   . ASP A 1 53  ? -1.683  -12.752 3.958   1.00 5.45  ? 791 ASP A O   1 
ATOM   421  C  CB  A ASP A 1 53  ? -4.917  -12.054 4.391   0.50 5.37  ? 791 ASP A CB  1 
ATOM   422  C  CB  B ASP A 1 53  ? -4.593  -12.012 4.954   0.50 15.89 ? 791 ASP A CB  1 
ATOM   423  C  CG  A ASP A 1 53  ? -5.874  -11.529 5.502   0.50 17.15 ? 791 ASP A CG  1 
ATOM   424  C  CG  B ASP A 1 53  ? -4.111  -13.130 5.903   0.50 21.34 ? 791 ASP A CG  1 
ATOM   425  O  OD1 A ASP A 1 53  ? -5.438  -10.896 6.485   0.50 12.40 ? 791 ASP A OD1 1 
ATOM   426  O  OD1 B ASP A 1 53  ? -3.157  -12.927 6.722   0.50 12.86 ? 791 ASP A OD1 1 
ATOM   427  O  OD2 A ASP A 1 53  ? -7.095  -11.758 5.396   0.50 16.50 ? 791 ASP A OD2 1 
ATOM   428  O  OD2 B ASP A 1 53  ? -4.670  -14.237 5.808   0.50 30.84 ? 791 ASP A OD2 1 
ATOM   429  N  N   . ILE A 1 54  ? -2.729  -12.008 2.141   1.00 5.78  ? 792 ILE A N   1 
ATOM   430  C  CA  . ILE A 1 54  ? -1.840  -12.740 1.219   1.00 4.50  ? 792 ILE A CA  1 
ATOM   431  C  C   . ILE A 1 54  ? -0.418  -12.127 1.259   1.00 4.02  ? 792 ILE A C   1 
ATOM   432  O  O   . ILE A 1 54  ? 0.611   -12.833 1.317   1.00 5.11  ? 792 ILE A O   1 
ATOM   433  C  CB  . ILE A 1 54  ? -2.427  -12.750 -0.260  1.00 4.85  ? 792 ILE A CB  1 
ATOM   434  C  CG1 . ILE A 1 54  ? -3.711  -13.603 -0.340  1.00 7.26  ? 792 ILE A CG1 1 
ATOM   435  C  CG2 . ILE A 1 54  ? -1.371  -13.257 -1.216  1.00 7.84  ? 792 ILE A CG2 1 
ATOM   436  C  CD1 . ILE A 1 54  ? -4.543  -13.467 -1.686  1.00 6.86  ? 792 ILE A CD1 1 
ATOM   437  N  N   . ILE A 1 55  ? -0.352  -10.800 1.259   1.00 4.19  ? 793 ILE A N   1 
ATOM   438  C  CA  . ILE A 1 55  ? 0.942   -10.091 1.314   1.00 4.23  ? 793 ILE A CA  1 
ATOM   439  C  C   . ILE A 1 55  ? 1.622   -10.380 2.677   1.00 4.30  ? 793 ILE A C   1 
ATOM   440  O  O   . ILE A 1 55  ? 2.819   -10.712 2.730   1.00 2.98  ? 793 ILE A O   1 
ATOM   441  C  CB  . ILE A 1 55  ? 0.757   -8.545  1.068   1.00 3.85  ? 793 ILE A CB  1 
ATOM   442  C  CG1 . ILE A 1 55  ? 0.207   -8.288  -0.317  1.00 4.21  ? 793 ILE A CG1 1 
ATOM   443  C  CG2 . ILE A 1 55  ? 2.064   -7.766  1.374   1.00 2.46  ? 793 ILE A CG2 1 
ATOM   444  C  CD1 . ILE A 1 55  ? -0.289  -6.845  -0.500  1.00 2.10  ? 793 ILE A CD1 1 
ATOM   445  N  N   . ARG A 1 56  ? 0.855   -10.405 3.744   1.00 4.56  ? 794 ARG A N   1 
ATOM   446  C  CA  . ARG A 1 56  ? 1.400   -10.745 5.091   1.00 2.99  ? 794 ARG A CA  1 
ATOM   447  C  C   . ARG A 1 56  ? 2.084   -12.105 5.122   1.00 3.22  ? 794 ARG A C   1 
ATOM   448  O  O   . ARG A 1 56  ? 3.192   -12.254 5.662   1.00 4.91  ? 794 ARG A O   1 
ATOM   449  C  CB  . ARG A 1 56  ? 0.339   -10.725 6.133   1.00 2.00  ? 794 ARG A CB  1 
ATOM   450  C  CG  . ARG A 1 56  ? 0.857   -10.978 7.520   1.00 4.68  ? 794 ARG A CG  1 
ATOM   451  C  CD  . ARG A 1 56  ? -0.165  -10.987 8.517   1.00 14.01 ? 794 ARG A CD  1 
ATOM   452  N  NE  . ARG A 1 56  ? -0.858  -9.712  8.581   1.00 11.35 ? 794 ARG A NE  1 
ATOM   453  C  CZ  . ARG A 1 56  ? -2.139  -9.534  8.286   1.00 21.59 ? 794 ARG A CZ  1 
ATOM   454  N  NH1 . ARG A 1 56  ? -2.912  -10.548 7.893   1.00 17.23 ? 794 ARG A NH1 1 
ATOM   455  N  NH2 . ARG A 1 56  ? -2.651  -8.320  8.398   1.00 17.82 ? 794 ARG A NH2 1 
ATOM   456  N  N   . LYS A 1 57  ? 1.406   -13.098 4.556   1.00 2.02  ? 795 LYS A N   1 
ATOM   457  C  CA  . LYS A 1 57  ? 1.941   -14.445 4.495   1.00 4.51  ? 795 LYS A CA  1 
ATOM   458  C  C   . LYS A 1 57  ? 3.293   -14.447 3.787   1.00 3.91  ? 795 LYS A C   1 
ATOM   459  O  O   . LYS A 1 57  ? 4.240   -15.081 4.261   1.00 3.86  ? 795 LYS A O   1 
ATOM   460  C  CB  . LYS A 1 57  ? 0.957   -15.410 3.808   1.00 2.40  ? 795 LYS A CB  1 
ATOM   461  C  CG  . LYS A 1 57  ? -0.407  -15.600 4.451   1.00 12.16 ? 795 LYS A CG  1 
ATOM   462  C  CD  . LYS A 1 57  ? -1.258  -16.653 3.662   1.00 12.84 ? 795 LYS A CD  1 
ATOM   463  C  CE  . LYS A 1 57  ? -2.638  -16.920 4.280   1.00 24.55 ? 795 LYS A CE  1 
ATOM   464  N  NZ  . LYS A 1 57  ? -3.224  -18.228 3.820   1.00 20.37 ? 795 LYS A NZ  1 
ATOM   465  N  N   . ASN A 1 58  ? 3.386   -13.739 2.664   1.00 4.73  ? 796 ASN A N   1 
ATOM   466  C  CA  . ASN A 1 58  ? 4.641   -13.584 1.940   1.00 2.00  ? 796 ASN A CA  1 
ATOM   467  C  C   . ASN A 1 58  ? 5.725   -12.860 2.771   1.00 6.69  ? 796 ASN A C   1 
ATOM   468  O  O   . ASN A 1 58  ? 6.875   -13.300 2.819   1.00 4.53  ? 796 ASN A O   1 
ATOM   469  C  CB  . ASN A 1 58  ? 4.401   -12.818 0.628   1.00 4.12  ? 796 ASN A CB  1 
ATOM   470  C  CG  . ASN A 1 58  ? 3.532   -13.588 -0.398  1.00 8.11  ? 796 ASN A CG  1 
ATOM   471  O  OD1 . ASN A 1 58  ? 3.482   -14.812 -0.384  1.00 8.84  ? 796 ASN A OD1 1 
ATOM   472  N  ND2 . ASN A 1 58  ? 2.866   -12.846 -1.311  1.00 10.82 ? 796 ASN A ND2 1 
ATOM   473  N  N   . VAL A 1 59  ? 5.347   -11.747 3.399   1.00 3.75  ? 797 VAL A N   1 
ATOM   474  C  CA  . VAL A 1 59  ? 6.258   -10.953 4.244   1.00 3.81  ? 797 VAL A CA  1 
ATOM   475  C  C   . VAL A 1 59  ? 6.819   -11.862 5.363   1.00 6.22  ? 797 VAL A C   1 
ATOM   476  O  O   . VAL A 1 59  ? 8.031   -11.930 5.550   1.00 3.70  ? 797 VAL A O   1 
ATOM   477  C  CB  . VAL A 1 59  ? 5.543   -9.715  4.829   1.00 3.29  ? 797 VAL A CB  1 
ATOM   478  C  CG1 . VAL A 1 59  ? 6.373   -9.102  5.970   1.00 5.59  ? 797 VAL A CG1 1 
ATOM   479  C  CG2 . VAL A 1 59  ? 5.261   -8.707  3.770   1.00 4.38  ? 797 VAL A CG2 1 
ATOM   480  N  N   . GLU A 1 60  ? 5.953   -12.567 6.070   1.00 7.08  ? 798 GLU A N   1 
ATOM   481  C  CA  . GLU A 1 60  ? 6.402   -13.396 7.219   1.00 7.82  ? 798 GLU A CA  1 
ATOM   482  C  C   . GLU A 1 60  ? 7.201   -14.607 6.835   1.00 9.00  ? 798 GLU A C   1 
ATOM   483  O  O   . GLU A 1 60  ? 7.994   -15.148 7.624   1.00 15.64 ? 798 GLU A O   1 
ATOM   484  C  CB  . GLU A 1 60  ? 5.222   -13.773 8.107   1.00 4.77  ? 798 GLU A CB  1 
ATOM   485  C  CG  . GLU A 1 60  ? 4.602   -12.584 8.756   1.00 7.79  ? 798 GLU A CG  1 
ATOM   486  C  CD  . GLU A 1 60  ? 5.522   -11.944 9.774   1.00 11.11 ? 798 GLU A CD  1 
ATOM   487  O  OE1 . GLU A 1 60  ? 6.706   -12.372 9.944   1.00 8.77  ? 798 GLU A OE1 1 
ATOM   488  O  OE2 . GLU A 1 60  ? 5.053   -11.023 10.422  1.00 8.70  ? 798 GLU A OE2 1 
ATOM   489  N  N   . ASN A 1 61  ? 7.036   -15.058 5.610   1.00 6.58  ? 799 ASN A N   1 
ATOM   490  C  CA  . ASN A 1 61  ? 7.823   -16.150 5.132   1.00 11.38 ? 799 ASN A CA  1 
ATOM   491  C  C   . ASN A 1 61  ? 8.990   -15.679 4.248   1.00 5.25  ? 799 ASN A C   1 
ATOM   492  O  O   . ASN A 1 61  ? 9.565   -16.460 3.515   1.00 5.15  ? 799 ASN A O   1 
ATOM   493  C  CB  . ASN A 1 61  ? 6.903   -17.148 4.480   1.00 7.30  ? 799 ASN A CB  1 
ATOM   494  C  CG  . ASN A 1 61  ? 6.030   -17.870 5.526   1.00 30.58 ? 799 ASN A CG  1 
ATOM   495  O  OD1 . ASN A 1 61  ? 6.479   -18.850 6.107   1.00 21.25 ? 799 ASN A OD1 1 
ATOM   496  N  ND2 . ASN A 1 61  ? 4.814   -17.344 5.812   1.00 18.93 ? 799 ASN A ND2 1 
ATOM   497  N  N   . ASN A 1 62  ? 9.312   -14.383 4.344   1.00 8.36  ? 800 ASN A N   1 
ATOM   498  C  CA  . ASN A 1 62  ? 10.480  -13.800 3.698   1.00 7.41  ? 800 ASN A CA  1 
ATOM   499  C  C   . ASN A 1 62  ? 10.534  -14.048 2.191   1.00 2.67  ? 800 ASN A C   1 
ATOM   500  O  O   . ASN A 1 62  ? 11.610  -14.149 1.584   1.00 5.25  ? 800 ASN A O   1 
ATOM   501  C  CB  . ASN A 1 62  ? 11.747  -14.231 4.443   1.00 13.42 ? 800 ASN A CB  1 
ATOM   502  C  CG  . ASN A 1 62  ? 11.816  -13.624 5.849   1.00 10.74 ? 800 ASN A CG  1 
ATOM   503  O  OD1 . ASN A 1 62  ? 11.694  -12.409 6.037   1.00 11.59 ? 800 ASN A OD1 1 
ATOM   504  N  ND2 . ASN A 1 62  ? 11.987  -14.480 6.839   1.00 20.56 ? 800 ASN A ND2 1 
ATOM   505  N  N   . ARG A 1 63  ? 9.344   -14.079 1.581   1.00 2.00  ? 801 ARG A N   1 
ATOM   506  C  CA  . ARG A 1 63  ? 9.213   -14.327 0.165   1.00 3.50  ? 801 ARG A CA  1 
ATOM   507  C  C   . ARG A 1 63  ? 9.487   -13.091 -0.687  1.00 3.88  ? 801 ARG A C   1 
ATOM   508  O  O   . ARG A 1 63  ? 9.676   -13.242 -1.877  1.00 4.44  ? 801 ARG A O   1 
ATOM   509  C  CB  . ARG A 1 63  ? 7.811   -14.864 -0.184  1.00 5.37  ? 801 ARG A CB  1 
ATOM   510  C  CG  . ARG A 1 63  ? 7.450   -16.209 0.504   1.00 12.24 ? 801 ARG A CG  1 
ATOM   511  C  CD  . ARG A 1 63  ? 8.392   -17.346 0.154   1.00 22.96 ? 801 ARG A CD  1 
ATOM   512  N  NE  . ARG A 1 63  ? 8.547   -17.538 -1.297  1.00 28.71 ? 801 ARG A NE  1 
ATOM   513  C  CZ  . ARG A 1 63  ? 7.843   -18.389 -2.049  1.00 39.58 ? 801 ARG A CZ  1 
ATOM   514  N  NH1 . ARG A 1 63  ? 8.068   -18.448 -3.356  1.00 34.86 ? 801 ARG A NH1 1 
ATOM   515  N  NH2 . ARG A 1 63  ? 6.916   -19.182 -1.516  1.00 39.67 ? 801 ARG A NH2 1 
ATOM   516  N  N   . TYR A 1 64  ? 9.450   -11.887 -0.119  1.00 6.55  ? 802 TYR A N   1 
ATOM   517  C  CA  . TYR A 1 64  ? 9.810   -10.703 -0.903  1.00 2.00  ? 802 TYR A CA  1 
ATOM   518  C  C   . TYR A 1 64  ? 11.304  -10.475 -0.773  1.00 5.76  ? 802 TYR A C   1 
ATOM   519  O  O   . TYR A 1 64  ? 11.809  -10.173 0.325   1.00 7.27  ? 802 TYR A O   1 
ATOM   520  C  CB  . TYR A 1 64  ? 9.055   -9.447  -0.494  1.00 5.03  ? 802 TYR A CB  1 
ATOM   521  C  CG  . TYR A 1 64  ? 7.582   -9.527  -0.760  1.00 5.01  ? 802 TYR A CG  1 
ATOM   522  C  CD1 . TYR A 1 64  ? 7.099   -9.458  -2.049  1.00 4.12  ? 802 TYR A CD1 1 
ATOM   523  C  CD2 . TYR A 1 64  ? 6.671   -9.663  0.267   1.00 2.84  ? 802 TYR A CD2 1 
ATOM   524  C  CE1 . TYR A 1 64  ? 5.745   -9.524  -2.312  1.00 6.88  ? 802 TYR A CE1 1 
ATOM   525  C  CE2 . TYR A 1 64  ? 5.330   -9.744  0.029   1.00 2.29  ? 802 TYR A CE2 1 
ATOM   526  C  CZ  . TYR A 1 64  ? 4.859   -9.690  -1.282  1.00 6.71  ? 802 TYR A CZ  1 
ATOM   527  O  OH  . TYR A 1 64  ? 3.527   -9.754  -1.566  1.00 3.25  ? 802 TYR A OH  1 
ATOM   528  N  N   . ARG A 1 65  ? 12.012  -10.547 -1.883  1.00 4.11  ? 803 ARG A N   1 
ATOM   529  C  CA  . ARG A 1 65  ? 13.457  -10.258 -1.868  1.00 2.75  ? 803 ARG A CA  1 
ATOM   530  C  C   . ARG A 1 65  ? 13.801  -8.970  -2.642  1.00 5.04  ? 803 ARG A C   1 
ATOM   531  O  O   . ARG A 1 65  ? 14.999  -8.665  -2.892  1.00 5.05  ? 803 ARG A O   1 
ATOM   532  C  CB  . ARG A 1 65  ? 14.206  -11.447 -2.455  1.00 7.39  ? 803 ARG A CB  1 
ATOM   533  C  CG  . ARG A 1 65  ? 13.957  -12.757 -1.707  1.00 13.06 ? 803 ARG A CG  1 
ATOM   534  C  CD  . ARG A 1 65  ? 14.585  -13.950 -2.460  1.00 12.44 ? 803 ARG A CD  1 
ATOM   535  N  NE  . ARG A 1 65  ? 16.044  -14.049 -2.369  1.00 5.47  ? 803 ARG A NE  1 
ATOM   536  C  CZ  . ARG A 1 65  ? 16.727  -14.631 -1.368  1.00 20.56 ? 803 ARG A CZ  1 
ATOM   537  N  NH1 . ARG A 1 65  ? 18.051  -14.668 -1.415  1.00 16.42 ? 803 ARG A NH1 1 
ATOM   538  N  NH2 . ARG A 1 65  ? 16.111  -15.176 -0.318  1.00 12.39 ? 803 ARG A NH2 1 
ATOM   539  N  N   . ARG A 1 66  ? 12.762  -8.236  -3.030  1.00 4.61  ? 804 ARG A N   1 
ATOM   540  C  CA  . ARG A 1 66  ? 12.870  -6.969  -3.742  1.00 2.00  ? 804 ARG A CA  1 
ATOM   541  C  C   . ARG A 1 66  ? 11.780  -6.008  -3.272  1.00 4.12  ? 804 ARG A C   1 
ATOM   542  O  O   . ARG A 1 66  ? 10.612  -6.364  -3.122  1.00 4.39  ? 804 ARG A O   1 
ATOM   543  C  CB  . ARG A 1 66  ? 12.730  -7.155  -5.278  1.00 4.56  ? 804 ARG A CB  1 
ATOM   544  C  CG  . ARG A 1 66  ? 13.839  -7.912  -5.952  1.00 2.00  ? 804 ARG A CG  1 
ATOM   545  C  CD  . ARG A 1 66  ? 13.629  -8.005  -7.450  1.00 2.00  ? 804 ARG A CD  1 
ATOM   546  N  NE  . ARG A 1 66  ? 13.585  -6.670  -8.063  1.00 2.58  ? 804 ARG A NE  1 
ATOM   547  C  CZ  . ARG A 1 66  ? 14.646  -5.962  -8.457  1.00 2.01  ? 804 ARG A CZ  1 
ATOM   548  N  NH1 . ARG A 1 66  ? 15.873  -6.467  -8.396  1.00 2.00  ? 804 ARG A NH1 1 
ATOM   549  N  NH2 . ARG A 1 66  ? 14.457  -4.732  -8.951  1.00 3.92  ? 804 ARG A NH2 1 
ATOM   550  N  N   . LEU A 1 67  ? 12.159  -4.760  -3.065  1.00 4.67  ? 805 LEU A N   1 
ATOM   551  C  CA  . LEU A 1 67  ? 11.223  -3.750  -2.641  1.00 8.14  ? 805 LEU A CA  1 
ATOM   552  C  C   . LEU A 1 67  ? 10.180  -3.438  -3.715  1.00 3.50  ? 805 LEU A C   1 
ATOM   553  O  O   . LEU A 1 67  ? 8.997   -3.173  -3.393  1.00 5.24  ? 805 LEU A O   1 
ATOM   554  C  CB  . LEU A 1 67  ? 11.983  -2.473  -2.258  1.00 3.87  ? 805 LEU A CB  1 
ATOM   555  C  CG  . LEU A 1 67  ? 11.128  -1.328  -1.725  1.00 4.42  ? 805 LEU A CG  1 
ATOM   556  C  CD1 . LEU A 1 67  ? 10.285  -1.724  -0.481  1.00 4.68  ? 805 LEU A CD1 1 
ATOM   557  C  CD2 . LEU A 1 67  ? 12.073  -0.166  -1.372  1.00 7.61  ? 805 LEU A CD2 1 
ATOM   558  N  N   . ASP A 1 68  ? 10.601  -3.439  -4.972  1.00 4.74  ? 806 ASP A N   1 
ATOM   559  C  CA  . ASP A 1 68  ? 9.654   -3.091  -6.029  1.00 5.05  ? 806 ASP A CA  1 
ATOM   560  C  C   . ASP A 1 68  ? 8.460   -4.041  -6.113  1.00 5.47  ? 806 ASP A C   1 
ATOM   561  O  O   . ASP A 1 68  ? 7.329   -3.587  -6.275  1.00 4.66  ? 806 ASP A O   1 
ATOM   562  C  CB  . ASP A 1 68  ? 10.329  -2.836  -7.372  1.00 3.93  ? 806 ASP A CB  1 
ATOM   563  C  CG  . ASP A 1 68  ? 11.064  -4.047  -8.002  1.00 7.07  ? 806 ASP A CG  1 
ATOM   564  O  OD1 . ASP A 1 68  ? 11.043  -5.239  -7.576  1.00 4.64  ? 806 ASP A OD1 1 
ATOM   565  O  OD2 . ASP A 1 68  ? 11.762  -3.723  -8.974  1.00 5.87  ? 806 ASP A OD2 1 
ATOM   566  N  N   . LEU A 1 69  ? 8.695   -5.346  -5.965  1.00 4.38  ? 807 LEU A N   1 
ATOM   567  C  CA  . LEU A 1 69  ? 7.578   -6.312  -5.974  1.00 4.27  ? 807 LEU A CA  1 
ATOM   568  C  C   . LEU A 1 69  ? 6.647   -6.136  -4.783  1.00 3.78  ? 807 LEU A C   1 
ATOM   569  O  O   . LEU A 1 69  ? 5.407   -6.173  -4.926  1.00 4.31  ? 807 LEU A O   1 
ATOM   570  C  CB  . LEU A 1 69  ? 8.072   -7.757  -6.059  1.00 3.83  ? 807 LEU A CB  1 
ATOM   571  C  CG  . LEU A 1 69  ? 6.982   -8.841  -6.159  1.00 6.61  ? 807 LEU A CG  1 
ATOM   572  C  CD1 . LEU A 1 69  ? 6.105   -8.678  -7.384  1.00 10.59 ? 807 LEU A CD1 1 
ATOM   573  C  CD2 . LEU A 1 69  ? 7.634   -10.254 -6.110  1.00 12.26 ? 807 LEU A CD2 1 
ATOM   574  N  N   . PHE A 1 70  ? 7.220   -5.949  -3.606  1.00 3.40  ? 808 PHE A N   1 
ATOM   575  C  CA  . PHE A 1 70  ? 6.424   -5.699  -2.406  1.00 2.11  ? 808 PHE A CA  1 
ATOM   576  C  C   . PHE A 1 70  ? 5.565   -4.451  -2.590  1.00 4.76  ? 808 PHE A C   1 
ATOM   577  O  O   . PHE A 1 70  ? 4.377   -4.487  -2.310  1.00 2.71  ? 808 PHE A O   1 
ATOM   578  C  CB  . PHE A 1 70  ? 7.343   -5.602  -1.157  1.00 3.37  ? 808 PHE A CB  1 
ATOM   579  C  CG  . PHE A 1 70  ? 6.647   -5.132  0.086   1.00 6.21  ? 808 PHE A CG  1 
ATOM   580  C  CD1 . PHE A 1 70  ? 5.667   -5.921  0.691   1.00 4.02  ? 808 PHE A CD1 1 
ATOM   581  C  CD2 . PHE A 1 70  ? 6.950   -3.888  0.664   1.00 2.81  ? 808 PHE A CD2 1 
ATOM   582  C  CE1 . PHE A 1 70  ? 5.024   -5.484  1.832   1.00 7.46  ? 808 PHE A CE1 1 
ATOM   583  C  CE2 . PHE A 1 70  ? 6.279   -3.431  1.810   1.00 4.68  ? 808 PHE A CE2 1 
ATOM   584  C  CZ  . PHE A 1 70  ? 5.322   -4.231  2.396   1.00 4.22  ? 808 PHE A CZ  1 
ATOM   585  N  N   . GLN A 1 71  ? 6.165   -3.352  -3.043  1.00 4.52  ? 809 GLN A N   1 
ATOM   586  C  CA  . GLN A 1 71  ? 5.426   -2.115  -3.289  1.00 5.48  ? 809 GLN A CA  1 
ATOM   587  C  C   . GLN A 1 71  ? 4.324   -2.328  -4.348  1.00 2.14  ? 809 GLN A C   1 
ATOM   588  O  O   . GLN A 1 71  ? 3.216   -1.793  -4.180  1.00 4.38  ? 809 GLN A O   1 
ATOM   589  C  CB  . GLN A 1 71  ? 6.367   -1.015  -3.767  1.00 5.05  ? 809 GLN A CB  1 
ATOM   590  C  CG  . GLN A 1 71  ? 5.665   0.287   -4.128  1.00 6.25  ? 809 GLN A CG  1 
ATOM   591  C  CD  . GLN A 1 71  ? 6.667   1.418   -4.272  1.00 6.89  ? 809 GLN A CD  1 
ATOM   592  O  OE1 . GLN A 1 71  ? 7.267   1.840   -3.287  1.00 5.21  ? 809 GLN A OE1 1 
ATOM   593  N  NE2 . GLN A 1 71  ? 6.852   1.902   -5.491  1.00 4.42  ? 809 GLN A NE2 1 
ATOM   594  N  N   . GLU A 1 72  ? 4.626   -3.067  -5.406  1.00 4.01  ? 810 GLU A N   1 
ATOM   595  C  CA  . GLU A 1 72  ? 3.633   -3.357  -6.451  1.00 3.27  ? 810 GLU A CA  1 
ATOM   596  C  C   . GLU A 1 72  ? 2.365   -4.022  -5.855  1.00 3.62  ? 810 GLU A C   1 
ATOM   597  O  O   . GLU A 1 72  ? 1.232   -3.627  -6.164  1.00 4.25  ? 810 GLU A O   1 
ATOM   598  C  CB  A GLU A 1 72  ? 4.194   -4.221  -7.542  0.50 3.65  ? 810 GLU A CB  1 
ATOM   599  C  CB  B GLU A 1 72  ? 4.233   -4.264  -7.542  0.50 4.37  ? 810 GLU A CB  1 
ATOM   600  C  CG  A GLU A 1 72  ? 5.139   -3.504  -8.448  0.50 11.11 ? 810 GLU A CG  1 
ATOM   601  C  CG  B GLU A 1 72  ? 3.279   -4.647  -8.701  0.50 2.00  ? 810 GLU A CG  1 
ATOM   602  C  CD  A GLU A 1 72  ? 5.701   -4.445  -9.484  0.50 18.19 ? 810 GLU A CD  1 
ATOM   603  C  CD  B GLU A 1 72  ? 3.776   -5.778  -9.615  0.50 12.50 ? 810 GLU A CD  1 
ATOM   604  O  OE1 A GLU A 1 72  ? 4.879   -5.041  -10.227 0.50 15.13 ? 810 GLU A OE1 1 
ATOM   605  O  OE1 B GLU A 1 72  ? 4.973   -6.135  -9.614  0.50 20.83 ? 810 GLU A OE1 1 
ATOM   606  O  OE2 A GLU A 1 72  ? 6.944   -4.580  -9.545  0.50 23.17 ? 810 GLU A OE2 1 
ATOM   607  O  OE2 B GLU A 1 72  ? 2.947   -6.335  -10.342 0.50 13.31 ? 810 GLU A OE2 1 
ATOM   608  N  N   . HIS A 1 73  ? 2.574   -5.025  -5.004  1.00 2.07  ? 811 HIS A N   1 
ATOM   609  C  CA  . HIS A 1 73  ? 1.477   -5.761  -4.407  1.00 3.88  ? 811 HIS A CA  1 
ATOM   610  C  C   . HIS A 1 73  ? 0.682   -4.864  -3.467  1.00 4.31  ? 811 HIS A C   1 
ATOM   611  O  O   . HIS A 1 73  ? -0.540  -4.880  -3.506  1.00 3.44  ? 811 HIS A O   1 
ATOM   612  C  CB  . HIS A 1 73  ? 2.027   -6.994  -3.682  1.00 5.04  ? 811 HIS A CB  1 
ATOM   613  C  CG  . HIS A 1 73  ? 2.465   -8.079  -4.597  1.00 4.58  ? 811 HIS A CG  1 
ATOM   614  N  ND1 . HIS A 1 73  ? 2.886   -9.305  -4.128  1.00 5.85  ? 811 HIS A ND1 1 
ATOM   615  C  CD2 . HIS A 1 73  ? 2.450   -8.174  -5.953  1.00 6.87  ? 811 HIS A CD2 1 
ATOM   616  C  CE1 . HIS A 1 73  ? 3.160   -10.092 -5.160  1.00 11.74 ? 811 HIS A CE1 1 
ATOM   617  N  NE2 . HIS A 1 73  ? 2.918   -9.421  -6.279  1.00 6.96  ? 811 HIS A NE2 1 
ATOM   618  N  N   . MET A 1 74  ? 1.374   -4.099  -2.618  1.00 3.06  ? 812 MET A N   1 
ATOM   619  C  CA  . MET A 1 74  ? 0.724   -3.194  -1.698  1.00 5.08  ? 812 MET A CA  1 
ATOM   620  C  C   . MET A 1 74  ? -0.074  -2.142  -2.450  1.00 3.61  ? 812 MET A C   1 
ATOM   621  O  O   . MET A 1 74  ? -1.234  -1.869  -2.090  1.00 4.88  ? 812 MET A O   1 
ATOM   622  C  CB  . MET A 1 74  ? 1.741   -2.527  -0.788  1.00 5.43  ? 812 MET A CB  1 
ATOM   623  C  CG  . MET A 1 74  ? 2.341   -3.515  0.281   1.00 6.73  ? 812 MET A CG  1 
ATOM   624  S  SD  . MET A 1 74  ? 1.200   -3.962  1.581   1.00 6.19  ? 812 MET A SD  1 
ATOM   625  C  CE  . MET A 1 74  ? 1.230   -2.453  2.581   1.00 7.86  ? 812 MET A CE  1 
ATOM   626  N  N   . PHE A 1 75  ? 0.500   -1.618  -3.530  1.00 4.07  ? 813 PHE A N   1 
ATOM   627  C  CA  . PHE A 1 75  ? -0.174  -0.617  -4.326  1.00 6.91  ? 813 PHE A CA  1 
ATOM   628  C  C   . PHE A 1 75  ? -1.352  -1.200  -5.099  1.00 5.77  ? 813 PHE A C   1 
ATOM   629  O  O   . PHE A 1 75  ? -2.354  -0.492  -5.278  1.00 6.48  ? 813 PHE A O   1 
ATOM   630  C  CB  . PHE A 1 75  ? 0.813   0.081   -5.270  1.00 4.94  ? 813 PHE A CB  1 
ATOM   631  C  CG  . PHE A 1 75  ? 1.674   1.133   -4.608  1.00 7.73  ? 813 PHE A CG  1 
ATOM   632  C  CD1 . PHE A 1 75  ? 1.720   1.309   -3.216  1.00 6.67  ? 813 PHE A CD1 1 
ATOM   633  C  CD2 . PHE A 1 75  ? 2.462   1.954   -5.405  1.00 7.60  ? 813 PHE A CD2 1 
ATOM   634  C  CE1 . PHE A 1 75  ? 2.508   2.303   -2.661  1.00 9.85  ? 813 PHE A CE1 1 
ATOM   635  C  CE2 . PHE A 1 75  ? 3.254   2.920   -4.856  1.00 6.91  ? 813 PHE A CE2 1 
ATOM   636  C  CZ  . PHE A 1 75  ? 3.296   3.099   -3.490  1.00 9.27  ? 813 PHE A CZ  1 
ATOM   637  N  N   . GLU A 1 76  ? -1.289  -2.471  -5.502  1.00 5.21  ? 814 GLU A N   1 
ATOM   638  C  CA  . GLU A 1 76  ? -2.446  -3.135  -6.125  1.00 4.29  ? 814 GLU A CA  1 
ATOM   639  C  C   . GLU A 1 76  ? -3.651  -3.095  -5.197  1.00 3.12  ? 814 GLU A C   1 
ATOM   640  O  O   . GLU A 1 76  ? -4.769  -2.738  -5.611  1.00 3.19  ? 814 GLU A O   1 
ATOM   641  C  CB  . GLU A 1 76  ? -2.187  -4.618  -6.502  1.00 6.08  ? 814 GLU A CB  1 
ATOM   642  C  CG  . GLU A 1 76  ? -1.372  -4.862  -7.697  1.00 19.05 ? 814 GLU A CG  1 
ATOM   643  C  CD  . GLU A 1 76  ? -2.106  -4.525  -8.970  1.00 37.08 ? 814 GLU A CD  1 
ATOM   644  O  OE1 . GLU A 1 76  ? -1.405  -4.340  -9.983  1.00 27.79 ? 814 GLU A OE1 1 
ATOM   645  O  OE2 . GLU A 1 76  ? -3.361  -4.429  -8.948  1.00 19.88 ? 814 GLU A OE2 1 
ATOM   646  N  N   . VAL A 1 77  ? -3.450  -3.502  -3.951  1.00 3.17  ? 815 VAL A N   1 
ATOM   647  C  CA  . VAL A 1 77  ? -4.521  -3.500  -2.950  1.00 2.15  ? 815 VAL A CA  1 
ATOM   648  C  C   . VAL A 1 77  ? -5.028  -2.082  -2.694  1.00 5.44  ? 815 VAL A C   1 
ATOM   649  O  O   . VAL A 1 77  ? -6.251  -1.831  -2.713  1.00 5.53  ? 815 VAL A O   1 
ATOM   650  C  CB  . VAL A 1 77  ? -4.100  -4.198  -1.600  1.00 3.11  ? 815 VAL A CB  1 
ATOM   651  C  CG1 . VAL A 1 77  ? -5.243  -4.149  -0.573  1.00 3.12  ? 815 VAL A CG1 1 
ATOM   652  C  CG2 . VAL A 1 77  ? -3.664  -5.675  -1.830  1.00 3.06  ? 815 VAL A CG2 1 
ATOM   653  N  N   . LEU A 1 78  ? -4.112  -1.155  -2.446  1.00 3.66  ? 816 LEU A N   1 
ATOM   654  C  CA  . LEU A 1 78  ? -4.519  0.224   -2.065  1.00 2.77  ? 816 LEU A CA  1 
ATOM   655  C  C   . LEU A 1 78  ? -5.250  0.904   -3.230  1.00 3.07  ? 816 LEU A C   1 
ATOM   656  O  O   . LEU A 1 78  ? -6.226  1.636   -3.024  1.00 4.23  ? 816 LEU A O   1 
ATOM   657  C  CB  . LEU A 1 78  ? -3.285  1.027   -1.654  1.00 2.74  ? 816 LEU A CB  1 
ATOM   658  C  CG  . LEU A 1 78  ? -2.733  0.508   -0.291  1.00 5.83  ? 816 LEU A CG  1 
ATOM   659  C  CD1 . LEU A 1 78  ? -1.277  1.032   -0.077  1.00 7.37  ? 816 LEU A CD1 1 
ATOM   660  C  CD2 . LEU A 1 78  ? -3.672  0.907   0.914   1.00 5.85  ? 816 LEU A CD2 1 
ATOM   661  N  N   . GLU A 1 79  ? -4.739  0.690   -4.436  1.00 3.81  ? 817 GLU A N   1 
ATOM   662  C  CA  . GLU A 1 79  ? -5.334  1.283   -5.634  1.00 5.82  ? 817 GLU A CA  1 
ATOM   663  C  C   . GLU A 1 79  ? -6.693  0.664   -5.949  1.00 4.78  ? 817 GLU A C   1 
ATOM   664  O  O   . GLU A 1 79  ? -7.596  1.364   -6.454  1.00 4.34  ? 817 GLU A O   1 
ATOM   665  C  CB  . GLU A 1 79  ? -4.343  1.248   -6.816  1.00 5.46  ? 817 GLU A CB  1 
ATOM   666  C  CG  . GLU A 1 79  ? -3.211  2.266   -6.565  1.00 5.17  ? 817 GLU A CG  1 
ATOM   667  C  CD  . GLU A 1 79  ? -2.050  2.198   -7.521  1.00 7.46  ? 817 GLU A CD  1 
ATOM   668  O  OE1 . GLU A 1 79  ? -2.181  1.487   -8.517  1.00 8.38  ? 817 GLU A OE1 1 
ATOM   669  O  OE2 . GLU A 1 79  ? -1.026  2.874   -7.244  1.00 11.40 ? 817 GLU A OE2 1 
ATOM   670  N  N   . ARG A 1 80  ? -6.873  -0.622  -5.625  1.00 4.82  ? 818 ARG A N   1 
ATOM   671  C  CA  . ARG A 1 80  ? -8.181  -1.270  -5.779  1.00 7.28  ? 818 ARG A CA  1 
ATOM   672  C  C   . ARG A 1 80  ? -9.188  -0.636  -4.827  1.00 5.09  ? 818 ARG A C   1 
ATOM   673  O  O   . ARG A 1 80  ? -10.318 -0.337  -5.202  1.00 3.81  ? 818 ARG A O   1 
ATOM   674  C  CB  . ARG A 1 80  ? -8.094  -2.803  -5.577  1.00 2.00  ? 818 ARG A CB  1 
ATOM   675  C  CG  . ARG A 1 80  ? -9.417  -3.524  -5.779  1.00 7.49  ? 818 ARG A CG  1 
ATOM   676  C  CD  . ARG A 1 80  ? -9.405  -5.014  -5.357  1.00 8.33  ? 818 ARG A CD  1 
ATOM   677  N  NE  . ARG A 1 80  ? -8.182  -5.673  -5.787  1.00 5.17  ? 818 ARG A NE  1 
ATOM   678  C  CZ  . ARG A 1 80  ? -7.378  -6.392  -4.985  1.00 12.96 ? 818 ARG A CZ  1 
ATOM   679  N  NH1 . ARG A 1 80  ? -7.682  -6.656  -3.706  1.00 11.72 ? 818 ARG A NH1 1 
ATOM   680  N  NH2 . ARG A 1 80  ? -6.275  -6.889  -5.485  1.00 15.25 ? 818 ARG A NH2 1 
ATOM   681  N  N   . ALA A 1 81  ? -8.780  -0.422  -3.587  1.00 4.14  ? 819 ALA A N   1 
ATOM   682  C  CA  . ALA A 1 81  ? -9.667  0.178   -2.604  1.00 4.67  ? 819 ALA A CA  1 
ATOM   683  C  C   . ALA A 1 81  ? -10.093 1.578   -3.055  1.00 4.04  ? 819 ALA A C   1 
ATOM   684  O  O   . ALA A 1 81  ? -11.279 1.982   -2.885  1.00 5.59  ? 819 ALA A O   1 
ATOM   685  C  CB  . ALA A 1 81  ? -8.969  0.238   -1.208  1.00 2.90  ? 819 ALA A CB  1 
ATOM   686  N  N   . ARG A 1 82  ? -9.144  2.306   -3.632  1.00 3.34  ? 820 ARG A N   1 
ATOM   687  C  CA  . ARG A 1 82  ? -9.444  3.663   -4.138  1.00 6.20  ? 820 ARG A CA  1 
ATOM   688  C  C   . ARG A 1 82  ? -10.400 3.601   -5.326  1.00 4.96  ? 820 ARG A C   1 
ATOM   689  O  O   . ARG A 1 82  ? -11.364 4.356   -5.405  1.00 5.05  ? 820 ARG A O   1 
ATOM   690  C  CB  . ARG A 1 82  ? -8.162  4.366   -4.546  1.00 5.44  ? 820 ARG A CB  1 
ATOM   691  C  CG  . ARG A 1 82  ? -7.294  4.845   -3.366  1.00 4.64  ? 820 ARG A CG  1 
ATOM   692  C  CD  . ARG A 1 82  ? -5.873  5.170   -3.818  1.00 6.93  ? 820 ARG A CD  1 
ATOM   693  N  NE  . ARG A 1 82  ? -5.876  6.048   -4.990  1.00 8.62  ? 820 ARG A NE  1 
ATOM   694  C  CZ  . ARG A 1 82  ? -4.816  6.290   -5.757  1.00 7.54  ? 820 ARG A CZ  1 
ATOM   695  N  NH1 . ARG A 1 82  ? -3.636  5.751   -5.462  1.00 8.08  ? 820 ARG A NH1 1 
ATOM   696  N  NH2 . ARG A 1 82  ? -4.941  7.061   -6.839  1.00 7.52  ? 820 ARG A NH2 1 
ATOM   697  N  N   . ARG A 1 83  ? -10.114 2.697   -6.262  1.00 3.03  ? 821 ARG A N   1 
ATOM   698  C  CA  . ARG A 1 83  ? -10.908 2.599   -7.484  1.00 3.40  ? 821 ARG A CA  1 
ATOM   699  C  C   . ARG A 1 83  ? -12.360 2.260   -7.187  1.00 7.12  ? 821 ARG A C   1 
ATOM   700  O  O   . ARG A 1 83  ? -13.303 2.847   -7.737  1.00 5.68  ? 821 ARG A O   1 
ATOM   701  C  CB  . ARG A 1 83  ? -10.368 1.478   -8.367  1.00 8.36  ? 821 ARG A CB  1 
ATOM   702  C  CG  . ARG A 1 83  ? -9.541  1.859   -9.517  1.00 23.29 ? 821 ARG A CG  1 
ATOM   703  C  CD  . ARG A 1 83  ? -9.708  0.823   -10.662 1.00 17.40 ? 821 ARG A CD  1 
ATOM   704  N  NE  . ARG A 1 83  ? -9.689  -0.574  -10.211 1.00 14.51 ? 821 ARG A NE  1 
ATOM   705  C  CZ  . ARG A 1 83  ? -8.604  -1.219  -9.745  1.00 7.99  ? 821 ARG A CZ  1 
ATOM   706  N  NH1 . ARG A 1 83  ? -7.421  -0.623  -9.657  1.00 10.94 ? 821 ARG A NH1 1 
ATOM   707  N  NH2 . ARG A 1 83  ? -8.718  -2.485  -9.366  1.00 13.09 ? 821 ARG A NH2 1 
ATOM   708  N  N   . MET A 1 84  ? -12.540 1.300   -6.287  1.00 5.59  ? 822 MET A N   1 
ATOM   709  C  CA  . MET A 1 84  ? -13.844 0.726   -6.018  1.00 6.60  ? 822 MET A CA  1 
ATOM   710  C  C   . MET A 1 84  ? -14.725 1.520   -5.061  1.00 7.98  ? 822 MET A C   1 
ATOM   711  O  O   . MET A 1 84  ? -15.892 1.149   -4.853  1.00 4.81  ? 822 MET A O   1 
ATOM   712  C  CB  . MET A 1 84  ? -13.666 -0.705  -5.495  1.00 5.22  ? 822 MET A CB  1 
ATOM   713  C  CG  . MET A 1 84  ? -13.014 -1.651  -6.483  1.00 11.73 ? 822 MET A CG  1 
ATOM   714  S  SD  . MET A 1 84  ? -13.033 -3.381  -5.886  1.00 8.05  ? 822 MET A SD  1 
ATOM   715  C  CE  . MET A 1 84  ? -14.762 -3.854  -6.146  1.00 9.14  ? 822 MET A CE  1 
ATOM   716  N  N   . ASN A 1 85  ? -14.218 2.620   -4.502  1.00 4.86  ? 823 ASN A N   1 
ATOM   717  C  CA  . ASN A 1 85  ? -14.950 3.354   -3.471  1.00 3.20  ? 823 ASN A CA  1 
ATOM   718  C  C   . ASN A 1 85  ? -15.047 4.841   -3.753  1.00 5.89  ? 823 ASN A C   1 
ATOM   719  O  O   . ASN A 1 85  ? -14.287 5.360   -4.566  1.00 6.54  ? 823 ASN A O   1 
ATOM   720  C  CB  . ASN A 1 85  ? -14.316 3.092   -2.101  1.00 2.35  ? 823 ASN A CB  1 
ATOM   721  C  CG  . ASN A 1 85  ? -14.539 1.670   -1.648  1.00 5.18  ? 823 ASN A CG  1 
ATOM   722  O  OD1 . ASN A 1 85  ? -15.638 1.342   -1.167  1.00 10.32 ? 823 ASN A OD1 1 
ATOM   723  N  ND2 . ASN A 1 85  ? -13.584 0.810   -1.881  1.00 2.91  ? 823 ASN A ND2 1 
ATOM   724  N  N   . ARG A 1 86  ? -16.047 5.499   -3.146  1.00 5.97  ? 824 ARG A N   1 
ATOM   725  C  CA  . ARG A 1 86  ? -16.270 6.923   -3.371  1.00 4.10  ? 824 ARG A CA  1 
ATOM   726  C  C   . ARG A 1 86  ? -15.212 7.750   -2.659  1.00 3.83  ? 824 ARG A C   1 
ATOM   727  O  O   . ARG A 1 86  ? -14.729 7.375   -1.578  1.00 5.99  ? 824 ARG A O   1 
ATOM   728  C  CB  . ARG A 1 86  ? -17.667 7.343   -2.873  1.00 2.38  ? 824 ARG A CB  1 
ATOM   729  C  CG  . ARG A 1 86  ? -18.823 6.722   -3.671  1.00 6.86  ? 824 ARG A CG  1 
ATOM   730  C  CD  . ARG A 1 86  ? -20.149 6.938   -2.972  1.00 18.34 ? 824 ARG A CD  1 
ATOM   731  N  NE  . ARG A 1 86  ? -20.423 8.356   -2.775  1.00 12.14 ? 824 ARG A NE  1 
ATOM   732  C  CZ  . ARG A 1 86  ? -21.214 9.110   -3.544  1.00 12.90 ? 824 ARG A CZ  1 
ATOM   733  N  NH1 . ARG A 1 86  ? -21.386 10.385  -3.242  1.00 7.38  ? 824 ARG A NH1 1 
ATOM   734  N  NH2 . ARG A 1 86  ? -21.832 8.611   -4.607  1.00 7.39  ? 824 ARG A NH2 1 
ATOM   735  N  N   . THR A 1 87  ? -14.872 8.899   -3.225  1.00 2.57  ? 825 THR A N   1 
ATOM   736  C  CA  . THR A 1 87  ? -13.913 9.798   -2.576  1.00 4.68  ? 825 THR A CA  1 
ATOM   737  C  C   . THR A 1 87  ? -14.338 10.279  -1.195  1.00 9.53  ? 825 THR A C   1 
ATOM   738  O  O   . THR A 1 87  ? -13.484 10.679  -0.410  1.00 16.64 ? 825 THR A O   1 
ATOM   739  C  CB  . THR A 1 87  ? -13.547 11.024  -3.446  1.00 5.99  ? 825 THR A CB  1 
ATOM   740  O  OG1 . THR A 1 87  ? -14.661 11.911  -3.579  1.00 6.10  ? 825 THR A OG1 1 
ATOM   741  C  CG2 . THR A 1 87  ? -13.036 10.542  -4.815  1.00 8.08  ? 825 THR A CG2 1 
ATOM   742  N  N   . ASP A 1 88  ? -15.632 10.232  -0.899  1.00 8.58  ? 826 ASP A N   1 
ATOM   743  C  CA  . ASP A 1 88  ? -16.109 10.695  0.401   1.00 20.42 ? 826 ASP A CA  1 
ATOM   744  C  C   . ASP A 1 88  ? -16.190 9.565   1.442   1.00 18.89 ? 826 ASP A C   1 
ATOM   745  O  O   . ASP A 1 88  ? -16.599 9.791   2.592   1.00 22.99 ? 826 ASP A O   1 
ATOM   746  C  CB  . ASP A 1 88  ? -17.429 11.487  0.289   1.00 19.46 ? 826 ASP A CB  1 
ATOM   747  C  CG  . ASP A 1 88  ? -18.538 10.765  -0.488  1.00 15.83 ? 826 ASP A CG  1 
ATOM   748  O  OD1 . ASP A 1 88  ? -18.488 9.545   -0.788  1.00 11.38 ? 826 ASP A OD1 1 
ATOM   749  O  OD2 . ASP A 1 88  ? -19.524 11.461  -0.798  1.00 23.82 ? 826 ASP A OD2 1 
ATOM   750  N  N   . SER A 1 89  ? -15.767 8.365   1.046   1.00 12.01 ? 827 SER A N   1 
ATOM   751  C  CA  . SER A 1 89  ? -15.858 7.173   1.905   1.00 9.53  ? 827 SER A CA  1 
ATOM   752  C  C   . SER A 1 89  ? -14.629 7.006   2.803   1.00 9.59  ? 827 SER A C   1 
ATOM   753  O  O   . SER A 1 89  ? -13.517 7.403   2.456   1.00 7.44  ? 827 SER A O   1 
ATOM   754  C  CB  . SER A 1 89  ? -16.054 5.914   1.054   1.00 10.71 ? 827 SER A CB  1 
ATOM   755  O  OG  . SER A 1 89  ? -14.851 5.538   0.377   1.00 3.76  ? 827 SER A OG  1 
ATOM   756  N  N   . GLU A 1 90  ? -14.848 6.396   3.966   1.00 4.92  ? 828 GLU A N   1 
ATOM   757  C  CA  . GLU A 1 90  ? -13.764 5.972   4.857   1.00 9.45  ? 828 GLU A CA  1 
ATOM   758  C  C   . GLU A 1 90  ? -12.719 5.092   4.171   1.00 7.07  ? 828 GLU A C   1 
ATOM   759  O  O   . GLU A 1 90  ? -11.530 5.327   4.324   1.00 5.80  ? 828 GLU A O   1 
ATOM   760  C  CB  . GLU A 1 90  ? -14.359 5.258   6.079   1.00 5.84  ? 828 GLU A CB  1 
ATOM   761  C  CG  . GLU A 1 90  ? -13.335 4.642   7.025   1.00 13.81 ? 828 GLU A CG  1 
ATOM   762  C  CD  . GLU A 1 90  ? -14.000 3.971   8.204   1.00 19.48 ? 828 GLU A CD  1 
ATOM   763  O  OE1 . GLU A 1 90  ? -14.527 2.857   8.020   1.00 17.25 ? 828 GLU A OE1 1 
ATOM   764  O  OE2 . GLU A 1 90  ? -14.007 4.563   9.303   1.00 15.21 ? 828 GLU A OE2 1 
ATOM   765  N  N   . ILE A 1 91  ? -13.149 4.087   3.399   1.00 4.24  ? 829 ILE A N   1 
ATOM   766  C  CA  . ILE A 1 91  ? -12.208 3.213   2.717   1.00 7.16  ? 829 ILE A CA  1 
ATOM   767  C  C   . ILE A 1 91  ? -11.285 3.985   1.757   1.00 5.98  ? 829 ILE A C   1 
ATOM   768  O  O   . ILE A 1 91  ? -10.054 3.783   1.748   1.00 3.33  ? 829 ILE A O   1 
ATOM   769  C  CB  . ILE A 1 91  ? -12.905 2.015   1.966   1.00 7.52  ? 829 ILE A CB  1 
ATOM   770  C  CG1 . ILE A 1 91  ? -13.481 1.018   2.954   1.00 12.69 ? 829 ILE A CG1 1 
ATOM   771  C  CG2 . ILE A 1 91  ? -11.885 1.267   1.073   1.00 4.95  ? 829 ILE A CG2 1 
ATOM   772  C  CD1 . ILE A 1 91  ? -14.514 0.043   2.318   1.00 12.39 ? 829 ILE A CD1 1 
ATOM   773  N  N   . TYR A 1 92  ? -11.866 4.884   0.963   1.00 6.06  ? 830 TYR A N   1 
ATOM   774  C  CA  . TYR A 1 92  ? -11.081 5.634   0.002   1.00 4.10  ? 830 TYR A CA  1 
ATOM   775  C  C   . TYR A 1 92  ? -10.005 6.463   0.720   1.00 2.95  ? 830 TYR A C   1 
ATOM   776  O  O   . TYR A 1 92  ? -8.809  6.427   0.368   1.00 2.82  ? 830 TYR A O   1 
ATOM   777  C  CB  . TYR A 1 92  ? -11.961 6.571   -0.835  1.00 5.13  ? 830 TYR A CB  1 
ATOM   778  C  CG  . TYR A 1 92  ? -11.173 7.289   -1.898  1.00 6.46  ? 830 TYR A CG  1 
ATOM   779  C  CD1 . TYR A 1 92  ? -11.042 6.754   -3.169  1.00 5.28  ? 830 TYR A CD1 1 
ATOM   780  C  CD2 . TYR A 1 92  ? -10.522 8.497   -1.624  1.00 4.36  ? 830 TYR A CD2 1 
ATOM   781  C  CE1 . TYR A 1 92  ? -10.288 7.412   -4.184  1.00 5.57  ? 830 TYR A CE1 1 
ATOM   782  C  CE2 . TYR A 1 92  ? -9.763  9.149   -2.601  1.00 6.53  ? 830 TYR A CE2 1 
ATOM   783  C  CZ  . TYR A 1 92  ? -9.641  8.601   -3.883  1.00 6.82  ? 830 TYR A CZ  1 
ATOM   784  O  OH  . TYR A 1 92  ? -8.866  9.219   -4.846  1.00 6.69  ? 830 TYR A OH  1 
ATOM   785  N  N   . GLU A 1 93  ? -10.461 7.216   1.728   1.00 3.49  ? 831 GLU A N   1 
ATOM   786  C  CA  . GLU A 1 93  ? -9.584  8.090   2.455   1.00 2.30  ? 831 GLU A CA  1 
ATOM   787  C  C   . GLU A 1 93  ? -8.504  7.334   3.254   1.00 3.65  ? 831 GLU A C   1 
ATOM   788  O  O   . GLU A 1 93  ? -7.341  7.753   3.252   1.00 4.68  ? 831 GLU A O   1 
ATOM   789  C  CB  . GLU A 1 93  ? -10.384 9.053   3.346   1.00 2.00  ? 831 GLU A CB  1 
ATOM   790  C  CG  . GLU A 1 93  ? -11.251 10.032  2.553   1.00 6.42  ? 831 GLU A CG  1 
ATOM   791  C  CD  . GLU A 1 93  ? -10.483 11.141  1.864   1.00 17.98 ? 831 GLU A CD  1 
ATOM   792  O  OE1 . GLU A 1 93  ? -9.228  11.129  1.832   1.00 13.07 ? 831 GLU A OE1 1 
ATOM   793  O  OE2 . GLU A 1 93  ? -11.160 12.050  1.330   1.00 21.41 ? 831 GLU A OE2 1 
ATOM   794  N  N   . ASP A 1 94  ? -8.882  6.235   3.890   1.00 5.14  ? 832 ASP A N   1 
ATOM   795  C  CA  . ASP A 1 94  ? -7.919  5.344   4.557   1.00 6.68  ? 832 ASP A CA  1 
ATOM   796  C  C   . ASP A 1 94  ? -6.872  4.753   3.605   1.00 4.46  ? 832 ASP A C   1 
ATOM   797  O  O   . ASP A 1 94  ? -5.698  4.682   3.938   1.00 5.57  ? 832 ASP A O   1 
ATOM   798  C  CB  . ASP A 1 94  ? -8.670  4.225   5.294   1.00 6.68  ? 832 ASP A CB  1 
ATOM   799  C  CG  . ASP A 1 94  ? -9.470  4.738   6.504   1.00 6.80  ? 832 ASP A CG  1 
ATOM   800  O  OD1 . ASP A 1 94  ? -9.413  5.946   6.877   1.00 7.65  ? 832 ASP A OD1 1 
ATOM   801  O  OD2 . ASP A 1 94  ? -10.177 3.893   7.070   1.00 11.11 ? 832 ASP A OD2 1 
ATOM   802  N  N   . ALA A 1 95  ? -7.285  4.396   2.386   1.00 3.05  ? 833 ALA A N   1 
ATOM   803  C  CA  . ALA A 1 95  ? -6.398  3.853   1.390   1.00 4.71  ? 833 ALA A CA  1 
ATOM   804  C  C   . ALA A 1 95  ? -5.377  4.887   0.959   1.00 6.28  ? 833 ALA A C   1 
ATOM   805  O  O   . ALA A 1 95  ? -4.174  4.574   0.879   1.00 4.55  ? 833 ALA A O   1 
ATOM   806  C  CB  . ALA A 1 95  ? -7.176  3.272   0.161   1.00 3.75  ? 833 ALA A CB  1 
ATOM   807  N  N   . VAL A 1 96  ? -5.828  6.111   0.703   1.00 4.40  ? 834 VAL A N   1 
ATOM   808  C  CA  . VAL A 1 96  ? -4.916  7.189   0.341   1.00 5.89  ? 834 VAL A CA  1 
ATOM   809  C  C   . VAL A 1 96  ? -3.930  7.456   1.470   1.00 6.26  ? 834 VAL A C   1 
ATOM   810  O  O   . VAL A 1 96  ? -2.717  7.602   1.229   1.00 3.47  ? 834 VAL A O   1 
ATOM   811  C  CB  . VAL A 1 96  ? -5.663  8.457   -0.043  1.00 4.80  ? 834 VAL A CB  1 
ATOM   812  C  CG1 . VAL A 1 96  ? -4.670  9.651   -0.256  1.00 6.16  ? 834 VAL A CG1 1 
ATOM   813  C  CG2 . VAL A 1 96  ? -6.464  8.234   -1.347  1.00 6.87  ? 834 VAL A CG2 1 
ATOM   814  N  N   . GLU A 1 97  ? -4.427  7.479   2.700   1.00 4.17  ? 835 GLU A N   1 
ATOM   815  C  CA  . GLU A 1 97  ? -3.573  7.765   3.845   1.00 3.55  ? 835 GLU A CA  1 
ATOM   816  C  C   . GLU A 1 97  ? -2.495  6.697   3.995   1.00 5.04  ? 835 GLU A C   1 
ATOM   817  O  O   . GLU A 1 97  ? -1.315  6.998   4.248   1.00 3.31  ? 835 GLU A O   1 
ATOM   818  C  CB  . GLU A 1 97  ? -4.396  7.850   5.125   1.00 2.00  ? 835 GLU A CB  1 
ATOM   819  C  CG  . GLU A 1 97  ? -3.577  7.973   6.423   1.00 2.27  ? 835 GLU A CG  1 
ATOM   820  C  CD  . GLU A 1 97  ? -2.762  9.257   6.530   1.00 10.96 ? 835 GLU A CD  1 
ATOM   821  O  OE1 . GLU A 1 97  ? -3.180  10.310  5.998   1.00 7.25  ? 835 GLU A OE1 1 
ATOM   822  O  OE2 . GLU A 1 97  ? -1.695  9.223   7.164   1.00 3.06  ? 835 GLU A OE2 1 
ATOM   823  N  N   . LEU A 1 98  ? -2.909  5.444   3.903   1.00 3.01  ? 836 LEU A N   1 
ATOM   824  C  CA  . LEU A 1 98  ? -1.955  4.338   3.925   1.00 4.27  ? 836 LEU A CA  1 
ATOM   825  C  C   . LEU A 1 98  ? -0.915  4.389   2.831   1.00 4.47  ? 836 LEU A C   1 
ATOM   826  O  O   . LEU A 1 98  ? 0.244   4.078   3.102   1.00 4.78  ? 836 LEU A O   1 
ATOM   827  C  CB  . LEU A 1 98  ? -2.674  3.002   3.881   1.00 4.54  ? 836 LEU A CB  1 
ATOM   828  C  CG  . LEU A 1 98  ? -3.453  2.650   5.137   1.00 8.65  ? 836 LEU A CG  1 
ATOM   829  C  CD1 . LEU A 1 98  ? -4.401  1.437   4.817   1.00 11.43 ? 836 LEU A CD1 1 
ATOM   830  C  CD2 . LEU A 1 98  ? -2.527  2.348   6.268   1.00 14.28 ? 836 LEU A CD2 1 
ATOM   831  N  N   . GLN A 1 99  ? -1.309  4.757   1.615   1.00 4.47  ? 837 GLN A N   1 
ATOM   832  C  CA  . GLN A 1 99  ? -0.381  4.881   0.514   1.00 3.94  ? 837 GLN A CA  1 
ATOM   833  C  C   . GLN A 1 99  ? 0.625   5.990   0.717   1.00 6.78  ? 837 GLN A C   1 
ATOM   834  O  O   . GLN A 1 99  ? 1.820   5.792   0.436   1.00 6.09  ? 837 GLN A O   1 
ATOM   835  C  CB  . GLN A 1 99  ? -1.131  4.984   -0.849  1.00 6.23  ? 837 GLN A CB  1 
ATOM   836  C  CG  . GLN A 1 99  ? -0.319  4.448   -2.008  1.00 9.12  ? 837 GLN A CG  1 
ATOM   837  C  CD  . GLN A 1 99  ? -1.096  4.252   -3.285  1.00 6.08  ? 837 GLN A CD  1 
ATOM   838  O  OE1 . GLN A 1 99  ? -2.315  4.439   -3.339  1.00 7.82  ? 837 GLN A OE1 1 
ATOM   839  N  NE2 . GLN A 1 99  ? -0.372  3.851   -4.335  1.00 6.03  ? 837 GLN A NE2 1 
ATOM   840  N  N   . GLN A 1 100 ? 0.169   7.138   1.201   1.00 4.98  ? 838 GLN A N   1 
ATOM   841  C  CA  . GLN A 1 100 ? 1.046   8.245   1.548   1.00 4.96  ? 838 GLN A CA  1 
ATOM   842  C  C   . GLN A 1 100 ? 2.028   7.861   2.659   1.00 4.47  ? 838 GLN A C   1 
ATOM   843  O  O   . GLN A 1 100 ? 3.222   8.184   2.585   1.00 3.92  ? 838 GLN A O   1 
ATOM   844  C  CB  . GLN A 1 100 ? 0.243   9.476   1.998   1.00 5.70  ? 838 GLN A CB  1 
ATOM   845  C  CG  . GLN A 1 100 ? -0.585  10.114  0.885   1.00 14.37 ? 838 GLN A CG  1 
ATOM   846  C  CD  . GLN A 1 100 ? -1.449  11.286  1.379   1.00 19.12 ? 838 GLN A CD  1 
ATOM   847  O  OE1 . GLN A 1 100 ? -1.773  11.397  2.572   1.00 20.25 ? 838 GLN A OE1 1 
ATOM   848  N  NE2 . GLN A 1 100 ? -1.801  12.168  0.461   1.00 22.50 ? 838 GLN A NE2 1 
ATOM   849  N  N   . PHE A 1 101 ? 1.530   7.166   3.672   1.00 4.28  ? 839 PHE A N   1 
ATOM   850  C  CA  . PHE A 1 101 ? 2.341   6.754   4.800   1.00 3.93  ? 839 PHE A CA  1 
ATOM   851  C  C   . PHE A 1 101 ? 3.386   5.714   4.359   1.00 2.00  ? 839 PHE A C   1 
ATOM   852  O  O   . PHE A 1 101 ? 4.552   5.786   4.768   1.00 2.45  ? 839 PHE A O   1 
ATOM   853  C  CB  . PHE A 1 101 ? 1.477   6.222   5.955   1.00 3.90  ? 839 PHE A CB  1 
ATOM   854  C  CG  . PHE A 1 101 ? 2.242   5.988   7.218   1.00 2.00  ? 839 PHE A CG  1 
ATOM   855  C  CD1 . PHE A 1 101 ? 2.795   7.037   7.936   1.00 3.02  ? 839 PHE A CD1 1 
ATOM   856  C  CD2 . PHE A 1 101 ? 2.449   4.677   7.679   1.00 8.16  ? 839 PHE A CD2 1 
ATOM   857  C  CE1 . PHE A 1 101 ? 3.497   6.809   9.121   1.00 5.63  ? 839 PHE A CE1 1 
ATOM   858  C  CE2 . PHE A 1 101 ? 3.165   4.442   8.875   1.00 7.17  ? 839 PHE A CE2 1 
ATOM   859  C  CZ  . PHE A 1 101 ? 3.684   5.490   9.577   1.00 6.32  ? 839 PHE A CZ  1 
ATOM   860  N  N   . PHE A 1 102 ? 2.956   4.771   3.525   1.00 2.80  ? 840 PHE A N   1 
ATOM   861  C  CA  . PHE A 1 102 ? 3.851   3.785   2.925   1.00 3.22  ? 840 PHE A CA  1 
ATOM   862  C  C   . PHE A 1 102 ? 5.041   4.470   2.295   1.00 6.81  ? 840 PHE A C   1 
ATOM   863  O  O   . PHE A 1 102 ? 6.195   4.121   2.593   1.00 2.84  ? 840 PHE A O   1 
ATOM   864  C  CB  . PHE A 1 102 ? 3.087   2.939   1.933   1.00 4.44  ? 840 PHE A CB  1 
ATOM   865  C  CG  . PHE A 1 102 ? 3.928   1.875   1.243   1.00 4.09  ? 840 PHE A CG  1 
ATOM   866  C  CD1 . PHE A 1 102 ? 3.837   0.565   1.634   1.00 6.19  ? 840 PHE A CD1 1 
ATOM   867  C  CD2 . PHE A 1 102 ? 4.813   2.213   0.219   1.00 3.55  ? 840 PHE A CD2 1 
ATOM   868  C  CE1 . PHE A 1 102 ? 4.600   -0.432  1.016   1.00 5.11  ? 840 PHE A CE1 1 
ATOM   869  C  CE2 . PHE A 1 102 ? 5.584   1.246   -0.396  1.00 5.32  ? 840 PHE A CE2 1 
ATOM   870  C  CZ  . PHE A 1 102 ? 5.481   -0.091  0.018   1.00 6.76  ? 840 PHE A CZ  1 
ATOM   871  N  N   . ILE A 1 103 ? 4.787   5.462   1.451   1.00 5.39  ? 841 ILE A N   1 
ATOM   872  C  CA  . ILE A 1 103 ? 5.902   6.180   0.814   1.00 5.21  ? 841 ILE A CA  1 
ATOM   873  C  C   . ILE A 1 103 ? 6.800   6.848   1.858   1.00 2.59  ? 841 ILE A C   1 
ATOM   874  O  O   . ILE A 1 103 ? 8.022   6.762   1.758   1.00 4.59  ? 841 ILE A O   1 
ATOM   875  C  CB  . ILE A 1 103 ? 5.427   7.164   -0.288  1.00 5.74  ? 841 ILE A CB  1 
ATOM   876  C  CG1 . ILE A 1 103 ? 4.818   6.359   -1.445  1.00 8.22  ? 841 ILE A CG1 1 
ATOM   877  C  CG2 . ILE A 1 103 ? 6.600   8.032   -0.794  1.00 4.45  ? 841 ILE A CG2 1 
ATOM   878  C  CD1 . ILE A 1 103 ? 4.154   7.220   -2.530  1.00 6.16  ? 841 ILE A CD1 1 
ATOM   879  N  N   . LYS A 1 104 ? 6.224   7.518   2.854   1.00 4.97  ? 842 LYS A N   1 
ATOM   880  C  CA  . LYS A 1 104 ? 7.005   8.202   3.855   1.00 3.90  ? 842 LYS A CA  1 
ATOM   881  C  C   . LYS A 1 104 ? 7.978   7.248   4.594   1.00 5.86  ? 842 LYS A C   1 
ATOM   882  O  O   . LYS A 1 104 ? 9.163   7.528   4.716   1.00 4.37  ? 842 LYS A O   1 
ATOM   883  C  CB  . LYS A 1 104 ? 6.102   8.958   4.863   1.00 4.12  ? 842 LYS A CB  1 
ATOM   884  C  CG  . LYS A 1 104 ? 6.871   9.601   6.043   1.00 8.58  ? 842 LYS A CG  1 
ATOM   885  C  CD  . LYS A 1 104 ? 5.870   10.258  7.005   1.00 17.90 ? 842 LYS A CD  1 
ATOM   886  C  CE  . LYS A 1 104 ? 6.501   11.237  7.992   1.00 28.79 ? 842 LYS A CE  1 
ATOM   887  N  NZ  . LYS A 1 104 ? 6.905   10.562  9.257   1.00 42.78 ? 842 LYS A NZ  1 
ATOM   888  N  N   . ILE A 1 105 ? 7.457   6.132   5.081   1.00 3.64  ? 843 ILE A N   1 
ATOM   889  C  CA  . ILE A 1 105 ? 8.243   5.160   5.844   1.00 2.00  ? 843 ILE A CA  1 
ATOM   890  C  C   . ILE A 1 105 ? 9.213   4.418   4.923   1.00 2.83  ? 843 ILE A C   1 
ATOM   891  O  O   . ILE A 1 105 ? 10.366  4.178   5.291   1.00 2.38  ? 843 ILE A O   1 
ATOM   892  C  CB  . ILE A 1 105 ? 7.307   4.194   6.622   1.00 3.61  ? 843 ILE A CB  1 
ATOM   893  C  CG1 . ILE A 1 105 ? 6.426   5.000   7.570   1.00 2.68  ? 843 ILE A CG1 1 
ATOM   894  C  CG2 . ILE A 1 105 ? 8.133   3.117   7.365   1.00 4.92  ? 843 ILE A CG2 1 
ATOM   895  C  CD1 . ILE A 1 105 ? 7.250   5.885   8.643   1.00 4.04  ? 843 ILE A CD1 1 
ATOM   896  N  N   . ARG A 1 106 ? 8.778   4.068   3.710   1.00 3.78  ? 844 ARG A N   1 
ATOM   897  C  CA  . ARG A 1 106 ? 9.692   3.497   2.699   1.00 5.07  ? 844 ARG A CA  1 
ATOM   898  C  C   . ARG A 1 106 ? 10.942  4.348   2.545   1.00 2.82  ? 844 ARG A C   1 
ATOM   899  O  O   . ARG A 1 106 ? 12.071  3.838   2.602   1.00 4.53  ? 844 ARG A O   1 
ATOM   900  C  CB  . ARG A 1 106 ? 8.993   3.359   1.336   1.00 3.84  ? 844 ARG A CB  1 
ATOM   901  C  CG  . ARG A 1 106 ? 9.826   2.776   0.212   1.00 5.85  ? 844 ARG A CG  1 
ATOM   902  C  CD  . ARG A 1 106 ? 9.172   3.148   -1.107  1.00 2.00  ? 844 ARG A CD  1 
ATOM   903  N  NE  . ARG A 1 106 ? 9.404   4.550   -1.418  1.00 4.29  ? 844 ARG A NE  1 
ATOM   904  C  CZ  . ARG A 1 106 ? 8.833   5.193   -2.435  1.00 4.69  ? 844 ARG A CZ  1 
ATOM   905  N  NH1 . ARG A 1 106 ? 7.965   4.566   -3.223  1.00 6.88  ? 844 ARG A NH1 1 
ATOM   906  N  NH2 . ARG A 1 106 ? 9.207   6.417   -2.716  1.00 4.13  ? 844 ARG A NH2 1 
ATOM   907  N  N   . ASP A 1 107 ? 10.743  5.658   2.345   1.00 3.96  ? 845 ASP A N   1 
ATOM   908  C  CA  . ASP A 1 107 ? 11.844  6.550   2.095   1.00 2.97  ? 845 ASP A CA  1 
ATOM   909  C  C   . ASP A 1 107 ? 12.792  6.632   3.319   1.00 2.00  ? 845 ASP A C   1 
ATOM   910  O  O   . ASP A 1 107 ? 13.991  6.615   3.179   1.00 4.68  ? 845 ASP A O   1 
ATOM   911  C  CB  . ASP A 1 107 ? 11.331  7.959   1.690   1.00 2.00  ? 845 ASP A CB  1 
ATOM   912  C  CG  . ASP A 1 107 ? 10.691  7.982   0.301   1.00 6.16  ? 845 ASP A CG  1 
ATOM   913  O  OD1 . ASP A 1 107 ? 10.801  6.971   -0.451  1.00 4.81  ? 845 ASP A OD1 1 
ATOM   914  O  OD2 . ASP A 1 107 ? 10.105  9.030   -0.049  1.00 5.61  ? 845 ASP A OD2 1 
ATOM   915  N  N   . GLU A 1 108 ? 12.221  6.692   4.514   1.00 2.92  ? 846 GLU A N   1 
ATOM   916  C  CA  . GLU A 1 108 ? 12.973  6.752   5.745   1.00 3.83  ? 846 GLU A CA  1 
ATOM   917  C  C   . GLU A 1 108 ? 13.827  5.486   5.925   1.00 2.00  ? 846 GLU A C   1 
ATOM   918  O  O   . GLU A 1 108 ? 14.998  5.600   6.259   1.00 4.14  ? 846 GLU A O   1 
ATOM   919  C  CB  . GLU A 1 108 ? 12.056  6.905   6.981   1.00 4.62  ? 846 GLU A CB  1 
ATOM   920  C  CG  . GLU A 1 108 ? 11.374  8.259   7.102   1.00 15.12 ? 846 GLU A CG  1 
ATOM   921  C  CD  . GLU A 1 108 ? 10.553  8.434   8.399   1.00 30.44 ? 846 GLU A CD  1 
ATOM   922  O  OE1 . GLU A 1 108 ? 10.569  7.539   9.289   1.00 16.98 ? 846 GLU A OE1 1 
ATOM   923  O  OE2 . GLU A 1 108 ? 9.892   9.491   8.507   1.00 21.80 ? 846 GLU A OE2 1 
ATOM   924  N  N   . LEU A 1 109 ? 13.235  4.314   5.704   1.00 2.60  ? 847 LEU A N   1 
ATOM   925  C  CA  . LEU A 1 109 ? 13.949  3.032   5.876   1.00 3.42  ? 847 LEU A CA  1 
ATOM   926  C  C   . LEU A 1 109 ? 15.054  2.862   4.831   1.00 2.34  ? 847 LEU A C   1 
ATOM   927  O  O   . LEU A 1 109 ? 16.146  2.353   5.117   1.00 4.44  ? 847 LEU A O   1 
ATOM   928  C  CB  . LEU A 1 109 ? 12.990  1.862   5.791   1.00 2.00  ? 847 LEU A CB  1 
ATOM   929  C  CG  . LEU A 1 109 ? 11.967  1.708   6.922   1.00 5.71  ? 847 LEU A CG  1 
ATOM   930  C  CD1 . LEU A 1 109 ? 10.943  0.621   6.590   1.00 5.73  ? 847 LEU A CD1 1 
ATOM   931  C  CD2 . LEU A 1 109 ? 12.704  1.408   8.223   1.00 12.03 ? 847 LEU A CD2 1 
ATOM   932  N  N   . CYS A 1 110 ? 14.774  3.294   3.621   1.00 4.32  ? 848 CYS A N   1 
ATOM   933  C  CA  . CYS A 1 110 ? 15.765  3.230   2.542   1.00 4.32  ? 848 CYS A CA  1 
ATOM   934  C  C   . CYS A 1 110 ? 16.932  4.181   2.816   1.00 4.05  ? 848 CYS A C   1 
ATOM   935  O  O   . CYS A 1 110 ? 18.086  3.816   2.635   1.00 4.80  ? 848 CYS A O   1 
ATOM   936  C  CB  . CYS A 1 110 ? 15.125  3.477   1.183   1.00 4.87  ? 848 CYS A CB  1 
ATOM   937  S  SG  . CYS A 1 110 ? 14.111  2.082   0.563   1.00 5.84  ? 848 CYS A SG  1 
ATOM   938  N  N   . LYS A 1 111 ? 16.646  5.388   3.282   1.00 4.52  ? 849 LYS A N   1 
ATOM   939  C  CA  . LYS A 1 111 ? 17.716  6.294   3.693   1.00 4.32  ? 849 LYS A CA  1 
ATOM   940  C  C   . LYS A 1 111 ? 18.603  5.685   4.786   1.00 8.60  ? 849 LYS A C   1 
ATOM   941  O  O   . LYS A 1 111 ? 19.858  5.676   4.674   1.00 6.35  ? 849 LYS A O   1 
ATOM   942  C  CB  . LYS A 1 111 ? 17.121  7.623   4.168   1.00 8.89  ? 849 LYS A CB  1 
ATOM   943  C  CG  . LYS A 1 111 ? 18.183  8.677   4.601   1.00 9.70  ? 849 LYS A CG  1 
ATOM   944  C  CD  . LYS A 1 111 ? 17.526  9.891   5.254   1.00 23.65 ? 849 LYS A CD  1 
ATOM   945  C  CE  . LYS A 1 111 ? 16.754  10.721  4.238   1.00 45.17 ? 849 LYS A CE  1 
ATOM   946  N  N   . ASN A 1 112 ? 17.960  5.162   5.831   1.00 6.09  ? 850 ASN A N   1 
ATOM   947  C  CA  . ASN A 1 112 ? 18.650  4.529   6.970   1.00 9.64  ? 850 ASN A CA  1 
ATOM   948  C  C   . ASN A 1 112 ? 19.481  3.325   6.561   1.00 8.55  ? 850 ASN A C   1 
ATOM   949  O  O   . ASN A 1 112 ? 20.587  3.151   7.066   1.00 7.62  ? 850 ASN A O   1 
ATOM   950  C  CB  . ASN A 1 112 ? 17.652  4.071   8.043   1.00 6.93  ? 850 ASN A CB  1 
ATOM   951  C  CG  . ASN A 1 112 ? 17.035  5.220   8.805   1.00 22.83 ? 850 ASN A CG  1 
ATOM   952  O  OD1 . ASN A 1 112 ? 17.442  6.368   8.653   1.00 18.92 ? 850 ASN A OD1 1 
ATOM   953  N  ND2 . ASN A 1 112 ? 16.047  4.909   9.646   1.00 28.95 ? 850 ASN A ND2 1 
ATOM   954  N  N   . GLY A 1 113 ? 18.974  2.532   5.612   1.00 5.33  ? 851 GLY A N   1 
ATOM   955  C  CA  . GLY A 1 113 ? 19.662  1.349   5.136   1.00 9.16  ? 851 GLY A CA  1 
ATOM   956  C  C   . GLY A 1 113 ? 20.571  1.542   3.945   1.00 9.89  ? 851 GLY A C   1 
ATOM   957  O  O   . GLY A 1 113 ? 21.107  0.566   3.426   1.00 6.43  ? 851 GLY A O   1 
ATOM   958  N  N   . GLU A 1 114 ? 20.723  2.790   3.493   1.00 5.91  ? 852 GLU A N   1 
ATOM   959  C  CA  . GLU A 1 114 ? 21.522  3.123   2.308   1.00 4.04  ? 852 GLU A CA  1 
ATOM   960  C  C   . GLU A 1 114 ? 21.062  2.365   1.056   1.00 7.71  ? 852 GLU A C   1 
ATOM   961  O  O   . GLU A 1 114 ? 21.885  1.972   0.207   1.00 4.15  ? 852 GLU A O   1 
ATOM   962  C  CB  . GLU A 1 114 ? 23.020  2.940   2.594   1.00 7.67  ? 852 GLU A CB  1 
ATOM   963  C  CG  . GLU A 1 114 ? 23.549  3.993   3.547   1.00 16.79 ? 852 GLU A CG  1 
ATOM   964  C  CD  . GLU A 1 114 ? 24.923  3.668   4.125   1.00 34.03 ? 852 GLU A CD  1 
ATOM   965  O  OE1 . GLU A 1 114 ? 25.637  2.800   3.581   1.00 30.49 ? 852 GLU A OE1 1 
ATOM   966  O  OE2 . GLU A 1 114 ? 25.281  4.292   5.144   1.00 39.91 ? 852 GLU A OE2 1 
ATOM   967  N  N   . ILE A 1 115 ? 19.739  2.222   0.944   1.00 6.10  ? 853 ILE A N   1 
ATOM   968  C  CA  . ILE A 1 115 ? 19.050  1.700   -0.268  1.00 6.01  ? 853 ILE A CA  1 
ATOM   969  C  C   . ILE A 1 115 ? 18.719  2.888   -1.196  1.00 7.53  ? 853 ILE A C   1 
ATOM   970  O  O   . ILE A 1 115 ? 17.857  3.749   -0.898  1.00 6.50  ? 853 ILE A O   1 
ATOM   971  C  CB  . ILE A 1 115 ? 17.796  0.925   0.051   1.00 6.24  ? 853 ILE A CB  1 
ATOM   972  C  CG1 . ILE A 1 115 ? 18.126  -0.315  0.896   1.00 12.31 ? 853 ILE A CG1 1 
ATOM   973  C  CG2 . ILE A 1 115 ? 17.109  0.443   -1.287  1.00 6.47  ? 853 ILE A CG2 1 
ATOM   974  C  CD1 A ILE A 1 115 ? 16.974  -0.988  1.508   0.50 11.37 ? 853 ILE A CD1 1 
ATOM   975  C  CD1 B ILE A 1 115 ? 19.315  -1.270  0.620   0.50 2.00  ? 853 ILE A CD1 1 
ATOM   976  N  N   . LEU A 1 116 ? 19.446  2.944   -2.302  1.00 4.49  ? 854 LEU A N   1 
ATOM   977  C  CA  . LEU A 1 116 ? 19.403  4.075   -3.242  1.00 8.20  ? 854 LEU A CA  1 
ATOM   978  C  C   . LEU A 1 116 ? 18.858  3.634   -4.616  1.00 10.89 ? 854 LEU A C   1 
ATOM   979  O  O   . LEU A 1 116 ? 18.110  4.374   -5.241  1.00 7.79  ? 854 LEU A O   1 
ATOM   980  C  CB  . LEU A 1 116 ? 20.794  4.713   -3.428  1.00 8.72  ? 854 LEU A CB  1 
ATOM   981  C  CG  . LEU A 1 116 ? 21.543  5.319   -2.241  1.00 19.35 ? 854 LEU A CG  1 
ATOM   982  C  CD1 . LEU A 1 116 ? 22.787  6.053   -2.706  1.00 14.13 ? 854 LEU A CD1 1 
ATOM   983  C  CD2 . LEU A 1 116 ? 20.639  6.244   -1.471  1.00 15.83 ? 854 LEU A CD2 1 
ATOM   984  N  N   . LEU A 1 117 ? 19.237  2.431   -5.054  1.00 10.08 ? 855 LEU A N   1 
ATOM   985  C  CA  . LEU A 1 117 ? 19.000  1.954   -6.412  1.00 10.80 ? 855 LEU A CA  1 
ATOM   986  C  C   . LEU A 1 117 ? 17.579  1.457   -6.719  1.00 7.64  ? 855 LEU A C   1 
ATOM   987  O  O   . LEU A 1 117 ? 17.201  1.350   -7.887  1.00 7.61  ? 855 LEU A O   1 
ATOM   988  C  CB  . LEU A 1 117 ? 20.021  0.829   -6.735  1.00 7.42  ? 855 LEU A CB  1 
ATOM   989  C  CG  . LEU A 1 117 ? 21.413  1.309   -7.109  1.00 13.00 ? 855 LEU A CG  1 
ATOM   990  C  CD1 . LEU A 1 117 ? 22.365  0.107   -7.314  1.00 19.64 ? 855 LEU A CD1 1 
ATOM   991  C  CD2 . LEU A 1 117 ? 21.378  2.187   -8.359  1.00 26.33 ? 855 LEU A CD2 1 
ATOM   992  N  N   . SER A 1 118 ? 16.788  1.164   -5.701  1.00 7.08  ? 856 SER A N   1 
ATOM   993  C  CA  . SER A 1 118 ? 15.560  0.448   -5.910  1.00 7.43  ? 856 SER A CA  1 
ATOM   994  C  C   . SER A 1 118 ? 14.626  1.170   -6.851  1.00 6.06  ? 856 SER A C   1 
ATOM   995  O  O   . SER A 1 118 ? 14.311  2.359   -6.629  1.00 4.96  ? 856 SER A O   1 
ATOM   996  C  CB  . SER A 1 118 ? 14.869  0.244   -4.565  1.00 12.26 ? 856 SER A CB  1 
ATOM   997  O  OG  . SER A 1 118 ? 13.646  -0.395  -4.759  1.00 7.46  ? 856 SER A OG  1 
ATOM   998  N  N   . PRO A 1 119 ? 14.151  0.471   -7.907  1.00 5.23  ? 857 PRO A N   1 
ATOM   999  C  CA  . PRO A 1 119 ? 13.125  1.055   -8.766  1.00 4.96  ? 857 PRO A CA  1 
ATOM   1000 C  C   . PRO A 1 119 ? 11.828  1.517   -8.103  1.00 4.73  ? 857 PRO A C   1 
ATOM   1001 O  O   . PRO A 1 119 ? 11.152  2.396   -8.667  1.00 9.27  ? 857 PRO A O   1 
ATOM   1002 C  CB  . PRO A 1 119 ? 12.824  -0.068  -9.789  1.00 12.01 ? 857 PRO A CB  1 
ATOM   1003 C  CG  . PRO A 1 119 ? 14.040  -0.922  -9.771  1.00 8.80  ? 857 PRO A CG  1 
ATOM   1004 C  CD  . PRO A 1 119 ? 14.508  -0.894  -8.352  1.00 11.10 ? 857 PRO A CD  1 
ATOM   1005 N  N   . ALA A 1 120 ? 11.494  0.937   -6.951  1.00 5.85  ? 858 ALA A N   1 
ATOM   1006 C  CA  . ALA A 1 120 ? 10.358  1.357   -6.137  1.00 6.92  ? 858 ALA A CA  1 
ATOM   1007 C  C   . ALA A 1 120 ? 10.433  2.850   -5.815  1.00 6.65  ? 858 ALA A C   1 
ATOM   1008 O  O   . ALA A 1 120 ? 9.395   3.520   -5.719  1.00 5.25  ? 858 ALA A O   1 
ATOM   1009 C  CB  . ALA A 1 120 ? 10.299  0.575   -4.857  1.00 5.49  ? 858 ALA A CB  1 
ATOM   1010 N  N   . LEU A 1 121 ? 11.659  3.371   -5.694  1.00 5.52  ? 859 LEU A N   1 
ATOM   1011 C  CA  . LEU A 1 121 ? 11.854  4.789   -5.326  1.00 5.95  ? 859 LEU A CA  1 
ATOM   1012 C  C   . LEU A 1 121 ? 11.537  5.768   -6.436  1.00 5.96  ? 859 LEU A C   1 
ATOM   1013 O  O   . LEU A 1 121 ? 11.527  6.991   -6.199  1.00 3.12  ? 859 LEU A O   1 
ATOM   1014 C  CB  . LEU A 1 121 ? 13.286  5.010   -4.784  1.00 3.41  ? 859 LEU A CB  1 
ATOM   1015 C  CG  . LEU A 1 121 ? 13.716  4.169   -3.568  1.00 4.67  ? 859 LEU A CG  1 
ATOM   1016 C  CD1 . LEU A 1 121 ? 15.217  4.441   -3.238  1.00 7.02  ? 859 LEU A CD1 1 
ATOM   1017 C  CD2 . LEU A 1 121 ? 12.815  4.451   -2.320  1.00 6.35  ? 859 LEU A CD2 1 
ATOM   1018 N  N   . SER A 1 122 ? 11.244  5.288   -7.642  1.00 3.33  ? 860 SER A N   1 
ATOM   1019 C  CA  . SER A 1 122 ? 10.873  6.165   -8.729  1.00 7.26  ? 860 SER A CA  1 
ATOM   1020 C  C   . SER A 1 122 ? 9.493   6.793   -8.503  1.00 9.72  ? 860 SER A C   1 
ATOM   1021 O  O   . SER A 1 122 ? 9.178   7.837   -9.084  1.00 8.09  ? 860 SER A O   1 
ATOM   1022 C  CB  . SER A 1 122 ? 10.852  5.398   -10.054 1.00 9.26  ? 860 SER A CB  1 
ATOM   1023 O  OG  . SER A 1 122 ? 9.818   4.450   -10.021 1.00 14.44 ? 860 SER A OG  1 
ATOM   1024 N  N   . TYR A 1 123 ? 8.672   6.143   -7.684  1.00 6.12  ? 861 TYR A N   1 
ATOM   1025 C  CA  . TYR A 1 123 ? 7.312   6.629   -7.411  1.00 7.34  ? 861 TYR A CA  1 
ATOM   1026 C  C   . TYR A 1 123 ? 7.323   7.428   -6.106  1.00 2.32  ? 861 TYR A C   1 
ATOM   1027 O  O   . TYR A 1 123 ? 7.430   6.887   -5.031  1.00 6.33  ? 861 TYR A O   1 
ATOM   1028 C  CB  . TYR A 1 123 ? 6.341   5.480   -7.356  1.00 5.58  ? 861 TYR A CB  1 
ATOM   1029 C  CG  . TYR A 1 123 ? 4.904   5.942   -7.394  1.00 6.38  ? 861 TYR A CG  1 
ATOM   1030 C  CD1 . TYR A 1 123 ? 4.146   6.064   -6.233  1.00 6.70  ? 861 TYR A CD1 1 
ATOM   1031 C  CD2 . TYR A 1 123 ? 4.315   6.291   -8.602  1.00 10.47 ? 861 TYR A CD2 1 
ATOM   1032 C  CE1 . TYR A 1 123 ? 2.796   6.512   -6.292  1.00 6.91  ? 861 TYR A CE1 1 
ATOM   1033 C  CE2 . TYR A 1 123 ? 2.985   6.725   -8.662  1.00 6.93  ? 861 TYR A CE2 1 
ATOM   1034 C  CZ  . TYR A 1 123 ? 2.240   6.817   -7.497  1.00 6.71  ? 861 TYR A CZ  1 
ATOM   1035 O  OH  . TYR A 1 123 ? 0.927   7.252   -7.587  1.00 7.09  ? 861 TYR A OH  1 
ATOM   1036 N  N   . THR A 1 124 ? 7.245   8.741   -6.254  1.00 4.74  ? 862 THR A N   1 
ATOM   1037 C  CA  . THR A 1 124 ? 7.435   9.679   -5.152  1.00 7.93  ? 862 THR A CA  1 
ATOM   1038 C  C   . THR A 1 124 ? 6.131   10.137  -4.536  1.00 8.23  ? 862 THR A C   1 
ATOM   1039 O  O   . THR A 1 124 ? 5.054   9.897   -5.074  1.00 6.06  ? 862 THR A O   1 
ATOM   1040 C  CB  . THR A 1 124 ? 8.218   10.894  -5.623  1.00 6.93  ? 862 THR A CB  1 
ATOM   1041 O  OG1 . THR A 1 124 ? 7.422   11.678  -6.547  1.00 8.05  ? 862 THR A OG1 1 
ATOM   1042 C  CG2 . THR A 1 124 ? 9.480   10.436  -6.313  1.00 7.97  ? 862 THR A CG2 1 
ATOM   1043 N  N   . THR A 1 125 ? 6.232   10.799  -3.391  1.00 7.37  ? 863 THR A N   1 
ATOM   1044 C  CA  . THR A 1 125 ? 5.081   11.443  -2.775  1.00 9.97  ? 863 THR A CA  1 
ATOM   1045 C  C   . THR A 1 125 ? 4.365   12.404  -3.724  1.00 7.95  ? 863 THR A C   1 
ATOM   1046 O  O   . THR A 1 125 ? 3.127   12.493  -3.732  1.00 6.60  ? 863 THR A O   1 
ATOM   1047 C  CB  . THR A 1 125 ? 5.531   12.237  -1.529  1.00 18.00 ? 863 THR A CB  1 
ATOM   1048 O  OG1 . THR A 1 125 ? 6.136   11.329  -0.591  1.00 15.86 ? 863 THR A OG1 1 
ATOM   1049 C  CG2 . THR A 1 125 ? 4.348   12.904  -0.881  1.00 17.62 ? 863 THR A CG2 1 
ATOM   1050 N  N   . LYS A 1 126 ? 5.146   13.135  -4.509  1.00 8.38  ? 864 LYS A N   1 
ATOM   1051 C  CA  . LYS A 1 126 ? 4.596   14.071  -5.489  1.00 6.07  ? 864 LYS A CA  1 
ATOM   1052 C  C   . LYS A 1 126 ? 3.795   13.344  -6.590  1.00 8.71  ? 864 LYS A C   1 
ATOM   1053 O  O   . LYS A 1 126 ? 2.700   13.787  -6.945  1.00 7.44  ? 864 LYS A O   1 
ATOM   1054 C  CB  . LYS A 1 126 ? 5.699   14.928  -6.104  1.00 11.92 ? 864 LYS A CB  1 
ATOM   1055 C  CG  . LYS A 1 126 ? 5.899   16.273  -5.420  1.00 24.02 ? 864 LYS A CG  1 
ATOM   1056 N  N   . HIS A 1 127 ? 4.304   12.221  -7.090  1.00 4.65  ? 865 HIS A N   1 
ATOM   1057 C  CA  . HIS A 1 127 ? 3.561   11.407  -8.065  1.00 5.98  ? 865 HIS A CA  1 
ATOM   1058 C  C   . HIS A 1 127 ? 2.238   10.906  -7.464  1.00 10.64 ? 865 HIS A C   1 
ATOM   1059 O  O   . HIS A 1 127 ? 1.200   10.918  -8.122  1.00 6.04  ? 865 HIS A O   1 
ATOM   1060 C  CB  . HIS A 1 127 ? 4.336   10.169  -8.524  1.00 6.27  ? 865 HIS A CB  1 
ATOM   1061 C  CG  . HIS A 1 127 ? 5.549   10.447  -9.354  1.00 10.86 ? 865 HIS A CG  1 
ATOM   1062 N  ND1 . HIS A 1 127 ? 6.825   10.189  -8.908  1.00 13.91 ? 865 HIS A ND1 1 
ATOM   1063 C  CD2 . HIS A 1 127 ? 5.682   10.927  -10.612 1.00 26.07 ? 865 HIS A CD2 1 
ATOM   1064 C  CE1 . HIS A 1 127 ? 7.696   10.515  -9.849  1.00 17.06 ? 865 HIS A CE1 1 
ATOM   1065 N  NE2 . HIS A 1 127 ? 7.026   10.972  -10.890 1.00 26.15 ? 865 HIS A NE2 1 
ATOM   1066 N  N   . LEU A 1 128 ? 2.286   10.419  -6.225  1.00 4.25  ? 866 LEU A N   1 
ATOM   1067 C  CA  . LEU A 1 128 ? 1.080   9.976   -5.553  1.00 6.85  ? 866 LEU A CA  1 
ATOM   1068 C  C   . LEU A 1 128 ? 0.067   11.111  -5.389  1.00 6.87  ? 866 LEU A C   1 
ATOM   1069 O  O   . LEU A 1 128 ? -1.107  10.931  -5.701  1.00 8.55  ? 866 LEU A O   1 
ATOM   1070 C  CB  . LEU A 1 128 ? 1.398   9.317   -4.194  1.00 5.71  ? 866 LEU A CB  1 
ATOM   1071 C  CG  . LEU A 1 128 ? 0.147   8.875   -3.421  1.00 7.20  ? 866 LEU A CG  1 
ATOM   1072 C  CD1 . LEU A 1 128 ? -0.550  7.716   -4.151  1.00 5.98  ? 866 LEU A CD1 1 
ATOM   1073 C  CD2 . LEU A 1 128 ? 0.490   8.473   -1.980  1.00 9.10  ? 866 LEU A CD2 1 
ATOM   1074 N  N   . HIS A 1 129 ? 0.514   12.277  -4.926  1.00 8.90  ? 867 HIS A N   1 
ATOM   1075 C  CA  . HIS A 1 129 ? -0.363  13.448  -4.814  1.00 9.99  ? 867 HIS A CA  1 
ATOM   1076 C  C   . HIS A 1 129 ? -1.008  13.767  -6.159  1.00 8.27  ? 867 HIS A C   1 
ATOM   1077 O  O   . HIS A 1 129 ? -2.214  13.995  -6.228  1.00 10.70 ? 867 HIS A O   1 
ATOM   1078 C  CB  A HIS A 1 129 ? 0.416   14.674  -4.304  0.50 14.72 ? 867 HIS A CB  1 
ATOM   1079 C  CB  B HIS A 1 129 ? 0.405   14.689  -4.324  0.50 14.09 ? 867 HIS A CB  1 
ATOM   1080 C  CG  A HIS A 1 129 ? 0.688   14.657  -2.828  0.50 14.09 ? 867 HIS A CG  1 
ATOM   1081 C  CG  B HIS A 1 129 ? -0.396  15.957  -4.368  0.50 2.00  ? 867 HIS A CG  1 
ATOM   1082 N  ND1 A HIS A 1 129 ? 0.537   13.530  -2.049  0.50 18.81 ? 867 HIS A ND1 1 
ATOM   1083 N  ND1 B HIS A 1 129 ? -0.319  16.856  -5.411  0.50 21.28 ? 867 HIS A ND1 1 
ATOM   1084 C  CD2 A HIS A 1 129 ? 1.132   15.629  -1.995  0.50 16.79 ? 867 HIS A CD2 1 
ATOM   1085 C  CD2 B HIS A 1 129 ? -1.293  16.470  -3.494  0.50 16.42 ? 867 HIS A CD2 1 
ATOM   1086 C  CE1 A HIS A 1 129 ? 0.851   13.814  -0.798  0.50 13.89 ? 867 HIS A CE1 1 
ATOM   1087 C  CE1 B HIS A 1 129 ? -1.135  17.868  -5.176  0.50 19.01 ? 867 HIS A CE1 1 
ATOM   1088 N  NE2 A HIS A 1 129 ? 1.216   15.081  -0.738  0.50 21.24 ? 867 HIS A NE2 1 
ATOM   1089 N  NE2 B HIS A 1 129 ? -1.737  17.659  -4.019  0.50 10.73 ? 867 HIS A NE2 1 
ATOM   1090 N  N   . ASN A 1 130 ? -0.211  13.787  -7.220  1.00 6.43  ? 868 ASN A N   1 
ATOM   1091 C  CA  . ASN A 1 130 ? -0.734  14.091  -8.559  1.00 7.01  ? 868 ASN A CA  1 
ATOM   1092 C  C   . ASN A 1 130 ? -1.794  13.068  -8.991  1.00 6.30  ? 868 ASN A C   1 
ATOM   1093 O  O   . ASN A 1 130 ? -2.868  13.439  -9.511  1.00 6.82  ? 868 ASN A O   1 
ATOM   1094 C  CB  . ASN A 1 130 ? 0.389   14.158  -9.610  1.00 11.31 ? 868 ASN A CB  1 
ATOM   1095 C  CG  . ASN A 1 130 ? 1.296   15.382  -9.448  1.00 19.03 ? 868 ASN A CG  1 
ATOM   1096 O  OD1 . ASN A 1 130 ? 0.936   16.363  -8.778  1.00 12.76 ? 868 ASN A OD1 1 
ATOM   1097 N  ND2 . ASN A 1 130 ? 2.487   15.328  -10.076 1.00 10.76 ? 868 ASN A ND2 1 
ATOM   1098 N  N   . ASP A 1 131 ? -1.489  11.792  -8.781  1.00 8.15  ? 869 ASP A N   1 
ATOM   1099 C  CA  . ASP A 1 131 ? -2.362  10.690  -9.192  1.00 2.00  ? 869 ASP A CA  1 
ATOM   1100 C  C   . ASP A 1 131 ? -3.658  10.655  -8.367  1.00 4.92  ? 869 ASP A C   1 
ATOM   1101 O  O   . ASP A 1 131 ? -4.731  10.403  -8.915  1.00 4.04  ? 869 ASP A O   1 
ATOM   1102 C  CB  . ASP A 1 131 ? -1.648  9.357   -9.064  1.00 7.55  ? 869 ASP A CB  1 
ATOM   1103 C  CG  . ASP A 1 131 ? -0.586  9.150   -10.138 1.00 8.93  ? 869 ASP A CG  1 
ATOM   1104 O  OD1 . ASP A 1 131 ? -0.560  9.930   -11.115 1.00 7.08  ? 869 ASP A OD1 1 
ATOM   1105 O  OD2 . ASP A 1 131 ? 0.190   8.195   -9.980  1.00 9.76  ? 869 ASP A OD2 1 
ATOM   1106 N  N   . VAL A 1 132 ? -3.558  10.910  -7.063  1.00 4.53  ? 870 VAL A N   1 
ATOM   1107 C  CA  . VAL A 1 132 ? -4.754  10.958  -6.228  1.00 2.50  ? 870 VAL A CA  1 
ATOM   1108 C  C   . VAL A 1 132 ? -5.636  12.139  -6.574  1.00 5.61  ? 870 VAL A C   1 
ATOM   1109 O  O   . VAL A 1 132 ? -6.860  12.008  -6.671  1.00 4.53  ? 870 VAL A O   1 
ATOM   1110 C  CB  . VAL A 1 132 ? -4.442  10.959  -4.721  1.00 4.19  ? 870 VAL A CB  1 
ATOM   1111 C  CG1 . VAL A 1 132 ? -5.736  11.208  -3.915  1.00 9.56  ? 870 VAL A CG1 1 
ATOM   1112 C  CG2 . VAL A 1 132 ? -3.759  9.624   -4.312  1.00 3.94  ? 870 VAL A CG2 1 
ATOM   1113 N  N   . GLU A 1 133 ? -5.022  13.298  -6.752  1.00 4.45  ? 871 GLU A N   1 
ATOM   1114 C  CA  . GLU A 1 133 ? -5.762  14.507  -7.160  1.00 2.00  ? 871 GLU A CA  1 
ATOM   1115 C  C   . GLU A 1 133 ? -6.487  14.317  -8.493  1.00 2.08  ? 871 GLU A C   1 
ATOM   1116 O  O   . GLU A 1 133 ? -7.655  14.712  -8.639  1.00 5.38  ? 871 GLU A O   1 
ATOM   1117 C  CB  . GLU A 1 133 ? -4.823  15.720  -7.179  1.00 6.00  ? 871 GLU A CB  1 
ATOM   1118 C  CG  . GLU A 1 133 ? -4.674  16.415  -5.815  1.00 12.07 ? 871 GLU A CG  1 
ATOM   1119 C  CD  . GLU A 1 133 ? -6.026  16.874  -5.249  1.00 33.81 ? 871 GLU A CD  1 
ATOM   1120 O  OE1 . GLU A 1 133 ? -6.288  16.663  -4.045  1.00 29.54 ? 871 GLU A OE1 1 
ATOM   1121 O  OE2 . GLU A 1 133 ? -6.840  17.402  -6.026  1.00 26.18 ? 871 GLU A OE2 1 
ATOM   1122 N  N   . LYS A 1 134 ? -5.826  13.686  -9.458  1.00 6.40  ? 872 LYS A N   1 
ATOM   1123 C  CA  . LYS A 1 134 ? -6.476  13.363  -10.728 1.00 8.47  ? 872 LYS A CA  1 
ATOM   1124 C  C   . LYS A 1 134 ? -7.670  12.417  -10.572 1.00 3.56  ? 872 LYS A C   1 
ATOM   1125 O  O   . LYS A 1 134 ? -8.719  12.661  -11.178 1.00 2.00  ? 872 LYS A O   1 
ATOM   1126 C  CB  . LYS A 1 134 ? -5.471  12.800  -11.738 1.00 4.26  ? 872 LYS A CB  1 
ATOM   1127 C  CG  . LYS A 1 134 ? -6.043  12.290  -13.057 1.00 21.57 ? 872 LYS A CG  1 
ATOM   1128 C  CD  . LYS A 1 134 ? -4.914  11.858  -14.035 1.00 22.13 ? 872 LYS A CD  1 
ATOM   1129 C  CE  . LYS A 1 134 ? -5.401  10.794  -15.024 1.00 41.05 ? 872 LYS A CE  1 
ATOM   1130 N  NZ  . LYS A 1 134 ? -4.633  10.757  -16.306 1.00 38.78 ? 872 LYS A NZ  1 
ATOM   1131 N  N   . GLU A 1 135 ? -7.502  11.343  -9.806  1.00 5.14  ? 873 GLU A N   1 
ATOM   1132 C  CA  . GLU A 1 135 ? -8.576  10.399  -9.517  1.00 5.09  ? 873 GLU A CA  1 
ATOM   1133 C  C   . GLU A 1 135 ? -9.754  11.075  -8.807  1.00 4.38  ? 873 GLU A C   1 
ATOM   1134 O  O   . GLU A 1 135 ? -10.898 10.853  -9.167  1.00 2.89  ? 873 GLU A O   1 
ATOM   1135 C  CB  . GLU A 1 135 ? -8.057  9.227   -8.678  1.00 4.21  ? 873 GLU A CB  1 
ATOM   1136 C  CG  . GLU A 1 135 ? -9.100  8.181   -8.318  1.00 6.62  ? 873 GLU A CG  1 
ATOM   1137 C  CD  . GLU A 1 135 ? -8.528  7.030   -7.516  1.00 9.88  ? 873 GLU A CD  1 
ATOM   1138 O  OE1 . GLU A 1 135 ? -7.958  7.289   -6.433  1.00 6.06  ? 873 GLU A OE1 1 
ATOM   1139 O  OE2 . GLU A 1 135 ? -8.639  5.867   -7.964  1.00 7.25  ? 873 GLU A OE2 1 
ATOM   1140 N  N   . ARG A 1 136 ? -9.485  11.909  -7.803  1.00 5.36  ? 874 ARG A N   1 
ATOM   1141 C  CA  . ARG A 1 136 ? -10.563 12.649  -7.122  1.00 6.37  ? 874 ARG A CA  1 
ATOM   1142 C  C   . ARG A 1 136 ? -11.389 13.479  -8.104  1.00 7.02  ? 874 ARG A C   1 
ATOM   1143 O  O   . ARG A 1 136 ? -12.654 13.454  -8.081  1.00 4.41  ? 874 ARG A O   1 
ATOM   1144 C  CB  . ARG A 1 136 ? -10.018 13.563  -6.005  1.00 7.53  ? 874 ARG A CB  1 
ATOM   1145 C  CG  . ARG A 1 136 ? -9.494  12.851  -4.776  1.00 8.46  ? 874 ARG A CG  1 
ATOM   1146 C  CD  . ARG A 1 136 ? -9.083  13.899  -3.746  1.00 14.08 ? 874 ARG A CD  1 
ATOM   1147 N  NE  . ARG A 1 136 ? -8.352  13.326  -2.624  1.00 15.00 ? 874 ARG A NE  1 
ATOM   1148 C  CZ  . ARG A 1 136 ? -8.902  12.787  -1.538  1.00 22.37 ? 874 ARG A CZ  1 
ATOM   1149 N  NH1 . ARG A 1 136 ? -10.231 12.731  -1.401  1.00 14.14 ? 874 ARG A NH1 1 
ATOM   1150 N  NH2 . ARG A 1 136 ? -8.104  12.295  -0.577  1.00 10.61 ? 874 ARG A NH2 1 
ATOM   1151 N  N   . LYS A 1 137 ? -10.687 14.198  -8.984  1.00 2.00  ? 875 LYS A N   1 
ATOM   1152 C  CA  . LYS A 1 137 ? -11.328 15.018  -9.998  1.00 2.14  ? 875 LYS A CA  1 
ATOM   1153 C  C   . LYS A 1 137 ? -12.172 14.174  -10.970 1.00 2.00  ? 875 LYS A C   1 
ATOM   1154 O  O   . LYS A 1 137 ? -13.302 14.542  -11.283 1.00 2.00  ? 875 LYS A O   1 
ATOM   1155 C  CB  . LYS A 1 137 ? -10.304 15.876  -10.764 1.00 3.15  ? 875 LYS A CB  1 
ATOM   1156 C  CG  . LYS A 1 137 ? -9.690  16.995  -9.920  1.00 9.08  ? 875 LYS A CG  1 
ATOM   1157 C  CD  . LYS A 1 137 ? -8.616  17.783  -10.695 1.00 11.79 ? 875 LYS A CD  1 
ATOM   1158 C  CE  . LYS A 1 137 ? -7.678  18.520  -9.716  1.00 28.10 ? 875 LYS A CE  1 
ATOM   1159 N  NZ  . LYS A 1 137 ? -6.487  19.159  -10.369 1.00 24.27 ? 875 LYS A NZ  1 
ATOM   1160 N  N   . GLU A 1 138 ? -11.623 13.049  -11.423 1.00 4.16  ? 876 GLU A N   1 
ATOM   1161 C  CA  . GLU A 1 138 ? -12.357 12.152  -12.340 1.00 5.67  ? 876 GLU A CA  1 
ATOM   1162 C  C   . GLU A 1 138 ? -13.644 11.658  -11.683 1.00 2.00  ? 876 GLU A C   1 
ATOM   1163 O  O   . GLU A 1 138 ? -14.694 11.627  -12.299 1.00 2.00  ? 876 GLU A O   1 
ATOM   1164 C  CB  . GLU A 1 138 ? -11.489 10.939  -12.718 1.00 7.52  ? 876 GLU A CB  1 
ATOM   1165 C  CG  . GLU A 1 138 ? -10.374 11.289  -13.708 1.00 18.06 ? 876 GLU A CG  1 
ATOM   1166 C  CD  . GLU A 1 138 ? -9.329  10.200  -13.915 1.00 19.49 ? 876 GLU A CD  1 
ATOM   1167 O  OE1 . GLU A 1 138 ? -9.175  9.298   -13.071 1.00 24.59 ? 876 GLU A OE1 1 
ATOM   1168 O  OE2 . GLU A 1 138 ? -8.624  10.274  -14.934 1.00 18.11 ? 876 GLU A OE2 1 
ATOM   1169 N  N   . LYS A 1 139 ? -13.519 11.264  -10.422 1.00 2.00  ? 877 LYS A N   1 
ATOM   1170 C  CA  . LYS A 1 139 ? -14.611 10.635  -9.664  1.00 2.00  ? 877 LYS A CA  1 
ATOM   1171 C  C   . LYS A 1 139 ? -15.716 11.601  -9.257  1.00 2.96  ? 877 LYS A C   1 
ATOM   1172 O  O   . LYS A 1 139 ? -16.880 11.200  -9.101  1.00 2.00  ? 877 LYS A O   1 
ATOM   1173 C  CB  . LYS A 1 139 ? -14.075 9.955   -8.401  1.00 2.00  ? 877 LYS A CB  1 
ATOM   1174 C  CG  . LYS A 1 139 ? -13.545 8.563   -8.584  1.00 6.03  ? 877 LYS A CG  1 
ATOM   1175 C  CD  . LYS A 1 139 ? -12.945 8.019   -7.298  1.00 8.76  ? 877 LYS A CD  1 
ATOM   1176 C  CE  . LYS A 1 139 ? -12.538 6.594   -7.448  1.00 13.64 ? 877 LYS A CE  1 
ATOM   1177 N  NZ  . LYS A 1 139 ? -13.662 5.675   -7.254  1.00 4.53  ? 877 LYS A NZ  1 
ATOM   1178 N  N   . LEU A 1 140 ? -15.367 12.872  -9.064  1.00 2.00  ? 878 LEU A N   1 
ATOM   1179 C  CA  . LEU A 1 140 ? -16.322 13.844  -8.468  1.00 2.60  ? 878 LEU A CA  1 
ATOM   1180 C  C   . LEU A 1 140 ? -17.681 13.902  -9.195  1.00 2.00  ? 878 LEU A C   1 
ATOM   1181 O  O   . LEU A 1 140 ? -18.735 13.790  -8.546  1.00 2.18  ? 878 LEU A O   1 
ATOM   1182 C  CB  . LEU A 1 140 ? -15.707 15.257  -8.372  1.00 3.98  ? 878 LEU A CB  1 
ATOM   1183 C  CG  . LEU A 1 140 ? -16.384 16.229  -7.386  1.00 14.13 ? 878 LEU A CG  1 
ATOM   1184 C  CD1 . LEU A 1 140 ? -16.145 15.785  -5.932  1.00 36.40 ? 878 LEU A CD1 1 
ATOM   1185 C  CD2 . LEU A 1 140 ? -15.917 17.683  -7.601  1.00 33.93 ? 878 LEU A CD2 1 
ATOM   1186 N  N   . PRO A 1 141 ? -17.698 14.128  -10.529 1.00 5.75  ? 879 PRO A N   1 
ATOM   1187 C  CA  . PRO A 1 141 ? -19.029 14.266  -11.138 1.00 7.61  ? 879 PRO A CA  1 
ATOM   1188 C  C   . PRO A 1 141 ? -19.930 13.029  -10.995 1.00 3.56  ? 879 PRO A C   1 
ATOM   1189 O  O   . PRO A 1 141 ? -21.159 13.165  -10.934 1.00 4.76  ? 879 PRO A O   1 
ATOM   1190 C  CB  . PRO A 1 141 ? -18.727 14.540  -12.622 1.00 7.44  ? 879 PRO A CB  1 
ATOM   1191 C  CG  . PRO A 1 141 ? -17.324 15.013  -12.650 1.00 3.37  ? 879 PRO A CG  1 
ATOM   1192 C  CD  . PRO A 1 141 ? -16.613 14.418  -11.488 1.00 2.00  ? 879 PRO A CD  1 
ATOM   1193 N  N   . LYS A 1 142 ? -19.312 11.857  -10.976 1.00 4.46  ? 880 LYS A N   1 
ATOM   1194 C  CA  . LYS A 1 142 ? -20.007 10.575  -10.807 1.00 13.57 ? 880 LYS A CA  1 
ATOM   1195 C  C   . LYS A 1 142 ? -20.601 10.383  -9.396  1.00 15.12 ? 880 LYS A C   1 
ATOM   1196 O  O   . LYS A 1 142 ? -21.440 9.513   -9.205  1.00 15.68 ? 880 LYS A O   1 
ATOM   1197 C  CB  . LYS A 1 142 ? -19.036 9.412   -11.068 1.00 16.44 ? 880 LYS A CB  1 
ATOM   1198 C  CG  . LYS A 1 142 ? -18.282 9.475   -12.404 1.00 33.23 ? 880 LYS A CG  1 
ATOM   1199 C  CD  . LYS A 1 142 ? -17.418 8.226   -12.620 1.00 39.47 ? 880 LYS A CD  1 
ATOM   1200 C  CE  . LYS A 1 142 ? -16.334 8.456   -13.682 1.00 39.26 ? 880 LYS A CE  1 
ATOM   1201 N  NZ  . LYS A 1 142 ? -15.438 7.267   -13.854 1.00 39.94 ? 880 LYS A NZ  1 
ATOM   1202 N  N   . GLU A 1 143 ? -20.144 11.171  -8.418  1.00 4.25  ? 881 GLU A N   1 
ATOM   1203 C  CA  . GLU A 1 143 ? -20.580 11.046  -7.027  1.00 8.07  ? 881 GLU A CA  1 
ATOM   1204 C  C   . GLU A 1 143 ? -21.648 12.067  -6.647  1.00 10.04 ? 881 GLU A C   1 
ATOM   1205 O  O   . GLU A 1 143 ? -22.057 12.131  -5.488  1.00 11.43 ? 881 GLU A O   1 
ATOM   1206 C  CB  . GLU A 1 143 ? -19.355 11.149  -6.091  1.00 6.24  ? 881 GLU A CB  1 
ATOM   1207 C  CG  . GLU A 1 143 ? -18.360 10.015  -6.327  1.00 2.00  ? 881 GLU A CG  1 
ATOM   1208 C  CD  . GLU A 1 143 ? -17.110 10.110  -5.481  1.00 4.92  ? 881 GLU A CD  1 
ATOM   1209 O  OE1 . GLU A 1 143 ? -16.943 11.116  -4.764  1.00 4.52  ? 881 GLU A OE1 1 
ATOM   1210 O  OE2 . GLU A 1 143 ? -16.276 9.179   -5.542  1.00 2.05  ? 881 GLU A OE2 1 
ATOM   1211 N  N   . ILE A 1 144 ? -22.093 12.867  -7.620  1.00 9.09  ? 882 ILE A N   1 
ATOM   1212 C  CA  . ILE A 1 144 ? -23.158 13.844  -7.383  1.00 13.06 ? 882 ILE A CA  1 
ATOM   1213 C  C   . ILE A 1 144 ? -24.492 13.095  -7.271  1.00 12.86 ? 882 ILE A C   1 
ATOM   1214 O  O   . ILE A 1 144 ? -25.187 13.189  -6.251  1.00 22.53 ? 882 ILE A O   1 
ATOM   1215 C  CB  . ILE A 1 144 ? -23.248 14.908  -8.523  1.00 14.44 ? 882 ILE A CB  1 
ATOM   1216 C  CG1 . ILE A 1 144 ? -21.963 15.769  -8.598  1.00 16.62 ? 882 ILE A CG1 1 
ATOM   1217 C  CG2 . ILE A 1 144 ? -24.491 15.801  -8.331  1.00 21.10 ? 882 ILE A CG2 1 
ATOM   1218 C  CD1 . ILE A 1 144 ? -21.815 16.623  -9.915  1.00 14.91 ? 882 ILE A CD1 1 
HETATM 1219 C  C1  . EDO B 2 .   ? 2.159   3.401   -10.389 1.00 43.30 ? 900 EDO A C1  1 
HETATM 1220 O  O1  . EDO B 2 .   ? 0.944   3.338   -11.153 1.00 45.06 ? 900 EDO A O1  1 
HETATM 1221 C  C2  . EDO B 2 .   ? 1.777   3.359   -8.905  1.00 28.77 ? 900 EDO A C2  1 
HETATM 1222 O  O2  . EDO B 2 .   ? 1.000   2.182   -8.651  1.00 22.81 ? 900 EDO A O2  1 
HETATM 1223 C  C1  . EDO C 2 .   ? -4.434  14.455  -2.615  1.00 39.85 ? 901 EDO A C1  1 
HETATM 1224 O  O1  . EDO C 2 .   ? -5.754  14.479  -3.230  1.00 36.74 ? 901 EDO A O1  1 
HETATM 1225 C  C2  . EDO C 2 .   ? -4.300  13.383  -1.531  1.00 50.80 ? 901 EDO A C2  1 
HETATM 1226 O  O2  . EDO C 2 .   ? -5.459  13.306  -0.660  1.00 33.30 ? 901 EDO A O2  1 
HETATM 1227 C  C1  . EDO D 2 .   ? -15.716 -3.273  -2.452  1.00 41.28 ? 902 EDO A C1  1 
HETATM 1228 O  O1  . EDO D 2 .   ? -16.701 -2.313  -2.869  1.00 35.82 ? 902 EDO A O1  1 
HETATM 1229 C  C2  . EDO D 2 .   ? -14.438 -2.525  -2.074  1.00 28.61 ? 902 EDO A C2  1 
HETATM 1230 O  O2  . EDO D 2 .   ? -14.782 -1.737  -0.956  1.00 38.60 ? 902 EDO A O2  1 
HETATM 1231 ZN ZN  . ZN  E 3 .   ? 6.096   -10.212 11.830  0.50 11.95 ? 950 ZN  A ZN  1 
HETATM 1232 O  O   . HOH F 4 .   ? -2.215  13.536  13.607  1.00 2.00  ? 1   HOH A O   1 
HETATM 1233 O  O   . HOH F 4 .   ? 10.077  -10.820 2.498   1.00 3.99  ? 2   HOH A O   1 
HETATM 1234 O  O   . HOH F 4 .   ? -3.162  0.971   9.385   1.00 6.70  ? 3   HOH A O   1 
HETATM 1235 O  O   . HOH F 4 .   ? 9.787   -9.547  4.844   1.00 2.00  ? 4   HOH A O   1 
HETATM 1236 O  O   . HOH F 4 .   ? -6.760  3.789   -7.761  1.00 5.71  ? 5   HOH A O   1 
HETATM 1237 O  O   . HOH F 4 .   ? -7.334  10.174  9.545   1.00 3.54  ? 6   HOH A O   1 
HETATM 1238 O  O   . HOH F 4 .   ? 16.808  -6.589  -3.119  1.00 2.12  ? 7   HOH A O   1 
HETATM 1239 O  O   . HOH F 4 .   ? 10.299  10.029  4.442   1.00 7.84  ? 8   HOH A O   1 
HETATM 1240 O  O   . HOH F 4 .   ? -6.050  9.647   20.991  1.00 5.70  ? 9   HOH A O   1 
HETATM 1241 O  O   . HOH F 4 .   ? 16.385  0.670   7.248   1.00 8.85  ? 10  HOH A O   1 
HETATM 1242 O  O   . HOH F 4 .   ? 5.308   0.731   -7.735  1.00 14.46 ? 11  HOH A O   1 
HETATM 1243 O  O   . HOH F 4 .   ? 2.882   2.748   12.377  1.00 10.94 ? 12  HOH A O   1 
HETATM 1244 O  O   . HOH F 4 .   ? -5.465  -2.504  -8.269  1.00 5.77  ? 13  HOH A O   1 
HETATM 1245 O  O   . HOH F 4 .   ? -3.387  6.265   -9.148  1.00 10.96 ? 14  HOH A O   1 
HETATM 1246 O  O   . HOH F 4 .   ? -16.706 7.130   -7.203  1.00 12.38 ? 15  HOH A O   1 
HETATM 1247 O  O   . HOH F 4 .   ? -1.382  5.685   -7.288  1.00 10.47 ? 16  HOH A O   1 
HETATM 1248 O  O   . HOH F 4 .   ? -16.045 3.142   3.432   1.00 9.82  ? 17  HOH A O   1 
HETATM 1249 O  O   . HOH F 4 .   ? 14.888  -1.698  7.841   1.00 9.84  ? 18  HOH A O   1 
HETATM 1250 O  O   . HOH F 4 .   ? 3.914   10.392  1.203   1.00 18.16 ? 19  HOH A O   1 
HETATM 1251 O  O   . HOH F 4 .   ? -14.929 13.241  -14.625 1.00 2.63  ? 20  HOH A O   1 
HETATM 1252 O  O   . HOH F 4 .   ? 2.020   5.430   12.541  1.00 11.58 ? 21  HOH A O   1 
HETATM 1253 O  O   . HOH F 4 .   ? 13.225  10.033  4.355   1.00 11.72 ? 22  HOH A O   1 
HETATM 1254 O  O   . HOH F 4 .   ? 14.955  7.433   0.677   1.00 7.51  ? 23  HOH A O   1 
HETATM 1255 O  O   . HOH F 4 .   ? 16.784  -3.481  -10.139 1.00 6.66  ? 24  HOH A O   1 
HETATM 1256 O  O   . HOH F 4 .   ? -11.677 7.469   14.307  1.00 12.05 ? 25  HOH A O   1 
HETATM 1257 O  O   . HOH F 4 .   ? -6.887  -6.554  1.913   1.00 11.78 ? 28  HOH A O   1 
HETATM 1258 O  O   . HOH F 4 .   ? -14.903 10.632  14.769  1.00 12.13 ? 29  HOH A O   1 
HETATM 1259 O  O   . HOH F 4 .   ? -6.592  -9.032  3.944   1.00 14.59 ? 30  HOH A O   1 
HETATM 1260 O  O   . HOH F 4 .   ? -17.675 5.714   4.692   1.00 7.74  ? 31  HOH A O   1 
HETATM 1261 O  O   . HOH F 4 .   ? 9.435   9.718   -2.535  1.00 10.00 ? 32  HOH A O   1 
HETATM 1262 O  O   . HOH F 4 .   ? -17.778 3.834   -1.512  1.00 9.52  ? 33  HOH A O   1 
HETATM 1263 O  O   . HOH F 4 .   ? -6.875  10.471  3.073   1.00 8.53  ? 34  HOH A O   1 
HETATM 1264 O  O   . HOH F 4 .   ? -11.865 11.965  14.245  1.00 9.36  ? 35  HOH A O   1 
HETATM 1265 O  O   . HOH F 4 .   ? -9.937  5.423   -10.277 1.00 11.50 ? 36  HOH A O   1 
HETATM 1266 O  O   . HOH F 4 .   ? -6.608  2.137   -10.167 1.00 9.57  ? 37  HOH A O   1 
HETATM 1267 O  O   . HOH F 4 .   ? -5.624  -4.277  10.137  1.00 16.07 ? 38  HOH A O   1 
HETATM 1268 O  O   . HOH F 4 .   ? -7.093  -13.088 1.388   1.00 11.33 ? 39  HOH A O   1 
HETATM 1269 O  O   . HOH F 4 .   ? 0.085   5.509   14.278  1.00 18.15 ? 40  HOH A O   1 
HETATM 1270 O  O   . HOH F 4 .   ? -7.701  -5.232  -8.627  1.00 6.34  ? 41  HOH A O   1 
HETATM 1271 O  O   . HOH F 4 .   ? 17.121  -13.364 -4.860  1.00 12.64 ? 42  HOH A O   1 
HETATM 1272 O  O   . HOH F 4 .   ? 0.903   -2.037  -8.454  1.00 13.94 ? 43  HOH A O   1 
HETATM 1273 O  O   . HOH F 4 .   ? 17.349  6.414   -0.347  1.00 9.67  ? 44  HOH A O   1 
HETATM 1274 O  O   . HOH F 4 .   ? 10.999  -11.155 -4.502  1.00 8.21  ? 45  HOH A O   1 
HETATM 1275 O  O   . HOH F 4 .   ? -9.626  8.915   10.585  1.00 7.86  ? 46  HOH A O   1 
HETATM 1276 O  O   . HOH F 4 .   ? 16.912  -3.594  7.167   1.00 9.27  ? 47  HOH A O   1 
HETATM 1277 O  O   A HOH F 4 .   ? 7.108   -1.146  -7.989  0.70 16.58 ? 48  HOH A O   1 
HETATM 1278 O  O   B HOH F 4 .   ? 8.417   -0.182  -9.018  0.30 7.08  ? 48  HOH A O   1 
HETATM 1279 O  O   . HOH F 4 .   ? -13.876 13.976  -5.488  1.00 25.51 ? 49  HOH A O   1 
HETATM 1280 O  O   . HOH F 4 .   ? 2.632   0.048   -8.660  1.00 15.79 ? 50  HOH A O   1 
HETATM 1281 O  O   . HOH F 4 .   ? -8.673  -7.651  -9.732  1.00 5.94  ? 51  HOH A O   1 
HETATM 1282 O  O   . HOH F 4 .   ? 8.037   13.890  -3.872  1.00 8.48  ? 52  HOH A O   1 
HETATM 1283 O  O   . HOH F 4 .   ? 19.165  7.842   0.893   1.00 12.13 ? 53  HOH A O   1 
HETATM 1284 O  O   . HOH F 4 .   ? 3.234   -10.623 -8.716  1.00 18.10 ? 55  HOH A O   1 
HETATM 1285 O  O   . HOH F 4 .   ? 9.495   10.828  1.735   1.00 14.62 ? 56  HOH A O   1 
HETATM 1286 O  O   . HOH F 4 .   ? -13.497 6.919   9.657   1.00 10.86 ? 57  HOH A O   1 
HETATM 1287 O  O   . HOH F 4 .   ? 10.753  -2.534  -11.035 1.00 14.35 ? 58  HOH A O   1 
HETATM 1288 O  O   . HOH F 4 .   ? 13.453  7.998   -1.779  1.00 21.99 ? 59  HOH A O   1 
HETATM 1289 O  O   . HOH F 4 .   ? -4.887  8.954   -11.259 1.00 11.05 ? 60  HOH A O   1 
HETATM 1290 O  O   . HOH F 4 .   ? -5.166  -6.218  -7.913  1.00 14.99 ? 61  HOH A O   1 
HETATM 1291 O  O   . HOH F 4 .   ? 1.392   -13.757 -3.870  1.00 15.78 ? 62  HOH A O   1 
HETATM 1292 O  O   . HOH F 4 .   ? 11.612  8.494   -3.893  1.00 18.88 ? 63  HOH A O   1 
HETATM 1293 O  O   . HOH F 4 .   ? -8.690  -0.012  14.864  1.00 18.44 ? 64  HOH A O   1 
HETATM 1294 O  O   . HOH F 4 .   ? -7.065  7.946   -12.369 1.00 21.31 ? 67  HOH A O   1 
HETATM 1295 O  O   . HOH F 4 .   ? -1.932  8.748   16.030  1.00 18.32 ? 68  HOH A O   1 
HETATM 1296 O  O   . HOH F 4 .   ? 11.325  4.682   9.756   1.00 23.33 ? 69  HOH A O   1 
HETATM 1297 O  O   . HOH F 4 .   ? -15.799 1.744   5.814   1.00 9.88  ? 71  HOH A O   1 
HETATM 1298 O  O   . HOH F 4 .   ? -14.901 -0.876  5.791   1.00 16.69 ? 72  HOH A O   1 
HETATM 1299 O  O   . HOH F 4 .   ? 10.714  -11.023 8.076   1.00 20.20 ? 73  HOH A O   1 
HETATM 1300 O  O   . HOH F 4 .   ? 1.165   -7.222  -8.740  1.00 30.21 ? 74  HOH A O   1 
HETATM 1301 O  O   . HOH F 4 .   ? 15.899  1.833   9.946   1.00 18.29 ? 75  HOH A O   1 
HETATM 1302 O  O   . HOH F 4 .   ? 2.932   13.148  -11.471 1.00 17.69 ? 76  HOH A O   1 
HETATM 1303 O  O   . HOH F 4 .   ? -8.449  -8.295  -15.671 1.00 6.88  ? 77  HOH A O   1 
HETATM 1304 O  O   . HOH F 4 .   ? -3.022  15.919  -10.819 1.00 11.19 ? 79  HOH A O   1 
HETATM 1305 O  O   . HOH F 4 .   ? -19.462 14.702  -6.146  1.00 14.69 ? 81  HOH A O   1 
HETATM 1306 O  O   . HOH F 4 .   ? 15.515  8.148   8.109   1.00 34.15 ? 82  HOH A O   1 
HETATM 1307 O  O   . HOH F 4 .   ? 0.937   -6.670  10.485  1.00 13.97 ? 83  HOH A O   1 
HETATM 1308 O  O   . HOH F 4 .   ? 7.002   6.429   -11.296 1.00 27.59 ? 84  HOH A O   1 
HETATM 1309 O  O   . HOH F 4 .   ? 2.034   -8.871  10.047  1.00 20.33 ? 85  HOH A O   1 
HETATM 1310 O  O   . HOH F 4 .   ? 21.257  6.876   2.673   1.00 16.78 ? 86  HOH A O   1 
HETATM 1311 O  O   . HOH F 4 .   ? -7.571  7.458   21.764  1.00 14.01 ? 87  HOH A O   1 
HETATM 1312 O  O   . HOH F 4 .   ? 10.055  11.297  6.855   1.00 22.40 ? 88  HOH A O   1 
HETATM 1313 O  O   . HOH F 4 .   ? -5.446  -15.161 2.909   1.00 22.49 ? 90  HOH A O   1 
HETATM 1314 O  O   . HOH F 4 .   ? 0.537   -15.630 0.447   1.00 17.95 ? 91  HOH A O   1 
HETATM 1315 O  O   . HOH F 4 .   ? 2.558   9.666   -11.651 1.00 23.78 ? 92  HOH A O   1 
HETATM 1316 O  O   . HOH F 4 .   ? 18.295  -1.304  6.770   1.00 12.74 ? 94  HOH A O   1 
HETATM 1317 O  O   . HOH F 4 .   ? -15.553 5.789   -9.590  1.00 21.45 ? 95  HOH A O   1 
HETATM 1318 O  O   . HOH F 4 .   ? -11.975 -13.506 -11.531 1.00 10.82 ? 96  HOH A O   1 
HETATM 1319 O  O   . HOH F 4 .   ? -12.022 -11.629 -1.464  1.00 17.06 ? 97  HOH A O   1 
HETATM 1320 O  O   . HOH F 4 .   ? 0.259   10.511  5.721   1.00 31.47 ? 98  HOH A O   1 
HETATM 1321 O  O   . HOH F 4 .   ? -13.088 -3.304  3.598   1.00 16.88 ? 99  HOH A O   1 
HETATM 1322 O  O   . HOH F 4 .   ? 8.712   -14.264 9.953   1.00 29.25 ? 101 HOH A O   1 
HETATM 1323 O  O   . HOH F 4 .   ? -15.259 13.772  -1.685  1.00 25.48 ? 102 HOH A O   1 
HETATM 1324 O  O   . HOH F 4 .   ? -6.590  -5.262  6.887   1.00 26.35 ? 103 HOH A O   1 
HETATM 1325 O  O   . HOH F 4 .   ? -10.799 7.533   -11.742 1.00 16.62 ? 104 HOH A O   1 
HETATM 1326 O  O   . HOH F 4 .   ? -12.675 4.630   -10.218 1.00 22.51 ? 105 HOH A O   1 
HETATM 1327 O  O   . HOH F 4 .   ? 10.558  -15.583 -3.202  1.00 6.75  ? 106 HOH A O   1 
HETATM 1328 O  O   . HOH F 4 .   ? -10.319 14.449  1.728   1.00 19.74 ? 107 HOH A O   1 
HETATM 1329 O  O   . HOH F 4 .   ? 8.860   7.763   11.189  1.00 24.43 ? 108 HOH A O   1 
HETATM 1330 O  O   . HOH F 4 .   ? 9.905   12.485  -2.680  1.00 23.43 ? 109 HOH A O   1 
HETATM 1331 O  O   . HOH F 4 .   ? 8.508   13.724  -7.849  1.00 19.06 ? 110 HOH A O   1 
HETATM 1332 O  O   . HOH F 4 .   ? -12.466 5.707   16.097  1.00 18.06 ? 111 HOH A O   1 
HETATM 1333 O  O   . HOH F 4 .   ? -2.893  12.991  6.225   1.00 15.68 ? 112 HOH A O   1 
HETATM 1334 O  O   . HOH F 4 .   ? 9.919   -7.032  -9.136  1.00 24.00 ? 113 HOH A O   1 
HETATM 1335 O  O   . HOH F 4 .   ? 9.819   2.741   10.943  1.00 31.40 ? 114 HOH A O   1 
HETATM 1336 O  O   . HOH F 4 .   ? 10.186  -12.132 9.946   1.00 32.19 ? 115 HOH A O   1 
HETATM 1337 O  O   . HOH F 4 .   ? 3.651   -17.192 1.290   1.00 20.03 ? 116 HOH A O   1 
HETATM 1338 O  O   . HOH F 4 .   ? 15.567  -15.619 3.479   1.00 19.05 ? 118 HOH A O   1 
HETATM 1339 O  O   . HOH F 4 .   ? -2.889  -3.502  12.653  1.00 19.69 ? 119 HOH A O   1 
HETATM 1340 O  O   . HOH F 4 .   ? 11.984  -6.301  10.474  1.00 24.41 ? 120 HOH A O   1 
HETATM 1341 O  O   . HOH F 4 .   ? -12.224 14.408  -2.817  1.00 19.73 ? 121 HOH A O   1 
HETATM 1342 O  O   . HOH F 4 .   ? -6.278  10.718  6.160   1.00 21.09 ? 122 HOH A O   1 
HETATM 1343 O  O   . HOH F 4 .   ? 13.130  -15.591 0.165   1.00 17.30 ? 123 HOH A O   1 
HETATM 1344 O  O   . HOH F 4 .   ? -6.870  -8.995  -7.967  1.00 10.61 ? 124 HOH A O   1 
HETATM 1345 O  O   . HOH F 4 .   ? -7.124  4.595   21.429  1.00 31.80 ? 125 HOH A O   1 
HETATM 1346 O  O   . HOH F 4 .   ? 1.968   12.526  1.677   1.00 29.13 ? 127 HOH A O   1 
HETATM 1347 O  O   . HOH F 4 .   ? -9.809  10.722  13.262  1.00 19.44 ? 128 HOH A O   1 
HETATM 1348 O  O   . HOH F 4 .   ? -12.551 -11.733 -4.800  1.00 10.07 ? 130 HOH A O   1 
HETATM 1349 O  O   . HOH F 4 .   ? 12.484  -5.784  -11.759 1.00 22.50 ? 131 HOH A O   1 
HETATM 1350 O  O   . HOH F 4 .   ? -14.752 -3.332  1.142   1.00 25.50 ? 132 HOH A O   1 
HETATM 1351 O  O   . HOH F 4 .   ? 20.614  -1.329  8.115   1.00 20.53 ? 133 HOH A O   1 
HETATM 1352 O  O   . HOH F 4 .   ? -11.900 0.064   12.978  1.00 14.04 ? 134 HOH A O   1 
HETATM 1353 O  O   . HOH F 4 .   ? -2.750  -8.806  -8.777  1.00 26.44 ? 135 HOH A O   1 
HETATM 1354 O  O   . HOH F 4 .   ? 19.314  -15.854 0.734   1.00 19.90 ? 136 HOH A O   1 
HETATM 1355 O  O   . HOH F 4 .   ? -8.389  -14.150 -0.515  1.00 20.44 ? 138 HOH A O   1 
HETATM 1356 O  O   . HOH F 4 .   ? 24.238  2.535   -0.916  1.00 19.45 ? 139 HOH A O   1 
HETATM 1357 O  O   . HOH F 4 .   ? -17.381 -0.853  -5.953  1.00 19.49 ? 140 HOH A O   1 
HETATM 1358 O  O   . HOH F 4 .   ? -13.551 7.166   12.347  1.00 18.85 ? 141 HOH A O   1 
HETATM 1359 O  O   . HOH F 4 .   ? -11.689 1.340   10.624  1.00 21.39 ? 142 HOH A O   1 
HETATM 1360 O  O   . HOH F 4 .   ? -6.263  13.931  -17.615 1.00 23.68 ? 144 HOH A O   1 
HETATM 1361 O  O   . HOH F 4 .   ? -16.212 2.896   -8.065  1.00 21.30 ? 145 HOH A O   1 
HETATM 1362 O  O   . HOH F 4 .   ? -2.240  17.946  -8.782  1.00 31.58 ? 146 HOH A O   1 
HETATM 1363 O  O   . HOH F 4 .   ? -13.123 -0.869  -10.606 1.00 11.40 ? 147 HOH A O   1 
HETATM 1364 O  O   . HOH F 4 .   ? -17.105 4.460   -6.324  1.00 21.57 ? 148 HOH A O   1 
HETATM 1365 O  O   . HOH F 4 .   ? 22.555  5.646   7.646   1.00 33.17 ? 149 HOH A O   1 
HETATM 1366 O  O   . HOH F 4 .   ? -1.067  0.318   16.128  1.00 38.64 ? 150 HOH A O   1 
HETATM 1367 O  O   . HOH F 4 .   ? -1.972  15.116  1.745   1.00 36.40 ? 151 HOH A O   1 
HETATM 1368 O  O   . HOH F 4 .   ? 2.312   10.220  5.920   1.00 23.25 ? 153 HOH A O   1 
HETATM 1369 O  O   . HOH F 4 .   ? 8.507   -4.378  12.941  1.00 28.75 ? 155 HOH A O   1 
HETATM 1370 O  O   . HOH F 4 .   ? -15.809 7.814   8.796   1.00 29.11 ? 157 HOH A O   1 
HETATM 1371 O  O   . HOH F 4 .   ? 1.824   -18.961 2.694   1.00 31.99 ? 158 HOH A O   1 
HETATM 1372 O  O   . HOH F 4 .   ? 22.843  -0.739  -0.583  1.00 29.63 ? 159 HOH A O   1 
HETATM 1373 O  O   . HOH F 4 .   ? 9.861   -9.274  -9.075  1.00 19.06 ? 162 HOH A O   1 
HETATM 1374 O  O   . HOH F 4 .   ? -12.449 -5.019  -17.614 1.00 7.26  ? 163 HOH A O   1 
HETATM 1375 O  O   . HOH F 4 .   ? -1.464  -1.185  -9.085  1.00 30.78 ? 164 HOH A O   1 
HETATM 1376 O  O   . HOH F 4 .   ? -7.711  3.627   -11.997 1.00 21.87 ? 165 HOH A O   1 
HETATM 1377 O  O   . HOH F 4 .   ? 0.042   -13.145 -6.061  1.00 33.72 ? 166 HOH A O   1 
HETATM 1378 O  O   . HOH F 4 .   ? -10.927 7.937   7.537   1.00 27.65 ? 168 HOH A O   1 
HETATM 1379 O  O   . HOH F 4 .   ? -21.507 6.443   -5.835  1.00 21.44 ? 169 HOH A O   1 
HETATM 1380 O  O   . HOH F 4 .   ? 5.845   -13.261 -3.711  1.00 30.66 ? 170 HOH A O   1 
HETATM 1381 O  O   . HOH F 4 .   ? 12.659  -9.138  10.081  1.00 23.56 ? 173 HOH A O   1 
HETATM 1382 O  O   . HOH F 4 .   ? 0.810   6.576   -11.907 1.00 27.40 ? 175 HOH A O   1 
HETATM 1383 O  O   . HOH F 4 .   ? -7.799  -13.507 -10.710 1.00 21.37 ? 176 HOH A O   1 
HETATM 1384 O  O   . HOH F 4 .   ? 1.294   -16.262 -2.255  1.00 25.53 ? 177 HOH A O   1 
HETATM 1385 O  O   . HOH F 4 .   ? 8.518   -4.151  -11.671 1.00 27.26 ? 178 HOH A O   1 
HETATM 1386 O  O   . HOH F 4 .   ? -19.094 2.383   -3.385  1.00 30.56 ? 179 HOH A O   1 
HETATM 1387 O  O   . HOH F 4 .   ? -18.261 13.104  -3.574  1.00 21.24 ? 180 HOH A O   1 
HETATM 1388 O  O   . HOH F 4 .   ? 8.041   2.326   -8.902  1.00 35.77 ? 186 HOH A O   1 
HETATM 1389 O  O   . HOH F 4 .   ? -1.453  2.832   20.162  1.00 36.74 ? 187 HOH A O   1 
HETATM 1390 O  O   . HOH F 4 .   ? 10.208  -5.357  11.597  1.00 19.01 ? 189 HOH A O   1 
HETATM 1391 O  O   . HOH F 4 .   ? 7.578   -1.651  12.109  1.00 20.17 ? 190 HOH A O   1 
HETATM 1392 O  O   . HOH F 4 .   ? 6.513   -19.757 9.271   1.00 28.69 ? 191 HOH A O   1 
HETATM 1393 O  O   . HOH F 4 .   ? 14.510  10.242  6.664   1.00 26.04 ? 192 HOH A O   1 
HETATM 1394 O  O   . HOH F 4 .   ? 5.825   3.291   12.339  1.00 33.62 ? 193 HOH A O   1 
HETATM 1395 O  O   . HOH F 4 .   ? -9.048  -7.925  1.462   1.00 31.14 ? 194 HOH A O   1 
HETATM 1396 O  O   . HOH F 4 .   ? -15.691 -10.335 -13.234 1.00 10.10 ? 195 HOH A O   1 
HETATM 1397 O  O   . HOH F 4 .   ? -4.315  0.857   -10.355 1.00 27.38 ? 196 HOH A O   1 
HETATM 1398 O  O   . HOH F 4 .   ? -17.095 2.450   1.088   1.00 20.06 ? 197 HOH A O   1 
HETATM 1399 O  O   . HOH F 4 .   ? 12.915  10.881  -0.485  1.00 30.48 ? 198 HOH A O   1 
HETATM 1400 O  O   . HOH F 4 .   ? 5.412   12.916  -13.209 1.00 33.10 ? 199 HOH A O   1 
HETATM 1401 O  O   . HOH F 4 .   ? -8.358  11.828  -16.783 1.00 32.85 ? 200 HOH A O   1 
HETATM 1402 O  O   . HOH F 4 .   ? -5.291  16.897  -11.752 1.00 20.13 ? 201 HOH A O   1 
HETATM 1403 O  O   . HOH F 4 .   ? -16.954 -2.593  3.601   1.00 37.77 ? 202 HOH A O   1 
HETATM 1404 O  O   . HOH F 4 .   ? -1.110  2.648   23.142  1.00 34.85 ? 203 HOH A O   1 
# 
loop_
_pdbx_poly_seq_scheme.asym_id 
_pdbx_poly_seq_scheme.entity_id 
_pdbx_poly_seq_scheme.seq_id 
_pdbx_poly_seq_scheme.mon_id 
_pdbx_poly_seq_scheme.ndb_seq_num 
_pdbx_poly_seq_scheme.pdb_seq_num 
_pdbx_poly_seq_scheme.auth_seq_num 
_pdbx_poly_seq_scheme.pdb_mon_id 
_pdbx_poly_seq_scheme.auth_mon_id 
_pdbx_poly_seq_scheme.pdb_strand_id 
_pdbx_poly_seq_scheme.pdb_ins_code 
_pdbx_poly_seq_scheme.hetero 
A 1 1   SER 1   739 ?   ?   ?   A . n 
A 1 2   MET 2   740 740 MET MET A . n 
A 1 3   ASN 3   741 741 ASN ASN A . n 
A 1 4   VAL 4   742 742 VAL VAL A . n 
A 1 5   THR 5   743 743 THR THR A . n 
A 1 6   LEU 6   744 744 LEU LEU A . n 
A 1 7   LEU 7   745 745 LEU LEU A . n 
A 1 8   ILE 8   746 746 ILE ILE A . n 
A 1 9   GLN 9   747 747 GLN GLN A . n 
A 1 10  GLU 10  748 748 GLU GLU A . n 
A 1 11  LEU 11  749 749 LEU LEU A . n 
A 1 12  ILE 12  750 750 ILE ILE A . n 
A 1 13  HIS 13  751 751 HIS HIS A . n 
A 1 14  ASN 14  752 752 ASN ASN A . n 
A 1 15  LEU 15  753 753 LEU LEU A . n 
A 1 16  PHE 16  754 754 PHE PHE A . n 
A 1 17  VAL 17  755 755 VAL VAL A . n 
A 1 18  SER 18  756 756 SER SER A . n 
A 1 19  VAL 19  757 757 VAL VAL A . n 
A 1 20  MET 20  758 758 MET MET A . n 
A 1 21  SER 21  759 759 SER SER A . n 
A 1 22  HIS 22  760 760 HIS HIS A . n 
A 1 23  GLN 23  761 761 GLN GLN A . n 
A 1 24  ASP 24  762 762 ASP ASP A . n 
A 1 25  ASP 25  763 763 ASP ASP A . n 
A 1 26  GLU 26  764 764 GLU GLU A . n 
A 1 27  GLY 27  765 765 GLY GLY A . n 
A 1 28  ARG 28  766 766 ARG ARG A . n 
A 1 29  OCS 29  767 767 OCS OCS A . n 
A 1 30  TYR 30  768 768 TYR TYR A . n 
A 1 31  SER 31  769 769 SER SER A . n 
A 1 32  ASP 32  770 770 ASP ASP A . n 
A 1 33  SER 33  771 771 SER SER A . n 
A 1 34  LEU 34  772 772 LEU LEU A . n 
A 1 35  ALA 35  773 773 ALA ALA A . n 
A 1 36  GLU 36  774 774 GLU GLU A . n 
A 1 37  ILE 37  775 775 ILE ILE A . n 
A 1 38  PRO 38  776 776 PRO PRO A . n 
A 1 39  ALA 39  777 777 ALA ALA A . n 
A 1 40  VAL 40  778 778 VAL VAL A . n 
A 1 41  ASP 41  779 779 ASP ASP A . n 
A 1 42  PRO 42  780 780 PRO PRO A . n 
A 1 43  ASN 43  781 781 ASN ASN A . n 
A 1 44  PHE 44  782 782 PHE PHE A . n 
A 1 45  PRO 45  783 783 PRO PRO A . n 
A 1 46  ASN 46  784 784 ASN ASN A . n 
A 1 47  LYS 47  785 785 LYS LYS A . n 
A 1 48  PRO 48  786 786 PRO PRO A . n 
A 1 49  PRO 49  787 787 PRO PRO A . n 
A 1 50  LEU 50  788 788 LEU LEU A . n 
A 1 51  THR 51  789 789 THR THR A . n 
A 1 52  PHE 52  790 790 PHE PHE A . n 
A 1 53  ASP 53  791 791 ASP ASP A . n 
A 1 54  ILE 54  792 792 ILE ILE A . n 
A 1 55  ILE 55  793 793 ILE ILE A . n 
A 1 56  ARG 56  794 794 ARG ARG A . n 
A 1 57  LYS 57  795 795 LYS LYS A . n 
A 1 58  ASN 58  796 796 ASN ASN A . n 
A 1 59  VAL 59  797 797 VAL VAL A . n 
A 1 60  GLU 60  798 798 GLU GLU A . n 
A 1 61  ASN 61  799 799 ASN ASN A . n 
A 1 62  ASN 62  800 800 ASN ASN A . n 
A 1 63  ARG 63  801 801 ARG ARG A . n 
A 1 64  TYR 64  802 802 TYR TYR A . n 
A 1 65  ARG 65  803 803 ARG ARG A . n 
A 1 66  ARG 66  804 804 ARG ARG A . n 
A 1 67  LEU 67  805 805 LEU LEU A . n 
A 1 68  ASP 68  806 806 ASP ASP A . n 
A 1 69  LEU 69  807 807 LEU LEU A . n 
A 1 70  PHE 70  808 808 PHE PHE A . n 
A 1 71  GLN 71  809 809 GLN GLN A . n 
A 1 72  GLU 72  810 810 GLU GLU A . n 
A 1 73  HIS 73  811 811 HIS HIS A . n 
A 1 74  MET 74  812 812 MET MET A . n 
A 1 75  PHE 75  813 813 PHE PHE A . n 
A 1 76  GLU 76  814 814 GLU GLU A . n 
A 1 77  VAL 77  815 815 VAL VAL A . n 
A 1 78  LEU 78  816 816 LEU LEU A . n 
A 1 79  GLU 79  817 817 GLU GLU A . n 
A 1 80  ARG 80  818 818 ARG ARG A . n 
A 1 81  ALA 81  819 819 ALA ALA A . n 
A 1 82  ARG 82  820 820 ARG ARG A . n 
A 1 83  ARG 83  821 821 ARG ARG A . n 
A 1 84  MET 84  822 822 MET MET A . n 
A 1 85  ASN 85  823 823 ASN ASN A . n 
A 1 86  ARG 86  824 824 ARG ARG A . n 
A 1 87  THR 87  825 825 THR THR A . n 
A 1 88  ASP 88  826 826 ASP ASP A . n 
A 1 89  SER 89  827 827 SER SER A . n 
A 1 90  GLU 90  828 828 GLU GLU A . n 
A 1 91  ILE 91  829 829 ILE ILE A . n 
A 1 92  TYR 92  830 830 TYR TYR A . n 
A 1 93  GLU 93  831 831 GLU GLU A . n 
A 1 94  ASP 94  832 832 ASP ASP A . n 
A 1 95  ALA 95  833 833 ALA ALA A . n 
A 1 96  VAL 96  834 834 VAL VAL A . n 
A 1 97  GLU 97  835 835 GLU GLU A . n 
A 1 98  LEU 98  836 836 LEU LEU A . n 
A 1 99  GLN 99  837 837 GLN GLN A . n 
A 1 100 GLN 100 838 838 GLN GLN A . n 
A 1 101 PHE 101 839 839 PHE PHE A . n 
A 1 102 PHE 102 840 840 PHE PHE A . n 
A 1 103 ILE 103 841 841 ILE ILE A . n 
A 1 104 LYS 104 842 842 LYS LYS A . n 
A 1 105 ILE 105 843 843 ILE ILE A . n 
A 1 106 ARG 106 844 844 ARG ARG A . n 
A 1 107 ASP 107 845 845 ASP ASP A . n 
A 1 108 GLU 108 846 846 GLU GLU A . n 
A 1 109 LEU 109 847 847 LEU LEU A . n 
A 1 110 CYS 110 848 848 CYS CYS A . n 
A 1 111 LYS 111 849 849 LYS LYS A . n 
A 1 112 ASN 112 850 850 ASN ASN A . n 
A 1 113 GLY 113 851 851 GLY GLY A . n 
A 1 114 GLU 114 852 852 GLU GLU A . n 
A 1 115 ILE 115 853 853 ILE ILE A . n 
A 1 116 LEU 116 854 854 LEU LEU A . n 
A 1 117 LEU 117 855 855 LEU LEU A . n 
A 1 118 SER 118 856 856 SER SER A . n 
A 1 119 PRO 119 857 857 PRO PRO A . n 
A 1 120 ALA 120 858 858 ALA ALA A . n 
A 1 121 LEU 121 859 859 LEU LEU A . n 
A 1 122 SER 122 860 860 SER SER A . n 
A 1 123 TYR 123 861 861 TYR TYR A . n 
A 1 124 THR 124 862 862 THR THR A . n 
A 1 125 THR 125 863 863 THR THR A . n 
A 1 126 LYS 126 864 864 LYS LYS A . n 
A 1 127 HIS 127 865 865 HIS HIS A . n 
A 1 128 LEU 128 866 866 LEU LEU A . n 
A 1 129 HIS 129 867 867 HIS HIS A . n 
A 1 130 ASN 130 868 868 ASN ASN A . n 
A 1 131 ASP 131 869 869 ASP ASP A . n 
A 1 132 VAL 132 870 870 VAL VAL A . n 
A 1 133 GLU 133 871 871 GLU GLU A . n 
A 1 134 LYS 134 872 872 LYS LYS A . n 
A 1 135 GLU 135 873 873 GLU GLU A . n 
A 1 136 ARG 136 874 874 ARG ARG A . n 
A 1 137 LYS 137 875 875 LYS LYS A . n 
A 1 138 GLU 138 876 876 GLU GLU A . n 
A 1 139 LYS 139 877 877 LYS LYS A . n 
A 1 140 LEU 140 878 878 LEU LEU A . n 
A 1 141 PRO 141 879 879 PRO PRO A . n 
A 1 142 LYS 142 880 880 LYS LYS A . n 
A 1 143 GLU 143 881 881 GLU GLU A . n 
A 1 144 ILE 144 882 882 ILE ILE A . n 
A 1 145 GLU 145 883 ?   ?   ?   A . n 
A 1 146 GLU 146 884 ?   ?   ?   A . n 
A 1 147 ASP 147 885 ?   ?   ?   A . n 
# 
_pdbx_SG_project.id                    1 
_pdbx_SG_project.project_name          ? 
_pdbx_SG_project.full_name_of_center   'Structural Genomics Consortium' 
_pdbx_SG_project.initial_of_center     SGC 
# 
loop_
_pdbx_nonpoly_scheme.asym_id 
_pdbx_nonpoly_scheme.entity_id 
_pdbx_nonpoly_scheme.mon_id 
_pdbx_nonpoly_scheme.ndb_seq_num 
_pdbx_nonpoly_scheme.pdb_seq_num 
_pdbx_nonpoly_scheme.auth_seq_num 
_pdbx_nonpoly_scheme.pdb_mon_id 
_pdbx_nonpoly_scheme.auth_mon_id 
_pdbx_nonpoly_scheme.pdb_strand_id 
_pdbx_nonpoly_scheme.pdb_ins_code 
B 2 EDO 1   900 900 EDO EDO A . 
C 2 EDO 1   901 901 EDO EDO A . 
D 2 EDO 1   902 902 EDO EDO A . 
E 3 ZN  1   950 950 ZN  ZN  A . 
F 4 HOH 1   1   1   HOH HOH A . 
F 4 HOH 2   2   2   HOH HOH A . 
F 4 HOH 3   3   3   HOH HOH A . 
F 4 HOH 4   4   4   HOH HOH A . 
F 4 HOH 5   5   5   HOH HOH A . 
F 4 HOH 6   6   6   HOH HOH A . 
F 4 HOH 7   7   7   HOH HOH A . 
F 4 HOH 8   8   8   HOH HOH A . 
F 4 HOH 9   9   9   HOH HOH A . 
F 4 HOH 10  10  10  HOH HOH A . 
F 4 HOH 11  11  11  HOH HOH A . 
F 4 HOH 12  12  12  HOH HOH A . 
F 4 HOH 13  13  13  HOH HOH A . 
F 4 HOH 14  14  14  HOH HOH A . 
F 4 HOH 15  15  15  HOH HOH A . 
F 4 HOH 16  16  16  HOH HOH A . 
F 4 HOH 17  17  17  HOH HOH A . 
F 4 HOH 18  18  18  HOH HOH A . 
F 4 HOH 19  19  19  HOH HOH A . 
F 4 HOH 20  20  20  HOH HOH A . 
F 4 HOH 21  21  21  HOH HOH A . 
F 4 HOH 22  22  22  HOH HOH A . 
F 4 HOH 23  23  23  HOH HOH A . 
F 4 HOH 24  24  24  HOH HOH A . 
F 4 HOH 25  25  25  HOH HOH A . 
F 4 HOH 26  28  28  HOH HOH A . 
F 4 HOH 27  29  29  HOH HOH A . 
F 4 HOH 28  30  30  HOH HOH A . 
F 4 HOH 29  31  31  HOH HOH A . 
F 4 HOH 30  32  32  HOH HOH A . 
F 4 HOH 31  33  33  HOH HOH A . 
F 4 HOH 32  34  34  HOH HOH A . 
F 4 HOH 33  35  35  HOH HOH A . 
F 4 HOH 34  36  36  HOH HOH A . 
F 4 HOH 35  37  37  HOH HOH A . 
F 4 HOH 36  38  38  HOH HOH A . 
F 4 HOH 37  39  39  HOH HOH A . 
F 4 HOH 38  40  40  HOH HOH A . 
F 4 HOH 39  41  41  HOH HOH A . 
F 4 HOH 40  42  42  HOH HOH A . 
F 4 HOH 41  43  43  HOH HOH A . 
F 4 HOH 42  44  44  HOH HOH A . 
F 4 HOH 43  45  45  HOH HOH A . 
F 4 HOH 44  46  46  HOH HOH A . 
F 4 HOH 45  47  47  HOH HOH A . 
F 4 HOH 46  48  48  HOH HOH A . 
F 4 HOH 47  49  49  HOH HOH A . 
F 4 HOH 48  50  50  HOH HOH A . 
F 4 HOH 49  51  51  HOH HOH A . 
F 4 HOH 50  52  52  HOH HOH A . 
F 4 HOH 51  53  53  HOH HOH A . 
F 4 HOH 52  55  55  HOH HOH A . 
F 4 HOH 53  56  56  HOH HOH A . 
F 4 HOH 54  57  57  HOH HOH A . 
F 4 HOH 55  58  58  HOH HOH A . 
F 4 HOH 56  59  59  HOH HOH A . 
F 4 HOH 57  60  60  HOH HOH A . 
F 4 HOH 58  61  61  HOH HOH A . 
F 4 HOH 59  62  62  HOH HOH A . 
F 4 HOH 60  63  63  HOH HOH A . 
F 4 HOH 61  64  64  HOH HOH A . 
F 4 HOH 62  67  67  HOH HOH A . 
F 4 HOH 63  68  68  HOH HOH A . 
F 4 HOH 64  69  69  HOH HOH A . 
F 4 HOH 65  71  71  HOH HOH A . 
F 4 HOH 66  72  72  HOH HOH A . 
F 4 HOH 67  73  73  HOH HOH A . 
F 4 HOH 68  74  74  HOH HOH A . 
F 4 HOH 69  75  75  HOH HOH A . 
F 4 HOH 70  76  76  HOH HOH A . 
F 4 HOH 71  77  77  HOH HOH A . 
F 4 HOH 72  79  79  HOH HOH A . 
F 4 HOH 73  81  81  HOH HOH A . 
F 4 HOH 74  82  82  HOH HOH A . 
F 4 HOH 75  83  83  HOH HOH A . 
F 4 HOH 76  84  84  HOH HOH A . 
F 4 HOH 77  85  85  HOH HOH A . 
F 4 HOH 78  86  86  HOH HOH A . 
F 4 HOH 79  87  87  HOH HOH A . 
F 4 HOH 80  88  88  HOH HOH A . 
F 4 HOH 81  90  90  HOH HOH A . 
F 4 HOH 82  91  91  HOH HOH A . 
F 4 HOH 83  92  92  HOH HOH A . 
F 4 HOH 84  94  94  HOH HOH A . 
F 4 HOH 85  95  95  HOH HOH A . 
F 4 HOH 86  96  96  HOH HOH A . 
F 4 HOH 87  97  97  HOH HOH A . 
F 4 HOH 88  98  98  HOH HOH A . 
F 4 HOH 89  99  99  HOH HOH A . 
F 4 HOH 90  101 101 HOH HOH A . 
F 4 HOH 91  102 102 HOH HOH A . 
F 4 HOH 92  103 103 HOH HOH A . 
F 4 HOH 93  104 104 HOH HOH A . 
F 4 HOH 94  105 105 HOH HOH A . 
F 4 HOH 95  106 106 HOH HOH A . 
F 4 HOH 96  107 107 HOH HOH A . 
F 4 HOH 97  108 108 HOH HOH A . 
F 4 HOH 98  109 109 HOH HOH A . 
F 4 HOH 99  110 110 HOH HOH A . 
F 4 HOH 100 111 111 HOH HOH A . 
F 4 HOH 101 112 112 HOH HOH A . 
F 4 HOH 102 113 113 HOH HOH A . 
F 4 HOH 103 114 114 HOH HOH A . 
F 4 HOH 104 115 115 HOH HOH A . 
F 4 HOH 105 116 116 HOH HOH A . 
F 4 HOH 106 118 118 HOH HOH A . 
F 4 HOH 107 119 119 HOH HOH A . 
F 4 HOH 108 120 120 HOH HOH A . 
F 4 HOH 109 121 121 HOH HOH A . 
F 4 HOH 110 122 122 HOH HOH A . 
F 4 HOH 111 123 123 HOH HOH A . 
F 4 HOH 112 124 124 HOH HOH A . 
F 4 HOH 113 125 125 HOH HOH A . 
F 4 HOH 114 127 127 HOH HOH A . 
F 4 HOH 115 128 128 HOH HOH A . 
F 4 HOH 116 130 130 HOH HOH A . 
F 4 HOH 117 131 131 HOH HOH A . 
F 4 HOH 118 132 132 HOH HOH A . 
F 4 HOH 119 133 133 HOH HOH A . 
F 4 HOH 120 134 134 HOH HOH A . 
F 4 HOH 121 135 135 HOH HOH A . 
F 4 HOH 122 136 136 HOH HOH A . 
F 4 HOH 123 138 138 HOH HOH A . 
F 4 HOH 124 139 139 HOH HOH A . 
F 4 HOH 125 140 140 HOH HOH A . 
F 4 HOH 126 141 141 HOH HOH A . 
F 4 HOH 127 142 142 HOH HOH A . 
F 4 HOH 128 144 144 HOH HOH A . 
F 4 HOH 129 145 145 HOH HOH A . 
F 4 HOH 130 146 146 HOH HOH A . 
F 4 HOH 131 147 147 HOH HOH A . 
F 4 HOH 132 148 148 HOH HOH A . 
F 4 HOH 133 149 149 HOH HOH A . 
F 4 HOH 134 150 150 HOH HOH A . 
F 4 HOH 135 151 151 HOH HOH A . 
F 4 HOH 136 153 153 HOH HOH A . 
F 4 HOH 137 155 155 HOH HOH A . 
F 4 HOH 138 157 157 HOH HOH A . 
F 4 HOH 139 158 158 HOH HOH A . 
F 4 HOH 140 159 159 HOH HOH A . 
F 4 HOH 141 162 162 HOH HOH A . 
F 4 HOH 142 163 163 HOH HOH A . 
F 4 HOH 143 164 164 HOH HOH A . 
F 4 HOH 144 165 165 HOH HOH A . 
F 4 HOH 145 166 166 HOH HOH A . 
F 4 HOH 146 168 168 HOH HOH A . 
F 4 HOH 147 169 169 HOH HOH A . 
F 4 HOH 148 170 170 HOH HOH A . 
F 4 HOH 149 173 173 HOH HOH A . 
F 4 HOH 150 175 175 HOH HOH A . 
F 4 HOH 151 176 176 HOH HOH A . 
F 4 HOH 152 177 177 HOH HOH A . 
F 4 HOH 153 178 178 HOH HOH A . 
F 4 HOH 154 179 179 HOH HOH A . 
F 4 HOH 155 180 180 HOH HOH A . 
F 4 HOH 156 186 186 HOH HOH A . 
F 4 HOH 157 187 187 HOH HOH A . 
F 4 HOH 158 189 189 HOH HOH A . 
F 4 HOH 159 190 190 HOH HOH A . 
F 4 HOH 160 191 191 HOH HOH A . 
F 4 HOH 161 192 192 HOH HOH A . 
F 4 HOH 162 193 193 HOH HOH A . 
F 4 HOH 163 194 194 HOH HOH A . 
F 4 HOH 164 195 195 HOH HOH A . 
F 4 HOH 165 196 196 HOH HOH A . 
F 4 HOH 166 197 197 HOH HOH A . 
F 4 HOH 167 198 198 HOH HOH A . 
F 4 HOH 168 199 199 HOH HOH A . 
F 4 HOH 169 200 200 HOH HOH A . 
F 4 HOH 170 201 201 HOH HOH A . 
F 4 HOH 171 202 202 HOH HOH A . 
F 4 HOH 172 203 203 HOH HOH A . 
# 
_pdbx_struct_mod_residue.id               1 
_pdbx_struct_mod_residue.label_asym_id    A 
_pdbx_struct_mod_residue.label_comp_id    OCS 
_pdbx_struct_mod_residue.label_seq_id     29 
_pdbx_struct_mod_residue.auth_asym_id     A 
_pdbx_struct_mod_residue.auth_comp_id     OCS 
_pdbx_struct_mod_residue.auth_seq_id      767 
_pdbx_struct_mod_residue.PDB_ins_code     ? 
_pdbx_struct_mod_residue.parent_comp_id   CYS 
_pdbx_struct_mod_residue.details          'CYSTEINESULFONIC ACID' 
# 
_pdbx_struct_assembly.id                   1 
_pdbx_struct_assembly.details              software_defined_assembly 
_pdbx_struct_assembly.method_details       PISA 
_pdbx_struct_assembly.oligomeric_details   monomeric 
_pdbx_struct_assembly.oligomeric_count     1 
# 
_pdbx_struct_assembly_gen.assembly_id       1 
_pdbx_struct_assembly_gen.oper_expression   1 
_pdbx_struct_assembly_gen.asym_id_list      A,B,C,D,E,F 
# 
_pdbx_struct_oper_list.id                   1 
_pdbx_struct_oper_list.type                 'identity operation' 
_pdbx_struct_oper_list.name                 1_555 
_pdbx_struct_oper_list.symmetry_operation   x,y,z 
_pdbx_struct_oper_list.matrix[1][1]         1.0000000000 
_pdbx_struct_oper_list.matrix[1][2]         0.0000000000 
_pdbx_struct_oper_list.matrix[1][3]         0.0000000000 
_pdbx_struct_oper_list.vector[1]            0.0000000000 
_pdbx_struct_oper_list.matrix[2][1]         0.0000000000 
_pdbx_struct_oper_list.matrix[2][2]         1.0000000000 
_pdbx_struct_oper_list.matrix[2][3]         0.0000000000 
_pdbx_struct_oper_list.vector[2]            0.0000000000 
_pdbx_struct_oper_list.matrix[3][1]         0.0000000000 
_pdbx_struct_oper_list.matrix[3][2]         0.0000000000 
_pdbx_struct_oper_list.matrix[3][3]         1.0000000000 
_pdbx_struct_oper_list.vector[3]            0.0000000000 
# 
_pdbx_struct_special_symmetry.id              1 
_pdbx_struct_special_symmetry.PDB_model_num   1 
_pdbx_struct_special_symmetry.auth_asym_id    A 
_pdbx_struct_special_symmetry.auth_comp_id    ZN 
_pdbx_struct_special_symmetry.auth_seq_id     950 
_pdbx_struct_special_symmetry.PDB_ins_code    ? 
_pdbx_struct_special_symmetry.label_asym_id   E 
_pdbx_struct_special_symmetry.label_comp_id   ZN 
_pdbx_struct_special_symmetry.label_seq_id    . 
# 
_pdbx_struct_conn_angle.id                    1 
_pdbx_struct_conn_angle.ptnr1_label_atom_id   NE2 
_pdbx_struct_conn_angle.ptnr1_label_alt_id    ? 
_pdbx_struct_conn_angle.ptnr1_label_asym_id   A 
_pdbx_struct_conn_angle.ptnr1_label_comp_id   HIS 
_pdbx_struct_conn_angle.ptnr1_label_seq_id    13 
_pdbx_struct_conn_angle.ptnr1_auth_atom_id    ? 
_pdbx_struct_conn_angle.ptnr1_auth_asym_id    A 
_pdbx_struct_conn_angle.ptnr1_auth_comp_id    HIS 
_pdbx_struct_conn_angle.ptnr1_auth_seq_id     751 
_pdbx_struct_conn_angle.ptnr1_PDB_ins_code    ? 
_pdbx_struct_conn_angle.ptnr1_symmetry        1_555 
_pdbx_struct_conn_angle.ptnr2_label_atom_id   ZN 
_pdbx_struct_conn_angle.ptnr2_label_alt_id    ? 
_pdbx_struct_conn_angle.ptnr2_label_asym_id   E 
_pdbx_struct_conn_angle.ptnr2_label_comp_id   ZN 
_pdbx_struct_conn_angle.ptnr2_label_seq_id    . 
_pdbx_struct_conn_angle.ptnr2_auth_atom_id    ? 
_pdbx_struct_conn_angle.ptnr2_auth_asym_id    A 
_pdbx_struct_conn_angle.ptnr2_auth_comp_id    ZN 
_pdbx_struct_conn_angle.ptnr2_auth_seq_id     950 
_pdbx_struct_conn_angle.ptnr2_PDB_ins_code    ? 
_pdbx_struct_conn_angle.ptnr2_symmetry        1_555 
_pdbx_struct_conn_angle.ptnr3_label_atom_id   OE2 
_pdbx_struct_conn_angle.ptnr3_label_alt_id    ? 
_pdbx_struct_conn_angle.ptnr3_label_asym_id   A 
_pdbx_struct_conn_angle.ptnr3_label_comp_id   GLU 
_pdbx_struct_conn_angle.ptnr3_label_seq_id    60 
_pdbx_struct_conn_angle.ptnr3_auth_atom_id    ? 
_pdbx_struct_conn_angle.ptnr3_auth_asym_id    A 
_pdbx_struct_conn_angle.ptnr3_auth_comp_id    GLU 
_pdbx_struct_conn_angle.ptnr3_auth_seq_id     798 
_pdbx_struct_conn_angle.ptnr3_PDB_ins_code    ? 
_pdbx_struct_conn_angle.ptnr3_symmetry        1_555 
_pdbx_struct_conn_angle.value                 107.5 
_pdbx_struct_conn_angle.value_esd             ? 
# 
loop_
_pdbx_audit_revision_history.ordinal 
_pdbx_audit_revision_history.data_content_type 
_pdbx_audit_revision_history.major_revision 
_pdbx_audit_revision_history.minor_revision 
_pdbx_audit_revision_history.revision_date 
1 'Structure model' 1 0 2009-09-22 
2 'Structure model' 1 1 2011-07-13 
3 'Structure model' 1 2 2012-04-11 
4 'Structure model' 1 3 2023-09-06 
5 'Structure model' 1 4 2023-11-22 
# 
_pdbx_audit_revision_details.ordinal             1 
_pdbx_audit_revision_details.revision_ordinal    1 
_pdbx_audit_revision_details.data_content_type   'Structure model' 
_pdbx_audit_revision_details.provider            repository 
_pdbx_audit_revision_details.type                'Initial release' 
_pdbx_audit_revision_details.description         ? 
_pdbx_audit_revision_details.details             ? 
# 
loop_
_pdbx_audit_revision_group.ordinal 
_pdbx_audit_revision_group.revision_ordinal 
_pdbx_audit_revision_group.data_content_type 
_pdbx_audit_revision_group.group 
1 2 'Structure model' Advisory                    
2 2 'Structure model' 'Version format compliance' 
3 3 'Structure model' 'Database references'       
4 4 'Structure model' 'Data collection'           
5 4 'Structure model' 'Database references'       
6 4 'Structure model' 'Derived calculations'      
7 4 'Structure model' 'Refinement description'    
8 5 'Structure model' 'Data collection'           
# 
loop_
_pdbx_audit_revision_category.ordinal 
_pdbx_audit_revision_category.revision_ordinal 
_pdbx_audit_revision_category.data_content_type 
_pdbx_audit_revision_category.category 
1 4 'Structure model' chem_comp_atom                
2 4 'Structure model' chem_comp_bond                
3 4 'Structure model' database_2                    
4 4 'Structure model' pdbx_initial_refinement_model 
5 4 'Structure model' struct_conn                   
6 4 'Structure model' struct_ref_seq_dif            
7 4 'Structure model' struct_site                   
8 5 'Structure model' chem_comp_atom                
9 5 'Structure model' chem_comp_bond                
# 
loop_
_pdbx_audit_revision_item.ordinal 
_pdbx_audit_revision_item.revision_ordinal 
_pdbx_audit_revision_item.data_content_type 
_pdbx_audit_revision_item.item 
1 4 'Structure model' '_database_2.pdbx_DOI'                
2 4 'Structure model' '_database_2.pdbx_database_accession' 
3 4 'Structure model' '_struct_conn.pdbx_leaving_atom_flag' 
4 4 'Structure model' '_struct_ref_seq_dif.details'         
5 4 'Structure model' '_struct_site.pdbx_auth_asym_id'      
6 4 'Structure model' '_struct_site.pdbx_auth_comp_id'      
7 4 'Structure model' '_struct_site.pdbx_auth_seq_id'       
8 5 'Structure model' '_chem_comp_atom.atom_id'             
9 5 'Structure model' '_chem_comp_bond.atom_id_2'           
# 
loop_
_pdbx_refine_tls.pdbx_refine_id 
_pdbx_refine_tls.id 
_pdbx_refine_tls.details 
_pdbx_refine_tls.method 
_pdbx_refine_tls.origin_x 
_pdbx_refine_tls.origin_y 
_pdbx_refine_tls.origin_z 
_pdbx_refine_tls.T[1][1] 
_pdbx_refine_tls.T[2][2] 
_pdbx_refine_tls.T[3][3] 
_pdbx_refine_tls.T[1][2] 
_pdbx_refine_tls.T[1][3] 
_pdbx_refine_tls.T[2][3] 
_pdbx_refine_tls.L[1][1] 
_pdbx_refine_tls.L[2][2] 
_pdbx_refine_tls.L[3][3] 
_pdbx_refine_tls.L[1][2] 
_pdbx_refine_tls.L[1][3] 
_pdbx_refine_tls.L[2][3] 
_pdbx_refine_tls.S[1][1] 
_pdbx_refine_tls.S[2][2] 
_pdbx_refine_tls.S[3][3] 
_pdbx_refine_tls.S[1][2] 
_pdbx_refine_tls.S[1][3] 
_pdbx_refine_tls.S[2][3] 
_pdbx_refine_tls.S[2][1] 
_pdbx_refine_tls.S[3][1] 
_pdbx_refine_tls.S[3][2] 
'X-RAY DIFFRACTION' 1 ? refined 2.7362  -2.2037  8.6520  0.1309 0.0616 0.0381 -0.0040 -0.0087 0.0086  3.6619  2.8732 2.3066 -1.0508 -1.8133 0.9255  -0.1846 0.1330  0.0516  -0.1241 -0.1889 0.0973  0.1527  0.1250  0.0784  
'X-RAY DIFFRACTION' 2 ? refined -3.3955 -10.3653 -2.4607 0.1797 0.1081 0.0754 -0.0494 -0.0063 -0.0263 10.4472 2.9090 5.1807 -0.8762 3.9347  -0.6643 -0.0045 -0.0522 0.0567  0.5615  -0.3342 0.2199  -0.4608 0.1914  -0.1611 
'X-RAY DIFFRACTION' 3 ? refined 0.2177  4.6053   -2.8489 0.1118 0.0787 0.0475 -0.0014 0.0077  0.0252  3.4523  1.7218 1.6261 -1.1366 -0.0823 -0.2622 0.0192  -0.0049 -0.0143 0.2488  0.2746  -0.0135 -0.1068 -0.1747 -0.1194  
# 
loop_
_pdbx_refine_tls_group.pdbx_refine_id 
_pdbx_refine_tls_group.id 
_pdbx_refine_tls_group.refine_tls_id 
_pdbx_refine_tls_group.beg_auth_asym_id 
_pdbx_refine_tls_group.beg_auth_seq_id 
_pdbx_refine_tls_group.end_auth_asym_id 
_pdbx_refine_tls_group.end_auth_seq_id 
_pdbx_refine_tls_group.selection_details 
_pdbx_refine_tls_group.beg_label_asym_id 
_pdbx_refine_tls_group.beg_label_seq_id 
_pdbx_refine_tls_group.end_label_asym_id 
_pdbx_refine_tls_group.end_label_seq_id 
_pdbx_refine_tls_group.selection 
'X-RAY DIFFRACTION' 1 1 A 740 A 774 ? . . . . ? 
'X-RAY DIFFRACTION' 2 2 A 775 A 801 ? . . . . ? 
'X-RAY DIFFRACTION' 3 3 A 802 A 882 ? . . . . ? 
# 
_pdbx_phasing_MR.entry_id                     3IU6 
_pdbx_phasing_MR.method_rotation              ? 
_pdbx_phasing_MR.method_translation           ? 
_pdbx_phasing_MR.model_details                'Phaser MODE: MR_AUTO' 
_pdbx_phasing_MR.R_factor                     58.920 
_pdbx_phasing_MR.R_rigid_body                 ? 
_pdbx_phasing_MR.correlation_coeff_Fo_to_Fc   ? 
_pdbx_phasing_MR.correlation_coeff_Io_to_Ic   ? 
_pdbx_phasing_MR.d_res_high_rotation          2.500 
_pdbx_phasing_MR.d_res_low_rotation           33.200 
_pdbx_phasing_MR.d_res_high_translation       2.500 
_pdbx_phasing_MR.d_res_low_translation        33.200 
_pdbx_phasing_MR.packing                      ? 
_pdbx_phasing_MR.reflns_percent_rotation      ? 
_pdbx_phasing_MR.reflns_percent_translation   ? 
_pdbx_phasing_MR.sigma_F_rotation             ? 
_pdbx_phasing_MR.sigma_F_translation          ? 
_pdbx_phasing_MR.sigma_I_rotation             ? 
_pdbx_phasing_MR.sigma_I_translation          ? 
# 
_phasing.method   MR 
# 
loop_
_software.pdbx_ordinal 
_software.name 
_software.version 
_software.date 
_software.type 
_software.contact_author 
_software.contact_author_email 
_software.classification 
_software.location 
_software.language 
_software.citation_id 
1 SCALA        3.3.9 2008/10/21                 other   'Phil R. Evans'      pre@mrc-lmb.cam.ac.uk       'data scaling'    
http://www.ccp4.ac.uk/dist/html/scala.html   Fortran_77 ? 
2 PHASER       2.1.4 'Thu Nov 13 10:53:32 2008' program 'Randy J. Read'      cimr-phaser@lists.cam.ac.uk phasing           
http://www-structmed.cimr.cam.ac.uk/phaser/  ?          ? 
3 REFMAC       .     ?                          program 'Garib N. Murshudov' garib@ysbl.york.ac.uk       refinement        
http://www.ccp4.ac.uk/dist/html/refmac5.html Fortran_77 ? 
4 PDB_EXTRACT  3.005 'June 11, 2008'            package PDB                  help@deposit.rcsb.org       'data extraction' 
http://sw-tools.pdb.org/apps/PDB_EXTRACT/    C++        ? 
5 CrystalClear .     ?                          ?       ?                    ?                           'data collection' ? ? ? 
6 MOSFLM       .     ?                          ?       ?                    ?                           'data reduction'  ? ? ? 
# 
loop_
_pdbx_validate_close_contact.id 
_pdbx_validate_close_contact.PDB_model_num 
_pdbx_validate_close_contact.auth_atom_id_1 
_pdbx_validate_close_contact.auth_asym_id_1 
_pdbx_validate_close_contact.auth_comp_id_1 
_pdbx_validate_close_contact.auth_seq_id_1 
_pdbx_validate_close_contact.PDB_ins_code_1 
_pdbx_validate_close_contact.label_alt_id_1 
_pdbx_validate_close_contact.auth_atom_id_2 
_pdbx_validate_close_contact.auth_asym_id_2 
_pdbx_validate_close_contact.auth_comp_id_2 
_pdbx_validate_close_contact.auth_seq_id_2 
_pdbx_validate_close_contact.PDB_ins_code_2 
_pdbx_validate_close_contact.label_alt_id_2 
_pdbx_validate_close_contact.dist 
1 1 OD1 A ASN 752 ? A O A HOH 189 ? ? 1.93 
2 1 O   A HOH 98  ? ? O A HOH 153 ? ? 2.08 
# 
loop_
_pdbx_validate_rmsd_angle.id 
_pdbx_validate_rmsd_angle.PDB_model_num 
_pdbx_validate_rmsd_angle.auth_atom_id_1 
_pdbx_validate_rmsd_angle.auth_asym_id_1 
_pdbx_validate_rmsd_angle.auth_comp_id_1 
_pdbx_validate_rmsd_angle.auth_seq_id_1 
_pdbx_validate_rmsd_angle.PDB_ins_code_1 
_pdbx_validate_rmsd_angle.label_alt_id_1 
_pdbx_validate_rmsd_angle.auth_atom_id_2 
_pdbx_validate_rmsd_angle.auth_asym_id_2 
_pdbx_validate_rmsd_angle.auth_comp_id_2 
_pdbx_validate_rmsd_angle.auth_seq_id_2 
_pdbx_validate_rmsd_angle.PDB_ins_code_2 
_pdbx_validate_rmsd_angle.label_alt_id_2 
_pdbx_validate_rmsd_angle.auth_atom_id_3 
_pdbx_validate_rmsd_angle.auth_asym_id_3 
_pdbx_validate_rmsd_angle.auth_comp_id_3 
_pdbx_validate_rmsd_angle.auth_seq_id_3 
_pdbx_validate_rmsd_angle.PDB_ins_code_3 
_pdbx_validate_rmsd_angle.label_alt_id_3 
_pdbx_validate_rmsd_angle.angle_value 
_pdbx_validate_rmsd_angle.angle_target_value 
_pdbx_validate_rmsd_angle.angle_deviation 
_pdbx_validate_rmsd_angle.angle_standard_deviation 
_pdbx_validate_rmsd_angle.linker_flag 
1 1 CA A GLU 748 ? ? CB A GLU 748 ? ? CG  A GLU 748 ? B 127.07 113.40 13.67 2.20 N 
2 1 CB A ASP 806 ? ? CG A ASP 806 ? ? OD1 A ASP 806 ? ? 126.20 118.30 7.90  0.90 N 
3 1 CB A ASP 806 ? ? CG A ASP 806 ? ? OD2 A ASP 806 ? ? 112.43 118.30 -5.87 0.90 N 
# 
loop_
_pdbx_unobs_or_zero_occ_atoms.id 
_pdbx_unobs_or_zero_occ_atoms.PDB_model_num 
_pdbx_unobs_or_zero_occ_atoms.polymer_flag 
_pdbx_unobs_or_zero_occ_atoms.occupancy_flag 
_pdbx_unobs_or_zero_occ_atoms.auth_asym_id 
_pdbx_unobs_or_zero_occ_atoms.auth_comp_id 
_pdbx_unobs_or_zero_occ_atoms.auth_seq_id 
_pdbx_unobs_or_zero_occ_atoms.PDB_ins_code 
_pdbx_unobs_or_zero_occ_atoms.auth_atom_id 
_pdbx_unobs_or_zero_occ_atoms.label_alt_id 
_pdbx_unobs_or_zero_occ_atoms.label_asym_id 
_pdbx_unobs_or_zero_occ_atoms.label_comp_id 
_pdbx_unobs_or_zero_occ_atoms.label_seq_id 
_pdbx_unobs_or_zero_occ_atoms.label_atom_id 
1  1 Y 1 A MET 740 ? CG  ? A MET 2   CG  
2  1 Y 1 A MET 740 ? SD  ? A MET 2   SD  
3  1 Y 1 A MET 740 ? CE  ? A MET 2   CE  
4  1 Y 1 A GLU 774 ? CG  ? A GLU 36  CG  
5  1 Y 1 A GLU 774 ? CD  ? A GLU 36  CD  
6  1 Y 1 A GLU 774 ? OE1 ? A GLU 36  OE1 
7  1 Y 1 A GLU 774 ? OE2 ? A GLU 36  OE2 
8  1 Y 1 A LYS 849 ? NZ  ? A LYS 111 NZ  
9  1 Y 1 A LYS 864 ? CD  ? A LYS 126 CD  
10 1 Y 1 A LYS 864 ? CE  ? A LYS 126 CE  
11 1 Y 1 A LYS 864 ? NZ  ? A LYS 126 NZ  
# 
loop_
_pdbx_unobs_or_zero_occ_residues.id 
_pdbx_unobs_or_zero_occ_residues.PDB_model_num 
_pdbx_unobs_or_zero_occ_residues.polymer_flag 
_pdbx_unobs_or_zero_occ_residues.occupancy_flag 
_pdbx_unobs_or_zero_occ_residues.auth_asym_id 
_pdbx_unobs_or_zero_occ_residues.auth_comp_id 
_pdbx_unobs_or_zero_occ_residues.auth_seq_id 
_pdbx_unobs_or_zero_occ_residues.PDB_ins_code 
_pdbx_unobs_or_zero_occ_residues.label_asym_id 
_pdbx_unobs_or_zero_occ_residues.label_comp_id 
_pdbx_unobs_or_zero_occ_residues.label_seq_id 
1 1 Y 1 A SER 739 ? A SER 1   
2 1 Y 1 A GLU 883 ? A GLU 145 
3 1 Y 1 A GLU 884 ? A GLU 146 
4 1 Y 1 A ASP 885 ? A ASP 147 
# 
loop_
_chem_comp_atom.comp_id 
_chem_comp_atom.atom_id 
_chem_comp_atom.type_symbol 
_chem_comp_atom.pdbx_aromatic_flag 
_chem_comp_atom.pdbx_stereo_config 
_chem_comp_atom.pdbx_ordinal 
ALA N    N  N N 1   
ALA CA   C  N S 2   
ALA C    C  N N 3   
ALA O    O  N N 4   
ALA CB   C  N N 5   
ALA OXT  O  N N 6   
ALA H    H  N N 7   
ALA H2   H  N N 8   
ALA HA   H  N N 9   
ALA HB1  H  N N 10  
ALA HB2  H  N N 11  
ALA HB3  H  N N 12  
ALA HXT  H  N N 13  
ARG N    N  N N 14  
ARG CA   C  N S 15  
ARG C    C  N N 16  
ARG O    O  N N 17  
ARG CB   C  N N 18  
ARG CG   C  N N 19  
ARG CD   C  N N 20  
ARG NE   N  N N 21  
ARG CZ   C  N N 22  
ARG NH1  N  N N 23  
ARG NH2  N  N N 24  
ARG OXT  O  N N 25  
ARG H    H  N N 26  
ARG H2   H  N N 27  
ARG HA   H  N N 28  
ARG HB2  H  N N 29  
ARG HB3  H  N N 30  
ARG HG2  H  N N 31  
ARG HG3  H  N N 32  
ARG HD2  H  N N 33  
ARG HD3  H  N N 34  
ARG HE   H  N N 35  
ARG HH11 H  N N 36  
ARG HH12 H  N N 37  
ARG HH21 H  N N 38  
ARG HH22 H  N N 39  
ARG HXT  H  N N 40  
ASN N    N  N N 41  
ASN CA   C  N S 42  
ASN C    C  N N 43  
ASN O    O  N N 44  
ASN CB   C  N N 45  
ASN CG   C  N N 46  
ASN OD1  O  N N 47  
ASN ND2  N  N N 48  
ASN OXT  O  N N 49  
ASN H    H  N N 50  
ASN H2   H  N N 51  
ASN HA   H  N N 52  
ASN HB2  H  N N 53  
ASN HB3  H  N N 54  
ASN HD21 H  N N 55  
ASN HD22 H  N N 56  
ASN HXT  H  N N 57  
ASP N    N  N N 58  
ASP CA   C  N S 59  
ASP C    C  N N 60  
ASP O    O  N N 61  
ASP CB   C  N N 62  
ASP CG   C  N N 63  
ASP OD1  O  N N 64  
ASP OD2  O  N N 65  
ASP OXT  O  N N 66  
ASP H    H  N N 67  
ASP H2   H  N N 68  
ASP HA   H  N N 69  
ASP HB2  H  N N 70  
ASP HB3  H  N N 71  
ASP HD2  H  N N 72  
ASP HXT  H  N N 73  
CYS N    N  N N 74  
CYS CA   C  N R 75  
CYS C    C  N N 76  
CYS O    O  N N 77  
CYS CB   C  N N 78  
CYS SG   S  N N 79  
CYS OXT  O  N N 80  
CYS H    H  N N 81  
CYS H2   H  N N 82  
CYS HA   H  N N 83  
CYS HB2  H  N N 84  
CYS HB3  H  N N 85  
CYS HG   H  N N 86  
CYS HXT  H  N N 87  
EDO C1   C  N N 88  
EDO O1   O  N N 89  
EDO C2   C  N N 90  
EDO O2   O  N N 91  
EDO H11  H  N N 92  
EDO H12  H  N N 93  
EDO HO1  H  N N 94  
EDO H21  H  N N 95  
EDO H22  H  N N 96  
EDO HO2  H  N N 97  
GLN N    N  N N 98  
GLN CA   C  N S 99  
GLN C    C  N N 100 
GLN O    O  N N 101 
GLN CB   C  N N 102 
GLN CG   C  N N 103 
GLN CD   C  N N 104 
GLN OE1  O  N N 105 
GLN NE2  N  N N 106 
GLN OXT  O  N N 107 
GLN H    H  N N 108 
GLN H2   H  N N 109 
GLN HA   H  N N 110 
GLN HB2  H  N N 111 
GLN HB3  H  N N 112 
GLN HG2  H  N N 113 
GLN HG3  H  N N 114 
GLN HE21 H  N N 115 
GLN HE22 H  N N 116 
GLN HXT  H  N N 117 
GLU N    N  N N 118 
GLU CA   C  N S 119 
GLU C    C  N N 120 
GLU O    O  N N 121 
GLU CB   C  N N 122 
GLU CG   C  N N 123 
GLU CD   C  N N 124 
GLU OE1  O  N N 125 
GLU OE2  O  N N 126 
GLU OXT  O  N N 127 
GLU H    H  N N 128 
GLU H2   H  N N 129 
GLU HA   H  N N 130 
GLU HB2  H  N N 131 
GLU HB3  H  N N 132 
GLU HG2  H  N N 133 
GLU HG3  H  N N 134 
GLU HE2  H  N N 135 
GLU HXT  H  N N 136 
GLY N    N  N N 137 
GLY CA   C  N N 138 
GLY C    C  N N 139 
GLY O    O  N N 140 
GLY OXT  O  N N 141 
GLY H    H  N N 142 
GLY H2   H  N N 143 
GLY HA2  H  N N 144 
GLY HA3  H  N N 145 
GLY HXT  H  N N 146 
HIS N    N  N N 147 
HIS CA   C  N S 148 
HIS C    C  N N 149 
HIS O    O  N N 150 
HIS CB   C  N N 151 
HIS CG   C  Y N 152 
HIS ND1  N  Y N 153 
HIS CD2  C  Y N 154 
HIS CE1  C  Y N 155 
HIS NE2  N  Y N 156 
HIS OXT  O  N N 157 
HIS H    H  N N 158 
HIS H2   H  N N 159 
HIS HA   H  N N 160 
HIS HB2  H  N N 161 
HIS HB3  H  N N 162 
HIS HD1  H  N N 163 
HIS HD2  H  N N 164 
HIS HE1  H  N N 165 
HIS HE2  H  N N 166 
HIS HXT  H  N N 167 
HOH O    O  N N 168 
HOH H1   H  N N 169 
HOH H2   H  N N 170 
ILE N    N  N N 171 
ILE CA   C  N S 172 
ILE C    C  N N 173 
ILE O    O  N N 174 
ILE CB   C  N S 175 
ILE CG1  C  N N 176 
ILE CG2  C  N N 177 
ILE CD1  C  N N 178 
ILE OXT  O  N N 179 
ILE H    H  N N 180 
ILE H2   H  N N 181 
ILE HA   H  N N 182 
ILE HB   H  N N 183 
ILE HG12 H  N N 184 
ILE HG13 H  N N 185 
ILE HG21 H  N N 186 
ILE HG22 H  N N 187 
ILE HG23 H  N N 188 
ILE HD11 H  N N 189 
ILE HD12 H  N N 190 
ILE HD13 H  N N 191 
ILE HXT  H  N N 192 
LEU N    N  N N 193 
LEU CA   C  N S 194 
LEU C    C  N N 195 
LEU O    O  N N 196 
LEU CB   C  N N 197 
LEU CG   C  N N 198 
LEU CD1  C  N N 199 
LEU CD2  C  N N 200 
LEU OXT  O  N N 201 
LEU H    H  N N 202 
LEU H2   H  N N 203 
LEU HA   H  N N 204 
LEU HB2  H  N N 205 
LEU HB3  H  N N 206 
LEU HG   H  N N 207 
LEU HD11 H  N N 208 
LEU HD12 H  N N 209 
LEU HD13 H  N N 210 
LEU HD21 H  N N 211 
LEU HD22 H  N N 212 
LEU HD23 H  N N 213 
LEU HXT  H  N N 214 
LYS N    N  N N 215 
LYS CA   C  N S 216 
LYS C    C  N N 217 
LYS O    O  N N 218 
LYS CB   C  N N 219 
LYS CG   C  N N 220 
LYS CD   C  N N 221 
LYS CE   C  N N 222 
LYS NZ   N  N N 223 
LYS OXT  O  N N 224 
LYS H    H  N N 225 
LYS H2   H  N N 226 
LYS HA   H  N N 227 
LYS HB2  H  N N 228 
LYS HB3  H  N N 229 
LYS HG2  H  N N 230 
LYS HG3  H  N N 231 
LYS HD2  H  N N 232 
LYS HD3  H  N N 233 
LYS HE2  H  N N 234 
LYS HE3  H  N N 235 
LYS HZ1  H  N N 236 
LYS HZ2  H  N N 237 
LYS HZ3  H  N N 238 
LYS HXT  H  N N 239 
MET N    N  N N 240 
MET CA   C  N S 241 
MET C    C  N N 242 
MET O    O  N N 243 
MET CB   C  N N 244 
MET CG   C  N N 245 
MET SD   S  N N 246 
MET CE   C  N N 247 
MET OXT  O  N N 248 
MET H    H  N N 249 
MET H2   H  N N 250 
MET HA   H  N N 251 
MET HB2  H  N N 252 
MET HB3  H  N N 253 
MET HG2  H  N N 254 
MET HG3  H  N N 255 
MET HE1  H  N N 256 
MET HE2  H  N N 257 
MET HE3  H  N N 258 
MET HXT  H  N N 259 
OCS N    N  N N 260 
OCS CA   C  N R 261 
OCS CB   C  N N 262 
OCS SG   S  N N 263 
OCS C    C  N N 264 
OCS O    O  N N 265 
OCS OXT  O  N N 266 
OCS OD1  O  N N 267 
OCS OD2  O  N N 268 
OCS OD3  O  N N 269 
OCS H    H  N N 270 
OCS H2   H  N N 271 
OCS HA   H  N N 272 
OCS HB2  H  N N 273 
OCS HB3  H  N N 274 
OCS HXT  H  N N 275 
OCS HD2  H  N N 276 
PHE N    N  N N 277 
PHE CA   C  N S 278 
PHE C    C  N N 279 
PHE O    O  N N 280 
PHE CB   C  N N 281 
PHE CG   C  Y N 282 
PHE CD1  C  Y N 283 
PHE CD2  C  Y N 284 
PHE CE1  C  Y N 285 
PHE CE2  C  Y N 286 
PHE CZ   C  Y N 287 
PHE OXT  O  N N 288 
PHE H    H  N N 289 
PHE H2   H  N N 290 
PHE HA   H  N N 291 
PHE HB2  H  N N 292 
PHE HB3  H  N N 293 
PHE HD1  H  N N 294 
PHE HD2  H  N N 295 
PHE HE1  H  N N 296 
PHE HE2  H  N N 297 
PHE HZ   H  N N 298 
PHE HXT  H  N N 299 
PRO N    N  N N 300 
PRO CA   C  N S 301 
PRO C    C  N N 302 
PRO O    O  N N 303 
PRO CB   C  N N 304 
PRO CG   C  N N 305 
PRO CD   C  N N 306 
PRO OXT  O  N N 307 
PRO H    H  N N 308 
PRO HA   H  N N 309 
PRO HB2  H  N N 310 
PRO HB3  H  N N 311 
PRO HG2  H  N N 312 
PRO HG3  H  N N 313 
PRO HD2  H  N N 314 
PRO HD3  H  N N 315 
PRO HXT  H  N N 316 
SER N    N  N N 317 
SER CA   C  N S 318 
SER C    C  N N 319 
SER O    O  N N 320 
SER CB   C  N N 321 
SER OG   O  N N 322 
SER OXT  O  N N 323 
SER H    H  N N 324 
SER H2   H  N N 325 
SER HA   H  N N 326 
SER HB2  H  N N 327 
SER HB3  H  N N 328 
SER HG   H  N N 329 
SER HXT  H  N N 330 
THR N    N  N N 331 
THR CA   C  N S 332 
THR C    C  N N 333 
THR O    O  N N 334 
THR CB   C  N R 335 
THR OG1  O  N N 336 
THR CG2  C  N N 337 
THR OXT  O  N N 338 
THR H    H  N N 339 
THR H2   H  N N 340 
THR HA   H  N N 341 
THR HB   H  N N 342 
THR HG1  H  N N 343 
THR HG21 H  N N 344 
THR HG22 H  N N 345 
THR HG23 H  N N 346 
THR HXT  H  N N 347 
TYR N    N  N N 348 
TYR CA   C  N S 349 
TYR C    C  N N 350 
TYR O    O  N N 351 
TYR CB   C  N N 352 
TYR CG   C  Y N 353 
TYR CD1  C  Y N 354 
TYR CD2  C  Y N 355 
TYR CE1  C  Y N 356 
TYR CE2  C  Y N 357 
TYR CZ   C  Y N 358 
TYR OH   O  N N 359 
TYR OXT  O  N N 360 
TYR H    H  N N 361 
TYR H2   H  N N 362 
TYR HA   H  N N 363 
TYR HB2  H  N N 364 
TYR HB3  H  N N 365 
TYR HD1  H  N N 366 
TYR HD2  H  N N 367 
TYR HE1  H  N N 368 
TYR HE2  H  N N 369 
TYR HH   H  N N 370 
TYR HXT  H  N N 371 
VAL N    N  N N 372 
VAL CA   C  N S 373 
VAL C    C  N N 374 
VAL O    O  N N 375 
VAL CB   C  N N 376 
VAL CG1  C  N N 377 
VAL CG2  C  N N 378 
VAL OXT  O  N N 379 
VAL H    H  N N 380 
VAL H2   H  N N 381 
VAL HA   H  N N 382 
VAL HB   H  N N 383 
VAL HG11 H  N N 384 
VAL HG12 H  N N 385 
VAL HG13 H  N N 386 
VAL HG21 H  N N 387 
VAL HG22 H  N N 388 
VAL HG23 H  N N 389 
VAL HXT  H  N N 390 
ZN  ZN   ZN N N 391 
# 
loop_
_chem_comp_bond.comp_id 
_chem_comp_bond.atom_id_1 
_chem_comp_bond.atom_id_2 
_chem_comp_bond.value_order 
_chem_comp_bond.pdbx_aromatic_flag 
_chem_comp_bond.pdbx_stereo_config 
_chem_comp_bond.pdbx_ordinal 
ALA N   CA   sing N N 1   
ALA N   H    sing N N 2   
ALA N   H2   sing N N 3   
ALA CA  C    sing N N 4   
ALA CA  CB   sing N N 5   
ALA CA  HA   sing N N 6   
ALA C   O    doub N N 7   
ALA C   OXT  sing N N 8   
ALA CB  HB1  sing N N 9   
ALA CB  HB2  sing N N 10  
ALA CB  HB3  sing N N 11  
ALA OXT HXT  sing N N 12  
ARG N   CA   sing N N 13  
ARG N   H    sing N N 14  
ARG N   H2   sing N N 15  
ARG CA  C    sing N N 16  
ARG CA  CB   sing N N 17  
ARG CA  HA   sing N N 18  
ARG C   O    doub N N 19  
ARG C   OXT  sing N N 20  
ARG CB  CG   sing N N 21  
ARG CB  HB2  sing N N 22  
ARG CB  HB3  sing N N 23  
ARG CG  CD   sing N N 24  
ARG CG  HG2  sing N N 25  
ARG CG  HG3  sing N N 26  
ARG CD  NE   sing N N 27  
ARG CD  HD2  sing N N 28  
ARG CD  HD3  sing N N 29  
ARG NE  CZ   sing N N 30  
ARG NE  HE   sing N N 31  
ARG CZ  NH1  sing N N 32  
ARG CZ  NH2  doub N N 33  
ARG NH1 HH11 sing N N 34  
ARG NH1 HH12 sing N N 35  
ARG NH2 HH21 sing N N 36  
ARG NH2 HH22 sing N N 37  
ARG OXT HXT  sing N N 38  
ASN N   CA   sing N N 39  
ASN N   H    sing N N 40  
ASN N   H2   sing N N 41  
ASN CA  C    sing N N 42  
ASN CA  CB   sing N N 43  
ASN CA  HA   sing N N 44  
ASN C   O    doub N N 45  
ASN C   OXT  sing N N 46  
ASN CB  CG   sing N N 47  
ASN CB  HB2  sing N N 48  
ASN CB  HB3  sing N N 49  
ASN CG  OD1  doub N N 50  
ASN CG  ND2  sing N N 51  
ASN ND2 HD21 sing N N 52  
ASN ND2 HD22 sing N N 53  
ASN OXT HXT  sing N N 54  
ASP N   CA   sing N N 55  
ASP N   H    sing N N 56  
ASP N   H2   sing N N 57  
ASP CA  C    sing N N 58  
ASP CA  CB   sing N N 59  
ASP CA  HA   sing N N 60  
ASP C   O    doub N N 61  
ASP C   OXT  sing N N 62  
ASP CB  CG   sing N N 63  
ASP CB  HB2  sing N N 64  
ASP CB  HB3  sing N N 65  
ASP CG  OD1  doub N N 66  
ASP CG  OD2  sing N N 67  
ASP OD2 HD2  sing N N 68  
ASP OXT HXT  sing N N 69  
CYS N   CA   sing N N 70  
CYS N   H    sing N N 71  
CYS N   H2   sing N N 72  
CYS CA  C    sing N N 73  
CYS CA  CB   sing N N 74  
CYS CA  HA   sing N N 75  
CYS C   O    doub N N 76  
CYS C   OXT  sing N N 77  
CYS CB  SG   sing N N 78  
CYS CB  HB2  sing N N 79  
CYS CB  HB3  sing N N 80  
CYS SG  HG   sing N N 81  
CYS OXT HXT  sing N N 82  
EDO C1  O1   sing N N 83  
EDO C1  C2   sing N N 84  
EDO C1  H11  sing N N 85  
EDO C1  H12  sing N N 86  
EDO O1  HO1  sing N N 87  
EDO C2  O2   sing N N 88  
EDO C2  H21  sing N N 89  
EDO C2  H22  sing N N 90  
EDO O2  HO2  sing N N 91  
GLN N   CA   sing N N 92  
GLN N   H    sing N N 93  
GLN N   H2   sing N N 94  
GLN CA  C    sing N N 95  
GLN CA  CB   sing N N 96  
GLN CA  HA   sing N N 97  
GLN C   O    doub N N 98  
GLN C   OXT  sing N N 99  
GLN CB  CG   sing N N 100 
GLN CB  HB2  sing N N 101 
GLN CB  HB3  sing N N 102 
GLN CG  CD   sing N N 103 
GLN CG  HG2  sing N N 104 
GLN CG  HG3  sing N N 105 
GLN CD  OE1  doub N N 106 
GLN CD  NE2  sing N N 107 
GLN NE2 HE21 sing N N 108 
GLN NE2 HE22 sing N N 109 
GLN OXT HXT  sing N N 110 
GLU N   CA   sing N N 111 
GLU N   H    sing N N 112 
GLU N   H2   sing N N 113 
GLU CA  C    sing N N 114 
GLU CA  CB   sing N N 115 
GLU CA  HA   sing N N 116 
GLU C   O    doub N N 117 
GLU C   OXT  sing N N 118 
GLU CB  CG   sing N N 119 
GLU CB  HB2  sing N N 120 
GLU CB  HB3  sing N N 121 
GLU CG  CD   sing N N 122 
GLU CG  HG2  sing N N 123 
GLU CG  HG3  sing N N 124 
GLU CD  OE1  doub N N 125 
GLU CD  OE2  sing N N 126 
GLU OE2 HE2  sing N N 127 
GLU OXT HXT  sing N N 128 
GLY N   CA   sing N N 129 
GLY N   H    sing N N 130 
GLY N   H2   sing N N 131 
GLY CA  C    sing N N 132 
GLY CA  HA2  sing N N 133 
GLY CA  HA3  sing N N 134 
GLY C   O    doub N N 135 
GLY C   OXT  sing N N 136 
GLY OXT HXT  sing N N 137 
HIS N   CA   sing N N 138 
HIS N   H    sing N N 139 
HIS N   H2   sing N N 140 
HIS CA  C    sing N N 141 
HIS CA  CB   sing N N 142 
HIS CA  HA   sing N N 143 
HIS C   O    doub N N 144 
HIS C   OXT  sing N N 145 
HIS CB  CG   sing N N 146 
HIS CB  HB2  sing N N 147 
HIS CB  HB3  sing N N 148 
HIS CG  ND1  sing Y N 149 
HIS CG  CD2  doub Y N 150 
HIS ND1 CE1  doub Y N 151 
HIS ND1 HD1  sing N N 152 
HIS CD2 NE2  sing Y N 153 
HIS CD2 HD2  sing N N 154 
HIS CE1 NE2  sing Y N 155 
HIS CE1 HE1  sing N N 156 
HIS NE2 HE2  sing N N 157 
HIS OXT HXT  sing N N 158 
HOH O   H1   sing N N 159 
HOH O   H2   sing N N 160 
ILE N   CA   sing N N 161 
ILE N   H    sing N N 162 
ILE N   H2   sing N N 163 
ILE CA  C    sing N N 164 
ILE CA  CB   sing N N 165 
ILE CA  HA   sing N N 166 
ILE C   O    doub N N 167 
ILE C   OXT  sing N N 168 
ILE CB  CG1  sing N N 169 
ILE CB  CG2  sing N N 170 
ILE CB  HB   sing N N 171 
ILE CG1 CD1  sing N N 172 
ILE CG1 HG12 sing N N 173 
ILE CG1 HG13 sing N N 174 
ILE CG2 HG21 sing N N 175 
ILE CG2 HG22 sing N N 176 
ILE CG2 HG23 sing N N 177 
ILE CD1 HD11 sing N N 178 
ILE CD1 HD12 sing N N 179 
ILE CD1 HD13 sing N N 180 
ILE OXT HXT  sing N N 181 
LEU N   CA   sing N N 182 
LEU N   H    sing N N 183 
LEU N   H2   sing N N 184 
LEU CA  C    sing N N 185 
LEU CA  CB   sing N N 186 
LEU CA  HA   sing N N 187 
LEU C   O    doub N N 188 
LEU C   OXT  sing N N 189 
LEU CB  CG   sing N N 190 
LEU CB  HB2  sing N N 191 
LEU CB  HB3  sing N N 192 
LEU CG  CD1  sing N N 193 
LEU CG  CD2  sing N N 194 
LEU CG  HG   sing N N 195 
LEU CD1 HD11 sing N N 196 
LEU CD1 HD12 sing N N 197 
LEU CD1 HD13 sing N N 198 
LEU CD2 HD21 sing N N 199 
LEU CD2 HD22 sing N N 200 
LEU CD2 HD23 sing N N 201 
LEU OXT HXT  sing N N 202 
LYS N   CA   sing N N 203 
LYS N   H    sing N N 204 
LYS N   H2   sing N N 205 
LYS CA  C    sing N N 206 
LYS CA  CB   sing N N 207 
LYS CA  HA   sing N N 208 
LYS C   O    doub N N 209 
LYS C   OXT  sing N N 210 
LYS CB  CG   sing N N 211 
LYS CB  HB2  sing N N 212 
LYS CB  HB3  sing N N 213 
LYS CG  CD   sing N N 214 
LYS CG  HG2  sing N N 215 
LYS CG  HG3  sing N N 216 
LYS CD  CE   sing N N 217 
LYS CD  HD2  sing N N 218 
LYS CD  HD3  sing N N 219 
LYS CE  NZ   sing N N 220 
LYS CE  HE2  sing N N 221 
LYS CE  HE3  sing N N 222 
LYS NZ  HZ1  sing N N 223 
LYS NZ  HZ2  sing N N 224 
LYS NZ  HZ3  sing N N 225 
LYS OXT HXT  sing N N 226 
MET N   CA   sing N N 227 
MET N   H    sing N N 228 
MET N   H2   sing N N 229 
MET CA  C    sing N N 230 
MET CA  CB   sing N N 231 
MET CA  HA   sing N N 232 
MET C   O    doub N N 233 
MET C   OXT  sing N N 234 
MET CB  CG   sing N N 235 
MET CB  HB2  sing N N 236 
MET CB  HB3  sing N N 237 
MET CG  SD   sing N N 238 
MET CG  HG2  sing N N 239 
MET CG  HG3  sing N N 240 
MET SD  CE   sing N N 241 
MET CE  HE1  sing N N 242 
MET CE  HE2  sing N N 243 
MET CE  HE3  sing N N 244 
MET OXT HXT  sing N N 245 
OCS N   CA   sing N N 246 
OCS N   H    sing N N 247 
OCS N   H2   sing N N 248 
OCS CA  CB   sing N N 249 
OCS CA  C    sing N N 250 
OCS CA  HA   sing N N 251 
OCS CB  SG   sing N N 252 
OCS CB  HB2  sing N N 253 
OCS CB  HB3  sing N N 254 
OCS SG  OD1  doub N N 255 
OCS SG  OD2  sing N N 256 
OCS SG  OD3  doub N N 257 
OCS C   O    doub N N 258 
OCS C   OXT  sing N N 259 
OCS OXT HXT  sing N N 260 
OCS OD2 HD2  sing N N 261 
PHE N   CA   sing N N 262 
PHE N   H    sing N N 263 
PHE N   H2   sing N N 264 
PHE CA  C    sing N N 265 
PHE CA  CB   sing N N 266 
PHE CA  HA   sing N N 267 
PHE C   O    doub N N 268 
PHE C   OXT  sing N N 269 
PHE CB  CG   sing N N 270 
PHE CB  HB2  sing N N 271 
PHE CB  HB3  sing N N 272 
PHE CG  CD1  doub Y N 273 
PHE CG  CD2  sing Y N 274 
PHE CD1 CE1  sing Y N 275 
PHE CD1 HD1  sing N N 276 
PHE CD2 CE2  doub Y N 277 
PHE CD2 HD2  sing N N 278 
PHE CE1 CZ   doub Y N 279 
PHE CE1 HE1  sing N N 280 
PHE CE2 CZ   sing Y N 281 
PHE CE2 HE2  sing N N 282 
PHE CZ  HZ   sing N N 283 
PHE OXT HXT  sing N N 284 
PRO N   CA   sing N N 285 
PRO N   CD   sing N N 286 
PRO N   H    sing N N 287 
PRO CA  C    sing N N 288 
PRO CA  CB   sing N N 289 
PRO CA  HA   sing N N 290 
PRO C   O    doub N N 291 
PRO C   OXT  sing N N 292 
PRO CB  CG   sing N N 293 
PRO CB  HB2  sing N N 294 
PRO CB  HB3  sing N N 295 
PRO CG  CD   sing N N 296 
PRO CG  HG2  sing N N 297 
PRO CG  HG3  sing N N 298 
PRO CD  HD2  sing N N 299 
PRO CD  HD3  sing N N 300 
PRO OXT HXT  sing N N 301 
SER N   CA   sing N N 302 
SER N   H    sing N N 303 
SER N   H2   sing N N 304 
SER CA  C    sing N N 305 
SER CA  CB   sing N N 306 
SER CA  HA   sing N N 307 
SER C   O    doub N N 308 
SER C   OXT  sing N N 309 
SER CB  OG   sing N N 310 
SER CB  HB2  sing N N 311 
SER CB  HB3  sing N N 312 
SER OG  HG   sing N N 313 
SER OXT HXT  sing N N 314 
THR N   CA   sing N N 315 
THR N   H    sing N N 316 
THR N   H2   sing N N 317 
THR CA  C    sing N N 318 
THR CA  CB   sing N N 319 
THR CA  HA   sing N N 320 
THR C   O    doub N N 321 
THR C   OXT  sing N N 322 
THR CB  OG1  sing N N 323 
THR CB  CG2  sing N N 324 
THR CB  HB   sing N N 325 
THR OG1 HG1  sing N N 326 
THR CG2 HG21 sing N N 327 
THR CG2 HG22 sing N N 328 
THR CG2 HG23 sing N N 329 
THR OXT HXT  sing N N 330 
TYR N   CA   sing N N 331 
TYR N   H    sing N N 332 
TYR N   H2   sing N N 333 
TYR CA  C    sing N N 334 
TYR CA  CB   sing N N 335 
TYR CA  HA   sing N N 336 
TYR C   O    doub N N 337 
TYR C   OXT  sing N N 338 
TYR CB  CG   sing N N 339 
TYR CB  HB2  sing N N 340 
TYR CB  HB3  sing N N 341 
TYR CG  CD1  doub Y N 342 
TYR CG  CD2  sing Y N 343 
TYR CD1 CE1  sing Y N 344 
TYR CD1 HD1  sing N N 345 
TYR CD2 CE2  doub Y N 346 
TYR CD2 HD2  sing N N 347 
TYR CE1 CZ   doub Y N 348 
TYR CE1 HE1  sing N N 349 
TYR CE2 CZ   sing Y N 350 
TYR CE2 HE2  sing N N 351 
TYR CZ  OH   sing N N 352 
TYR OH  HH   sing N N 353 
TYR OXT HXT  sing N N 354 
VAL N   CA   sing N N 355 
VAL N   H    sing N N 356 
VAL N   H2   sing N N 357 
VAL CA  C    sing N N 358 
VAL CA  CB   sing N N 359 
VAL CA  HA   sing N N 360 
VAL C   O    doub N N 361 
VAL C   OXT  sing N N 362 
VAL CB  CG1  sing N N 363 
VAL CB  CG2  sing N N 364 
VAL CB  HB   sing N N 365 
VAL CG1 HG11 sing N N 366 
VAL CG1 HG12 sing N N 367 
VAL CG1 HG13 sing N N 368 
VAL CG2 HG21 sing N N 369 
VAL CG2 HG22 sing N N 370 
VAL CG2 HG23 sing N N 371 
VAL OXT HXT  sing N N 372 
# 
loop_
_pdbx_entity_nonpoly.entity_id 
_pdbx_entity_nonpoly.name 
_pdbx_entity_nonpoly.comp_id 
2 1,2-ETHANEDIOL EDO 
3 'ZINC ION'     ZN  
4 water          HOH 
# 
loop_
_pdbx_initial_refinement_model.id 
_pdbx_initial_refinement_model.entity_id_list 
_pdbx_initial_refinement_model.type 
_pdbx_initial_refinement_model.source_name 
_pdbx_initial_refinement_model.accession_code 
_pdbx_initial_refinement_model.details 
1 ? 'experimental model' PDB 2NXB 'Ensemble of PDB entries 2NXB, 2OO1, 2OSS, 2OUO, 2RFJ, 3DAI, 3D7C, 3DWY' 
2 ? 'experimental model' PDB 2OO1 'Ensemble of PDB entries 2NXB, 2OO1, 2OSS, 2OUO, 2RFJ, 3DAI, 3D7C, 3DWY' 
3 ? 'experimental model' PDB 2OSS 'Ensemble of PDB entries 2NXB, 2OO1, 2OSS, 2OUO, 2RFJ, 3DAI, 3D7C, 3DWY' 
4 ? 'experimental model' PDB 2OUO 'Ensemble of PDB entries 2NXB, 2OO1, 2OSS, 2OUO, 2RFJ, 3DAI, 3D7C, 3DWY' 
5 ? 'experimental model' PDB 2RFJ 'Ensemble of PDB entries 2NXB, 2OO1, 2OSS, 2OUO, 2RFJ, 3DAI, 3D7C, 3DWY' 
6 ? 'experimental model' PDB 3DAI 'Ensemble of PDB entries 2NXB, 2OO1, 2OSS, 2OUO, 2RFJ, 3DAI, 3D7C, 3DWY' 
7 ? 'experimental model' PDB 3D7C 'Ensemble of PDB entries 2NXB, 2OO1, 2OSS, 2OUO, 2RFJ, 3DAI, 3D7C, 3DWY' 
8 ? 'experimental model' PDB 3DWY 'Ensemble of PDB entries 2NXB, 2OO1, 2OSS, 2OUO, 2RFJ, 3DAI, 3D7C, 3DWY' 
# 
